data_8HWD
#
_entry.id   8HWD
#
_cell.length_a   1.00
_cell.length_b   1.00
_cell.length_c   1.00
_cell.angle_alpha   90.00
_cell.angle_beta   90.00
_cell.angle_gamma   90.00
#
_symmetry.space_group_name_H-M   'P 1'
#
loop_
_entity.id
_entity.type
_entity.pdbx_description
1 polymer 'Primase D5'
2 non-polymer "ADENOSINE-5'-DIPHOSPHATE"
#
_entity_poly.entity_id   1
_entity_poly.type   'polypeptide(L)'
_entity_poly.pdbx_seq_one_letter_code
;MDAAIRGNDVIFVLKTIGVPSACRQNEDPRFVEAFKCDELERYIDNNPECTLFESLRDEEAYSIVRIFMDVDLDACLDEI
DYLTAIQDFIIEVSNCVARFAFTECGAIHENVIKSMRSNFSLTKSTNRDKTSFHIIFLDTYTTMDTLIAMKRTLLELSRS
SENPLTRSIDTAVYRRKTTLRVVGTRKNPNCDTIHVMQPPHDNIEDYLFTYVDMNNNSYYFSLQRRLEDLVPDKLWEPGF
ISFEDAIKRVSKIFINSIINFNDLDENNFTTVPLVIDYVTPCALCKKRSHKHPHQLSLENGAIRIYKTGNPHSCKVKIVP
LDGNKLFNIAQRILDTNSVLLTERGDHIVWINNSWKFNSEEPLITKLILSIRHQLPKEYSSELLCPRKRKTVEANIRDML
VDSVETDTYPDKLPFKNGVLDLVDGMFYSGDDAKKYTCTVSTGFKFDDTKFVEDSPEMEELMNIINDIQPLTDENKKNRE
LYEKTLSSCLCGATKGCLTFFFGETATGKSTTKRLLKSAIGDLFVETGQTILTDVLDKGPNPFIANMHLKRSVFCSELPD
FACSGSKKIRSDNIKKLTEPCVIGRPCFSNKINNRNHATIIIDTNYKPVFDRIDNALMRRIAVVRFRTHFSQPSGREAAE
NNDAYDKVKLLDEGLDGKIQNNRYRFAFLYLLVKWYKKYHIPIMKLYPTPEEIPDFAFYLKIGTLLVSSSVKHIPLMTDL
SKKGYILYDNVVTLPLTTFQQKISKYFNSRLFGHDIESFINRHKKFANVSDEYLQYIFIEDISSP
;
_entity_poly.pdbx_strand_id   A,F,D,E,C,B
#
# COMPACT_ATOMS: atom_id res chain seq x y z
N GLY A 323 37.72 7.61 -28.58
CA GLY A 323 36.98 7.57 -27.34
C GLY A 323 35.94 6.48 -27.30
N ASN A 324 34.67 6.88 -27.20
CA ASN A 324 33.55 5.96 -27.17
C ASN A 324 32.55 6.34 -28.26
N LYS A 325 32.02 5.32 -28.95
CA LYS A 325 31.04 5.57 -30.00
C LYS A 325 29.69 5.95 -29.42
N LEU A 326 29.31 5.31 -28.30
CA LEU A 326 28.01 5.58 -27.70
C LEU A 326 27.97 6.99 -27.10
N PHE A 327 29.08 7.46 -26.53
CA PHE A 327 29.14 8.82 -26.03
C PHE A 327 28.99 9.84 -27.17
N ASN A 328 29.65 9.58 -28.30
CA ASN A 328 29.50 10.45 -29.45
C ASN A 328 28.08 10.44 -29.98
N ILE A 329 27.43 9.27 -29.97
CA ILE A 329 26.03 9.18 -30.39
C ILE A 329 25.14 10.00 -29.47
N ALA A 330 25.38 9.91 -28.17
CA ALA A 330 24.60 10.71 -27.22
C ALA A 330 24.82 12.20 -27.45
N GLN A 331 26.08 12.60 -27.68
CA GLN A 331 26.38 14.00 -27.94
C GLN A 331 25.68 14.49 -29.20
N ARG A 332 25.70 13.68 -30.26
CA ARG A 332 25.02 14.07 -31.50
C ARG A 332 23.52 14.17 -31.30
N ILE A 333 22.94 13.26 -30.52
CA ILE A 333 21.51 13.34 -30.24
C ILE A 333 21.18 14.61 -29.48
N LEU A 334 21.97 14.96 -28.48
CA LEU A 334 21.68 16.15 -27.69
C LEU A 334 21.90 17.43 -28.50
N ASP A 335 22.89 17.43 -29.39
CA ASP A 335 23.15 18.62 -30.19
C ASP A 335 21.99 18.99 -31.10
N THR A 336 21.11 18.05 -31.42
CA THR A 336 19.88 18.35 -32.15
C THR A 336 18.77 18.84 -31.25
N ASN A 337 18.97 18.84 -29.93
CA ASN A 337 18.01 19.33 -28.96
C ASN A 337 16.65 18.63 -29.12
N SER A 338 16.70 17.29 -29.11
CA SER A 338 15.49 16.49 -29.15
C SER A 338 15.06 15.99 -27.78
N VAL A 339 15.99 15.85 -26.84
CA VAL A 339 15.68 15.43 -25.48
C VAL A 339 16.06 16.56 -24.54
N LEU A 340 15.12 16.98 -23.69
CA LEU A 340 15.33 18.05 -22.74
C LEU A 340 14.98 17.57 -21.34
N LEU A 341 15.52 18.26 -20.33
CA LEU A 341 15.21 17.99 -18.94
C LEU A 341 14.38 19.14 -18.40
N THR A 342 13.18 18.82 -17.92
CA THR A 342 12.28 19.83 -17.39
C THR A 342 12.55 20.09 -15.90
N GLU A 343 11.98 21.18 -15.40
CA GLU A 343 12.17 21.55 -14.00
C GLU A 343 11.53 20.55 -13.04
N ARG A 344 10.56 19.77 -13.51
CA ARG A 344 9.91 18.76 -12.69
C ARG A 344 10.81 17.58 -12.38
N GLY A 345 11.97 17.48 -13.03
CA GLY A 345 12.82 16.33 -12.91
C GLY A 345 12.60 15.28 -13.98
N ASP A 346 11.60 15.46 -14.84
CA ASP A 346 11.30 14.51 -15.90
C ASP A 346 12.00 14.92 -17.20
N HIS A 347 12.08 13.99 -18.13
CA HIS A 347 12.73 14.20 -19.41
C HIS A 347 11.67 14.21 -20.52
N ILE A 348 11.71 15.23 -21.36
CA ILE A 348 10.79 15.38 -22.47
C ILE A 348 11.50 15.00 -23.76
N VAL A 349 10.80 14.28 -24.62
CA VAL A 349 11.38 13.62 -25.79
C VAL A 349 10.63 14.08 -27.04
N TRP A 350 11.36 14.30 -28.12
CA TRP A 350 10.81 14.82 -29.37
C TRP A 350 10.78 13.71 -30.42
N ILE A 351 9.67 12.97 -30.46
CA ILE A 351 9.43 11.95 -31.48
C ILE A 351 8.10 12.23 -32.16
N ASN A 352 8.06 12.00 -33.47
CA ASN A 352 6.84 12.15 -34.26
C ASN A 352 6.22 13.54 -34.10
N ASN A 353 7.07 14.56 -34.14
CA ASN A 353 6.64 15.97 -34.09
C ASN A 353 5.79 16.25 -32.86
N SER A 354 6.20 15.74 -31.71
CA SER A 354 5.48 16.00 -30.47
C SER A 354 6.44 15.82 -29.29
N TRP A 355 6.33 16.70 -28.32
CA TRP A 355 7.11 16.60 -27.07
C TRP A 355 6.36 15.67 -26.13
N LYS A 356 6.78 14.41 -26.09
CA LYS A 356 6.11 13.38 -25.30
C LYS A 356 6.96 13.04 -24.08
N PHE A 357 6.31 13.02 -22.91
CA PHE A 357 6.96 12.66 -21.66
C PHE A 357 6.07 11.70 -20.91
N ASN A 358 6.70 10.81 -20.13
CA ASN A 358 5.96 9.82 -19.35
C ASN A 358 6.86 9.33 -18.22
N SER A 359 6.42 9.52 -16.98
CA SER A 359 7.22 9.15 -15.82
C SER A 359 6.94 7.73 -15.35
N GLU A 360 7.00 6.78 -16.28
CA GLU A 360 6.89 5.36 -15.96
C GLU A 360 7.96 4.51 -16.61
N GLU A 361 8.61 5.00 -17.67
CA GLU A 361 9.69 4.30 -18.34
C GLU A 361 10.53 5.32 -19.08
N PRO A 362 11.78 5.00 -19.41
CA PRO A 362 12.58 5.94 -20.20
C PRO A 362 12.09 6.04 -21.63
N LEU A 363 11.48 7.17 -21.97
CA LEU A 363 11.08 7.45 -23.34
C LEU A 363 12.25 7.86 -24.22
N ILE A 364 13.44 8.02 -23.64
CA ILE A 364 14.60 8.42 -24.42
C ILE A 364 14.96 7.37 -25.45
N THR A 365 14.78 6.09 -25.11
CA THR A 365 15.20 5.01 -26.01
C THR A 365 14.40 5.00 -27.31
N LYS A 366 13.11 5.34 -27.24
CA LYS A 366 12.34 5.54 -28.46
C LYS A 366 12.97 6.63 -29.32
N LEU A 367 13.45 7.70 -28.69
CA LEU A 367 14.13 8.76 -29.42
C LEU A 367 15.44 8.27 -30.02
N ILE A 368 16.17 7.42 -29.29
CA ILE A 368 17.42 6.88 -29.83
C ILE A 368 17.13 6.08 -31.09
N LEU A 369 16.05 5.29 -31.08
CA LEU A 369 15.72 4.50 -32.26
C LEU A 369 15.15 5.36 -33.39
N SER A 370 14.47 6.45 -33.05
CA SER A 370 13.90 7.31 -34.09
C SER A 370 14.98 8.15 -34.77
N ILE A 371 16.00 8.57 -34.01
CA ILE A 371 17.08 9.41 -34.51
C ILE A 371 17.97 8.57 -35.42
N ARG A 372 17.76 7.25 -35.41
CA ARG A 372 18.67 6.32 -36.08
C ARG A 372 18.90 6.68 -37.55
N HIS A 373 17.88 7.20 -38.23
CA HIS A 373 18.08 7.66 -39.60
C HIS A 373 18.47 9.13 -39.65
N GLN A 374 19.44 9.51 -38.82
CA GLN A 374 20.03 10.85 -38.88
C GLN A 374 21.54 10.84 -38.67
N LEU A 375 22.11 9.76 -38.17
CA LEU A 375 23.52 9.68 -37.81
C LEU A 375 24.33 9.04 -38.93
N PRO A 376 25.66 9.13 -38.88
CA PRO A 376 26.48 8.42 -39.86
C PRO A 376 26.21 6.92 -39.80
N LYS A 377 26.33 6.27 -40.96
CA LYS A 377 25.99 4.86 -41.06
C LYS A 377 26.82 3.99 -40.12
N GLU A 378 28.01 4.43 -39.73
CA GLU A 378 28.77 3.69 -38.73
C GLU A 378 28.19 3.86 -37.33
N TYR A 379 27.38 4.89 -37.11
CA TYR A 379 26.73 5.11 -35.83
C TYR A 379 25.32 4.54 -35.78
N SER A 380 24.78 4.07 -36.89
CA SER A 380 23.39 3.61 -36.96
C SER A 380 23.24 2.16 -36.53
N SER A 381 24.20 1.30 -36.88
CA SER A 381 24.12 -0.10 -36.51
C SER A 381 24.26 -0.33 -35.01
N GLU A 382 24.75 0.66 -34.26
CA GLU A 382 24.89 0.52 -32.82
C GLU A 382 23.59 0.75 -32.06
N LEU A 383 22.56 1.27 -32.73
CA LEU A 383 21.27 1.52 -32.09
C LEU A 383 20.25 0.42 -32.36
N LEU A 384 20.63 -0.63 -33.08
CA LEU A 384 19.79 -1.82 -33.21
C LEU A 384 20.15 -2.84 -32.14
N CYS A 385 20.24 -2.38 -30.90
CA CYS A 385 20.64 -3.22 -29.79
C CYS A 385 20.09 -2.65 -28.48
N PRO A 386 19.08 -3.26 -27.88
CA PRO A 386 18.47 -2.66 -26.67
C PRO A 386 19.44 -2.52 -25.51
N ARG A 387 20.53 -3.29 -25.47
CA ARG A 387 21.53 -3.10 -24.44
C ARG A 387 22.55 -2.01 -24.80
N LYS A 388 22.52 -1.51 -26.04
CA LYS A 388 23.31 -0.36 -26.45
C LYS A 388 22.46 0.88 -26.65
N ARG A 389 21.14 0.76 -26.56
CA ARG A 389 20.25 1.91 -26.49
C ARG A 389 19.91 2.29 -25.06
N LYS A 390 20.41 1.52 -24.08
CA LYS A 390 20.37 1.90 -22.68
C LYS A 390 21.68 2.53 -22.21
N THR A 391 22.79 2.22 -22.89
CA THR A 391 24.03 2.94 -22.64
C THR A 391 23.95 4.36 -23.15
N VAL A 392 23.42 4.54 -24.36
CA VAL A 392 23.23 5.88 -24.91
C VAL A 392 22.24 6.66 -24.07
N GLU A 393 21.15 6.02 -23.64
CA GLU A 393 20.20 6.68 -22.77
C GLU A 393 20.83 7.05 -21.43
N ALA A 394 21.69 6.18 -20.90
CA ALA A 394 22.37 6.49 -19.64
C ALA A 394 23.30 7.68 -19.80
N ASN A 395 24.05 7.72 -20.90
CA ASN A 395 24.95 8.86 -21.14
C ASN A 395 24.15 10.15 -21.30
N ILE A 396 23.01 10.08 -22.00
CA ILE A 396 22.16 11.26 -22.15
C ILE A 396 21.63 11.71 -20.81
N ARG A 397 21.23 10.77 -19.96
CA ARG A 397 20.66 11.11 -18.67
C ARG A 397 21.65 11.83 -17.76
N ASP A 398 22.95 11.63 -17.97
CA ASP A 398 23.98 12.30 -17.20
C ASP A 398 24.55 13.52 -17.90
N MET A 399 24.07 13.84 -19.10
CA MET A 399 24.50 15.01 -19.85
C MET A 399 23.40 16.07 -19.95
N LEU A 400 22.35 15.95 -19.13
CA LEU A 400 21.31 16.95 -19.01
C LEU A 400 21.34 17.46 -17.58
N VAL A 401 22.17 18.47 -17.32
CA VAL A 401 22.35 19.00 -15.98
C VAL A 401 21.57 20.27 -15.72
N ASP A 402 21.10 20.96 -16.76
CA ASP A 402 20.41 22.23 -16.63
C ASP A 402 18.93 22.02 -16.95
N SER A 403 18.07 22.36 -15.99
CA SER A 403 16.63 22.26 -16.21
C SER A 403 16.17 23.33 -17.20
N VAL A 404 15.11 23.01 -17.94
CA VAL A 404 14.56 23.90 -18.95
C VAL A 404 13.06 24.04 -18.71
N GLU A 405 12.59 25.29 -18.69
CA GLU A 405 11.17 25.56 -18.48
C GLU A 405 10.34 25.11 -19.68
N THR A 406 9.05 24.91 -19.45
CA THR A 406 8.17 24.32 -20.45
C THR A 406 6.92 25.18 -20.62
N ASP A 407 6.41 25.19 -21.86
CA ASP A 407 5.19 25.93 -22.22
C ASP A 407 5.29 27.41 -21.85
N THR A 408 6.42 28.01 -22.20
CA THR A 408 6.56 29.46 -22.03
C THR A 408 5.60 30.22 -22.93
N TYR A 409 5.45 29.77 -24.17
CA TYR A 409 4.57 30.45 -25.11
C TYR A 409 3.11 30.19 -24.76
N PRO A 410 2.32 31.20 -24.43
CA PRO A 410 0.91 30.95 -24.11
C PRO A 410 0.05 30.77 -25.35
N ASP A 411 0.29 31.57 -26.40
CA ASP A 411 -0.61 31.64 -27.54
C ASP A 411 -0.21 30.66 -28.66
N LYS A 412 -0.09 29.39 -28.32
CA LYS A 412 0.19 28.35 -29.30
C LYS A 412 -0.62 27.11 -28.93
N LEU A 413 -1.23 26.48 -29.95
CA LEU A 413 -2.06 25.30 -29.73
C LEU A 413 -1.34 24.07 -30.22
N PRO A 414 -0.96 23.14 -29.35
CA PRO A 414 -0.19 21.97 -29.79
C PRO A 414 -1.06 20.81 -30.25
N PHE A 415 -0.84 20.32 -31.46
CA PHE A 415 -1.46 19.11 -31.95
C PHE A 415 -0.41 18.01 -32.06
N LYS A 416 -0.88 16.77 -32.11
CA LYS A 416 0.02 15.62 -32.14
C LYS A 416 0.95 15.62 -33.34
N ASN A 417 0.77 16.55 -34.29
CA ASN A 417 1.65 16.63 -35.45
C ASN A 417 2.25 18.02 -35.63
N GLY A 418 2.23 18.85 -34.61
CA GLY A 418 2.85 20.15 -34.73
C GLY A 418 2.23 21.15 -33.76
N VAL A 419 2.31 22.42 -34.14
CA VAL A 419 1.80 23.51 -33.31
C VAL A 419 1.18 24.57 -34.22
N LEU A 420 -0.03 25.02 -33.87
CA LEU A 420 -0.70 26.10 -34.57
C LEU A 420 -0.43 27.41 -33.84
N ASP A 421 0.01 28.42 -34.59
CA ASP A 421 0.30 29.74 -34.04
C ASP A 421 -0.99 30.55 -34.05
N LEU A 422 -1.49 30.89 -32.85
CA LEU A 422 -2.77 31.57 -32.75
C LEU A 422 -2.70 33.05 -33.15
N VAL A 423 -1.50 33.64 -33.15
CA VAL A 423 -1.37 35.06 -33.44
C VAL A 423 -1.83 35.37 -34.86
N ASP A 424 -1.38 34.57 -35.83
CA ASP A 424 -1.73 34.79 -37.22
C ASP A 424 -2.62 33.69 -37.80
N GLY A 425 -2.48 32.45 -37.35
CA GLY A 425 -3.32 31.36 -37.80
C GLY A 425 -2.62 30.28 -38.59
N MET A 426 -1.34 30.44 -38.92
CA MET A 426 -0.62 29.41 -39.62
C MET A 426 -0.30 28.25 -38.68
N PHE A 427 -0.02 27.08 -39.28
CA PHE A 427 0.29 25.87 -38.53
C PHE A 427 1.71 25.43 -38.85
N TYR A 428 2.50 25.22 -37.82
CA TYR A 428 3.88 24.75 -37.96
C TYR A 428 3.97 23.26 -37.68
N SER A 429 5.09 22.66 -38.09
CA SER A 429 5.33 21.25 -37.86
C SER A 429 6.83 21.00 -37.91
N GLY A 430 7.24 19.86 -37.37
CA GLY A 430 8.64 19.51 -37.35
C GLY A 430 9.44 20.45 -36.46
N ASP A 431 10.67 20.76 -36.91
CA ASP A 431 11.53 21.65 -36.13
C ASP A 431 10.91 23.03 -35.94
N ASP A 432 10.08 23.47 -36.90
CA ASP A 432 9.38 24.74 -36.75
C ASP A 432 8.50 24.76 -35.51
N ALA A 433 7.95 23.61 -35.13
CA ALA A 433 7.17 23.49 -33.90
C ALA A 433 7.98 22.97 -32.73
N LYS A 434 9.28 22.73 -32.92
CA LYS A 434 10.10 22.22 -31.83
C LYS A 434 10.47 23.31 -30.83
N LYS A 435 10.61 24.55 -31.29
CA LYS A 435 11.02 25.64 -30.39
C LYS A 435 9.99 25.87 -29.30
N TYR A 436 8.70 25.80 -29.66
CA TYR A 436 7.63 25.96 -28.67
C TYR A 436 7.54 24.72 -27.81
N THR A 437 8.27 24.69 -26.69
CA THR A 437 8.31 23.50 -25.84
C THR A 437 7.02 23.38 -25.05
N CYS A 438 5.93 23.02 -25.72
CA CYS A 438 4.63 22.79 -25.10
C CYS A 438 4.37 21.29 -25.10
N THR A 439 4.33 20.70 -23.91
CA THR A 439 4.24 19.24 -23.80
C THR A 439 2.84 18.73 -24.12
N VAL A 440 1.84 19.19 -23.38
CA VAL A 440 0.49 18.67 -23.53
C VAL A 440 -0.05 19.08 -24.89
N SER A 441 -0.39 18.09 -25.72
CA SER A 441 -0.96 18.32 -27.03
C SER A 441 -2.48 18.22 -26.96
N THR A 442 -3.14 18.39 -28.10
CA THR A 442 -4.60 18.30 -28.14
C THR A 442 -5.07 16.86 -28.05
N GLY A 443 -4.30 15.91 -28.57
CA GLY A 443 -4.69 14.51 -28.60
C GLY A 443 -4.96 13.97 -29.98
N PHE A 444 -4.92 14.81 -31.02
CA PHE A 444 -5.14 14.37 -32.39
C PHE A 444 -4.21 15.15 -33.31
N LYS A 445 -4.27 14.83 -34.60
CA LYS A 445 -3.47 15.51 -35.60
C LYS A 445 -4.26 16.64 -36.24
N PHE A 446 -3.54 17.48 -36.97
CA PHE A 446 -4.12 18.66 -37.63
C PHE A 446 -4.29 18.34 -39.11
N ASP A 447 -5.53 18.13 -39.54
CA ASP A 447 -5.82 17.87 -40.95
C ASP A 447 -5.76 19.19 -41.71
N ASP A 448 -4.83 19.27 -42.67
CA ASP A 448 -4.63 20.53 -43.39
C ASP A 448 -5.86 20.92 -44.20
N THR A 449 -6.43 19.97 -44.93
CA THR A 449 -7.59 20.27 -45.78
C THR A 449 -8.90 20.07 -45.04
N LYS A 450 -8.98 20.63 -43.83
CA LYS A 450 -10.24 20.78 -43.12
C LYS A 450 -10.35 22.12 -42.39
N PHE A 451 -9.24 22.78 -42.06
CA PHE A 451 -9.25 24.06 -41.35
C PHE A 451 -9.60 25.18 -42.31
N VAL A 452 -10.80 25.10 -42.88
CA VAL A 452 -11.26 26.02 -43.90
C VAL A 452 -12.53 26.71 -43.42
N GLU A 453 -12.72 27.95 -43.87
CA GLU A 453 -13.89 28.72 -43.48
C GLU A 453 -15.17 28.11 -44.05
N ASP A 454 -15.11 27.60 -45.27
CA ASP A 454 -16.28 27.04 -45.94
C ASP A 454 -16.05 25.56 -46.24
N SER A 455 -17.00 24.74 -45.84
CA SER A 455 -16.97 23.29 -46.01
C SER A 455 -18.33 22.74 -45.62
N PRO A 456 -18.79 21.62 -46.21
CA PRO A 456 -20.14 21.15 -45.89
C PRO A 456 -20.24 20.45 -44.55
N GLU A 457 -19.55 21.01 -43.55
CA GLU A 457 -19.81 20.72 -42.15
C GLU A 457 -19.69 21.97 -41.28
N MET A 458 -19.47 23.14 -41.89
CA MET A 458 -19.24 24.37 -41.13
C MET A 458 -20.52 25.18 -40.94
N GLU A 459 -21.30 25.39 -42.00
CA GLU A 459 -22.50 26.22 -41.89
C GLU A 459 -23.42 25.71 -40.80
N GLU A 460 -23.59 24.39 -40.70
CA GLU A 460 -24.37 23.81 -39.63
C GLU A 460 -23.77 24.12 -38.26
N LEU A 461 -22.45 24.34 -38.19
CA LEU A 461 -21.82 24.62 -36.91
C LEU A 461 -22.25 25.98 -36.37
N MET A 462 -22.16 27.04 -37.17
CA MET A 462 -22.69 28.29 -36.64
C MET A 462 -24.22 28.29 -36.57
N ASN A 463 -24.89 27.43 -37.35
CA ASN A 463 -26.32 27.26 -37.15
C ASN A 463 -26.61 26.77 -35.72
N ILE A 464 -25.94 25.71 -35.28
CA ILE A 464 -26.19 25.17 -33.96
C ILE A 464 -25.66 26.12 -32.87
N ILE A 465 -24.58 26.85 -33.16
CA ILE A 465 -24.09 27.83 -32.19
C ILE A 465 -25.10 28.94 -31.99
N ASN A 466 -25.66 29.47 -33.08
CA ASN A 466 -26.68 30.50 -32.96
C ASN A 466 -27.95 29.96 -32.31
N ASP A 467 -28.25 28.66 -32.53
CA ASP A 467 -29.35 28.06 -31.79
C ASP A 467 -29.06 28.03 -30.29
N ILE A 468 -27.82 27.71 -29.92
CA ILE A 468 -27.44 27.74 -28.50
C ILE A 468 -27.45 29.17 -27.97
N GLN A 469 -26.84 30.08 -28.71
CA GLN A 469 -26.75 31.50 -28.33
C GLN A 469 -27.15 32.35 -29.52
N PRO A 470 -28.40 32.80 -29.61
CA PRO A 470 -28.82 33.64 -30.72
C PRO A 470 -28.05 34.95 -30.74
N LEU A 471 -27.85 35.49 -31.94
CA LEU A 471 -27.15 36.75 -32.11
C LEU A 471 -28.11 37.92 -31.88
N THR A 472 -28.78 37.94 -30.74
CA THR A 472 -29.76 38.96 -30.41
C THR A 472 -29.06 40.16 -29.77
N ASP A 473 -29.61 41.35 -29.99
CA ASP A 473 -29.04 42.55 -29.41
C ASP A 473 -29.16 42.52 -27.89
N GLU A 474 -30.24 41.93 -27.37
CA GLU A 474 -30.41 41.84 -25.91
C GLU A 474 -29.33 40.98 -25.28
N ASN A 475 -29.02 39.84 -25.91
CA ASN A 475 -27.98 38.94 -25.41
C ASN A 475 -26.64 39.12 -26.09
N LYS A 476 -26.44 40.24 -26.79
CA LYS A 476 -25.17 40.49 -27.47
C LYS A 476 -24.02 40.54 -26.46
N LYS A 477 -24.26 41.15 -25.29
CA LYS A 477 -23.26 41.10 -24.23
C LYS A 477 -23.01 39.67 -23.77
N ASN A 478 -24.09 38.89 -23.60
CA ASN A 478 -23.93 37.49 -23.23
C ASN A 478 -23.19 36.72 -24.32
N ARG A 479 -23.50 37.00 -25.59
CA ARG A 479 -22.82 36.31 -26.68
C ARG A 479 -21.33 36.64 -26.73
N GLU A 480 -20.98 37.92 -26.56
CA GLU A 480 -19.57 38.28 -26.60
C GLU A 480 -18.83 37.71 -25.39
N LEU A 481 -19.48 37.68 -24.22
CA LEU A 481 -18.86 37.03 -23.08
C LEU A 481 -18.66 35.54 -23.34
N TYR A 482 -19.65 34.90 -23.98
CA TYR A 482 -19.53 33.48 -24.31
C TYR A 482 -18.33 33.22 -25.21
N GLU A 483 -18.21 33.98 -26.31
CA GLU A 483 -17.11 33.74 -27.22
C GLU A 483 -15.76 34.12 -26.61
N LYS A 484 -15.74 35.17 -25.77
CA LYS A 484 -14.51 35.55 -25.09
C LYS A 484 -14.04 34.45 -24.14
N THR A 485 -14.97 33.87 -23.38
CA THR A 485 -14.60 32.84 -22.42
C THR A 485 -14.21 31.54 -23.12
N LEU A 486 -14.93 31.17 -24.18
CA LEU A 486 -14.63 29.91 -24.86
C LEU A 486 -13.35 30.02 -25.68
N SER A 487 -13.10 31.17 -26.29
CA SER A 487 -11.86 31.37 -27.04
C SER A 487 -10.66 31.39 -26.13
N SER A 488 -10.84 31.75 -24.85
CA SER A 488 -9.74 31.78 -23.91
C SER A 488 -9.20 30.41 -23.59
N CYS A 489 -9.91 29.34 -23.95
CA CYS A 489 -9.43 27.98 -23.70
C CYS A 489 -8.46 27.50 -24.76
N LEU A 490 -7.47 28.32 -25.08
CA LEU A 490 -6.45 27.95 -26.07
C LEU A 490 -5.05 28.41 -25.68
N CYS A 491 -4.86 28.98 -24.49
CA CYS A 491 -3.62 29.65 -24.13
C CYS A 491 -3.05 29.12 -22.82
N GLY A 492 -1.73 29.21 -22.72
CA GLY A 492 -0.98 28.83 -21.54
C GLY A 492 -0.86 29.90 -20.48
N ALA A 493 -1.51 31.05 -20.66
CA ALA A 493 -1.51 32.05 -19.62
C ALA A 493 -2.46 31.65 -18.50
N THR A 494 -2.29 32.28 -17.34
CA THR A 494 -3.09 31.97 -16.16
C THR A 494 -4.18 33.02 -16.01
N LYS A 495 -5.43 32.57 -15.98
CA LYS A 495 -6.57 33.45 -15.76
C LYS A 495 -6.87 33.52 -14.28
N GLY A 496 -7.40 34.68 -13.86
CA GLY A 496 -7.63 34.92 -12.44
C GLY A 496 -9.09 35.10 -12.06
N CYS A 497 -9.97 34.30 -12.64
CA CYS A 497 -11.39 34.40 -12.32
C CYS A 497 -12.09 33.11 -12.73
N LEU A 498 -12.90 32.57 -11.83
CA LEU A 498 -13.71 31.40 -12.16
C LEU A 498 -14.87 31.79 -13.06
N THR A 499 -15.37 30.81 -13.81
CA THR A 499 -16.50 31.00 -14.71
C THR A 499 -17.48 29.86 -14.54
N PHE A 500 -18.76 30.17 -14.76
CA PHE A 500 -19.85 29.22 -14.56
C PHE A 500 -20.70 29.12 -15.81
N PHE A 501 -21.28 27.93 -16.02
CA PHE A 501 -22.27 27.71 -17.07
C PHE A 501 -23.62 27.37 -16.46
N PHE A 502 -24.02 28.09 -15.41
CA PHE A 502 -25.28 27.83 -14.74
C PHE A 502 -26.46 27.98 -15.69
N GLY A 503 -27.16 26.88 -15.94
CA GLY A 503 -28.30 26.90 -16.84
C GLY A 503 -29.29 25.82 -16.46
N GLU A 504 -30.40 25.79 -17.20
CA GLU A 504 -31.46 24.82 -16.95
C GLU A 504 -31.14 23.52 -17.69
N THR A 505 -32.01 22.53 -17.51
CA THR A 505 -31.84 21.24 -18.15
C THR A 505 -32.05 21.35 -19.65
N ALA A 506 -31.27 20.56 -20.40
CA ALA A 506 -31.35 20.51 -21.86
C ALA A 506 -31.19 21.90 -22.48
N THR A 507 -30.03 22.50 -22.23
CA THR A 507 -29.75 23.86 -22.67
C THR A 507 -28.44 23.97 -23.44
N GLY A 508 -27.83 22.84 -23.80
CA GLY A 508 -26.59 22.87 -24.56
C GLY A 508 -25.33 23.05 -23.75
N LYS A 509 -25.43 23.07 -22.42
CA LYS A 509 -24.24 23.20 -21.59
C LYS A 509 -23.27 22.05 -21.82
N SER A 510 -23.77 20.82 -21.70
CA SER A 510 -22.92 19.66 -22.01
C SER A 510 -22.65 19.57 -23.50
N THR A 511 -23.54 20.12 -24.34
CA THR A 511 -23.23 20.21 -25.76
C THR A 511 -22.03 21.11 -26.00
N THR A 512 -21.97 22.25 -25.32
CA THR A 512 -20.80 23.12 -25.39
C THR A 512 -19.57 22.39 -24.83
N LYS A 513 -19.74 21.66 -23.73
CA LYS A 513 -18.64 20.91 -23.15
C LYS A 513 -18.06 19.91 -24.15
N ARG A 514 -18.94 19.15 -24.82
CA ARG A 514 -18.48 18.12 -25.74
C ARG A 514 -17.91 18.74 -27.01
N LEU A 515 -18.48 19.85 -27.48
CA LEU A 515 -17.91 20.53 -28.63
C LEU A 515 -16.51 21.05 -28.33
N LEU A 516 -16.33 21.65 -27.15
CA LEU A 516 -15.02 22.13 -26.76
C LEU A 516 -14.04 20.97 -26.57
N LYS A 517 -14.52 19.85 -26.01
CA LYS A 517 -13.66 18.68 -25.84
C LYS A 517 -13.22 18.13 -27.20
N SER A 518 -14.13 18.11 -28.16
CA SER A 518 -13.74 17.70 -29.51
C SER A 518 -12.74 18.67 -30.11
N ALA A 519 -12.92 19.97 -29.86
CA ALA A 519 -12.03 20.98 -30.43
C ALA A 519 -10.62 20.87 -29.87
N ILE A 520 -10.49 20.79 -28.55
CA ILE A 520 -9.17 20.84 -27.92
C ILE A 520 -8.70 19.48 -27.40
N GLY A 521 -9.60 18.60 -26.97
CA GLY A 521 -9.21 17.24 -26.65
C GLY A 521 -8.50 17.06 -25.32
N ASP A 522 -7.21 16.74 -25.38
CA ASP A 522 -6.45 16.43 -24.17
C ASP A 522 -6.44 17.63 -23.22
N LEU A 523 -6.38 18.84 -23.78
CA LEU A 523 -6.41 20.04 -22.95
C LEU A 523 -7.83 20.29 -22.44
N PHE A 524 -8.41 19.29 -21.80
CA PHE A 524 -9.77 19.38 -21.28
C PHE A 524 -9.96 18.24 -20.28
N VAL A 525 -10.27 18.59 -19.03
CA VAL A 525 -10.40 17.61 -17.96
C VAL A 525 -11.72 17.87 -17.23
N GLU A 526 -12.39 16.77 -16.86
CA GLU A 526 -13.61 16.82 -16.07
C GLU A 526 -13.34 16.19 -14.71
N THR A 527 -13.70 16.90 -13.64
CA THR A 527 -13.46 16.42 -12.29
C THR A 527 -14.61 16.86 -11.40
N GLY A 528 -15.04 15.97 -10.51
CA GLY A 528 -16.18 16.22 -9.65
C GLY A 528 -15.97 17.38 -8.69
N GLN A 529 -17.00 17.62 -7.88
CA GLN A 529 -17.05 18.78 -7.00
C GLN A 529 -16.23 18.61 -5.72
N THR A 530 -15.34 17.61 -5.66
CA THR A 530 -14.44 17.51 -4.51
C THR A 530 -13.52 18.72 -4.45
N ILE A 531 -13.07 19.21 -5.61
CA ILE A 531 -12.28 20.44 -5.68
C ILE A 531 -13.04 21.64 -5.18
N LEU A 532 -14.29 21.80 -5.57
CA LEU A 532 -15.10 22.95 -5.18
C LEU A 532 -15.51 22.87 -3.71
N PRO A 542 -5.41 13.60 -5.74
CA PRO A 542 -4.75 13.64 -7.05
C PRO A 542 -5.61 14.27 -8.13
N PHE A 543 -6.81 14.75 -7.75
CA PHE A 543 -7.68 15.44 -8.69
C PHE A 543 -7.08 16.76 -9.17
N ILE A 544 -6.08 17.28 -8.46
CA ILE A 544 -5.35 18.46 -8.91
C ILE A 544 -4.09 18.07 -9.70
N ALA A 545 -3.44 16.97 -9.34
CA ALA A 545 -2.16 16.60 -9.97
C ALA A 545 -2.31 16.31 -11.46
N ASN A 546 -3.53 16.06 -11.94
CA ASN A 546 -3.72 15.78 -13.37
C ASN A 546 -4.03 17.03 -14.17
N MET A 547 -4.65 18.05 -13.55
CA MET A 547 -5.00 19.25 -14.28
C MET A 547 -3.83 20.23 -14.32
N HIS A 548 -2.66 19.74 -14.71
CA HIS A 548 -1.46 20.55 -14.85
C HIS A 548 -1.17 20.77 -16.33
N LEU A 549 -1.02 22.03 -16.72
CA LEU A 549 -0.84 22.50 -18.09
C LEU A 549 -2.10 22.39 -18.94
N LYS A 550 -3.23 21.98 -18.35
CA LYS A 550 -4.48 21.89 -19.09
C LYS A 550 -5.08 23.26 -19.25
N ARG A 551 -5.55 23.57 -20.46
CA ARG A 551 -6.00 24.90 -20.80
C ARG A 551 -7.51 25.10 -20.64
N SER A 552 -8.23 24.09 -20.17
CA SER A 552 -9.66 24.23 -19.86
C SER A 552 -10.09 23.04 -19.03
N VAL A 553 -10.76 23.32 -17.90
CA VAL A 553 -11.24 22.27 -17.02
C VAL A 553 -12.70 22.55 -16.69
N PHE A 554 -13.40 21.50 -16.25
CA PHE A 554 -14.82 21.58 -15.96
C PHE A 554 -15.13 20.82 -14.68
N CYS A 555 -16.25 21.17 -14.07
CA CYS A 555 -16.68 20.53 -12.83
C CYS A 555 -18.17 20.18 -12.88
N ARG A 570 -16.75 25.86 -0.98
CA ARG A 570 -15.80 26.62 -0.17
C ARG A 570 -15.13 27.72 -0.99
N SER A 571 -15.34 28.97 -0.56
CA SER A 571 -14.75 30.11 -1.27
C SER A 571 -13.23 30.13 -1.16
N ASP A 572 -12.66 29.45 -0.17
CA ASP A 572 -11.20 29.36 -0.07
C ASP A 572 -10.61 28.68 -1.28
N ASN A 573 -11.23 27.58 -1.73
CA ASN A 573 -10.76 26.91 -2.94
C ASN A 573 -10.90 27.80 -4.16
N ILE A 574 -11.94 28.65 -4.19
CA ILE A 574 -12.08 29.62 -5.26
C ILE A 574 -10.92 30.60 -5.24
N LYS A 575 -10.56 31.09 -4.06
CA LYS A 575 -9.41 31.97 -3.93
C LYS A 575 -8.10 31.25 -4.22
N LYS A 576 -8.09 29.92 -4.20
CA LYS A 576 -6.89 29.15 -4.50
C LYS A 576 -6.80 28.74 -5.97
N LEU A 577 -7.91 28.77 -6.70
CA LEU A 577 -7.98 28.21 -8.04
C LEU A 577 -7.71 29.23 -9.15
N THR A 578 -7.48 30.49 -8.82
CA THR A 578 -7.25 31.53 -9.82
C THR A 578 -5.84 32.09 -9.71
N GLU A 579 -4.88 31.26 -9.35
CA GLU A 579 -3.50 31.65 -9.11
C GLU A 579 -2.58 30.99 -10.13
N PRO A 580 -1.40 31.56 -10.37
CA PRO A 580 -0.45 30.93 -11.31
C PRO A 580 -0.01 29.54 -10.89
N CYS A 581 -0.15 29.19 -9.61
CA CYS A 581 0.15 27.85 -9.13
C CYS A 581 -0.86 27.47 -8.08
N VAL A 582 -1.10 26.16 -7.94
CA VAL A 582 -2.06 25.66 -6.97
C VAL A 582 -1.39 24.65 -6.04
N ASN A 594 2.63 22.57 -9.60
CA ASN A 594 1.53 22.36 -10.54
C ASN A 594 1.12 23.66 -11.21
N ARG A 595 1.42 23.76 -12.51
CA ARG A 595 1.05 24.95 -13.26
C ARG A 595 -0.47 25.02 -13.43
N ASN A 596 -0.97 26.23 -13.66
CA ASN A 596 -2.41 26.48 -13.75
C ASN A 596 -2.67 27.32 -15.00
N HIS A 597 -2.94 26.65 -16.11
CA HIS A 597 -3.36 27.30 -17.35
C HIS A 597 -4.86 27.20 -17.58
N ALA A 598 -5.60 26.58 -16.66
CA ALA A 598 -6.98 26.22 -16.91
C ALA A 598 -7.90 27.43 -16.89
N THR A 599 -8.84 27.46 -17.83
CA THR A 599 -9.97 28.38 -17.81
C THR A 599 -11.11 27.66 -17.10
N ILE A 600 -11.18 27.84 -15.78
CA ILE A 600 -12.11 27.05 -14.98
C ILE A 600 -13.53 27.47 -15.31
N ILE A 601 -14.28 26.55 -15.92
CA ILE A 601 -15.69 26.75 -16.22
C ILE A 601 -16.47 25.60 -15.61
N ILE A 602 -17.57 25.92 -14.93
CA ILE A 602 -18.40 24.89 -14.32
C ILE A 602 -19.83 24.98 -14.82
N ASP A 614 -17.72 38.68 -0.72
CA ASP A 614 -16.92 39.89 -0.53
C ASP A 614 -16.47 40.47 -1.87
N ASN A 615 -15.76 41.59 -1.82
CA ASN A 615 -15.28 42.22 -3.03
C ASN A 615 -14.28 41.33 -3.75
N ALA A 616 -13.39 40.67 -3.01
CA ALA A 616 -12.42 39.78 -3.62
C ALA A 616 -13.11 38.62 -4.33
N LEU A 617 -14.15 38.07 -3.73
CA LEU A 617 -14.96 37.07 -4.41
C LEU A 617 -15.68 37.66 -5.62
N MET A 618 -16.09 38.93 -5.51
CA MET A 618 -16.82 39.56 -6.60
C MET A 618 -15.93 39.70 -7.84
N ARG A 619 -14.66 40.06 -7.65
CA ARG A 619 -13.75 40.19 -8.78
C ARG A 619 -13.18 38.85 -9.24
N ARG A 620 -13.80 37.73 -8.85
CA ARG A 620 -13.28 36.41 -9.17
C ARG A 620 -14.36 35.49 -9.73
N ILE A 621 -15.50 36.03 -10.15
CA ILE A 621 -16.64 35.23 -10.60
C ILE A 621 -17.19 35.82 -11.88
N ALA A 622 -17.36 34.97 -12.90
CA ALA A 622 -18.03 35.36 -14.14
C ALA A 622 -18.98 34.24 -14.53
N VAL A 623 -20.24 34.60 -14.82
CA VAL A 623 -21.26 33.62 -15.17
C VAL A 623 -21.98 34.10 -16.42
N VAL A 624 -22.19 33.18 -17.37
CA VAL A 624 -23.03 33.43 -18.53
C VAL A 624 -24.29 32.58 -18.38
N ARG A 625 -25.45 33.21 -18.58
CA ARG A 625 -26.75 32.58 -18.32
C ARG A 625 -27.35 32.15 -19.66
N PHE A 626 -27.41 30.85 -19.89
CA PHE A 626 -28.05 30.31 -21.09
C PHE A 626 -29.54 30.58 -21.03
N ARG A 627 -30.13 30.90 -22.19
CA ARG A 627 -31.53 31.29 -22.25
C ARG A 627 -32.39 30.32 -23.04
N THR A 628 -32.03 30.00 -24.28
CA THR A 628 -32.89 29.19 -25.13
C THR A 628 -32.92 27.75 -24.65
N HIS A 629 -34.12 27.19 -24.52
CA HIS A 629 -34.33 25.81 -24.11
C HIS A 629 -34.60 24.94 -25.33
N PHE A 630 -34.33 23.65 -25.18
CA PHE A 630 -34.51 22.69 -26.27
C PHE A 630 -35.21 21.44 -25.75
N SER A 631 -36.04 20.85 -26.59
CA SER A 631 -36.78 19.65 -26.21
C SER A 631 -37.09 18.78 -27.43
N TYR A 645 -37.35 30.72 -19.89
CA TYR A 645 -36.84 30.56 -21.25
C TYR A 645 -37.34 31.68 -22.17
N ASP A 646 -36.61 31.90 -23.26
CA ASP A 646 -37.00 32.87 -24.27
C ASP A 646 -37.33 32.26 -25.61
N LYS A 647 -36.88 31.03 -25.87
CA LYS A 647 -37.18 30.35 -27.12
C LYS A 647 -36.92 28.86 -26.94
N VAL A 648 -37.89 28.04 -27.35
CA VAL A 648 -37.81 26.59 -27.24
C VAL A 648 -37.62 26.02 -28.64
N LYS A 649 -36.62 25.18 -28.80
CA LYS A 649 -36.26 24.58 -30.08
C LYS A 649 -36.36 23.07 -30.00
N LEU A 650 -36.16 22.43 -31.15
CA LEU A 650 -36.34 20.98 -31.27
C LEU A 650 -35.03 20.25 -30.97
N LEU A 651 -35.16 19.10 -30.32
CA LEU A 651 -34.01 18.28 -29.99
C LEU A 651 -33.49 17.58 -31.23
N ASP A 652 -32.17 17.38 -31.26
CA ASP A 652 -31.49 16.63 -32.33
C ASP A 652 -30.92 15.37 -31.70
N GLU A 653 -31.60 14.24 -31.92
CA GLU A 653 -31.16 12.98 -31.32
C GLU A 653 -29.83 12.52 -31.88
N GLY A 654 -29.55 12.83 -33.15
CA GLY A 654 -28.29 12.46 -33.75
C GLY A 654 -27.17 13.44 -33.57
N LEU A 655 -27.44 14.58 -32.92
CA LEU A 655 -26.41 15.60 -32.74
C LEU A 655 -25.25 15.08 -31.90
N ASP A 656 -25.57 14.39 -30.80
CA ASP A 656 -24.51 13.84 -29.96
C ASP A 656 -23.70 12.79 -30.70
N GLY A 657 -24.37 11.94 -31.49
CA GLY A 657 -23.65 10.93 -32.24
C GLY A 657 -22.69 11.50 -33.26
N LYS A 658 -23.04 12.65 -33.86
CA LYS A 658 -22.17 13.33 -34.81
C LYS A 658 -21.32 14.41 -34.15
N ILE A 659 -21.35 14.52 -32.84
CA ILE A 659 -20.45 15.38 -32.09
C ILE A 659 -19.32 14.57 -31.44
N GLN A 660 -19.65 13.41 -30.86
CA GLN A 660 -18.62 12.55 -30.28
C GLN A 660 -17.61 12.08 -31.32
N ASN A 661 -18.08 11.81 -32.55
CA ASN A 661 -17.17 11.36 -33.60
C ASN A 661 -16.26 12.46 -34.12
N ASN A 662 -16.29 13.65 -33.50
CA ASN A 662 -15.41 14.76 -33.86
C ASN A 662 -15.65 15.22 -35.30
N ARG A 663 -16.92 15.30 -35.70
CA ARG A 663 -17.25 15.82 -37.02
C ARG A 663 -17.03 17.33 -37.10
N TYR A 664 -17.45 18.06 -36.06
CA TYR A 664 -17.33 19.50 -36.02
C TYR A 664 -16.03 19.96 -35.36
N ARG A 665 -15.08 19.05 -35.15
CA ARG A 665 -13.87 19.37 -34.39
C ARG A 665 -13.09 20.50 -35.06
N PHE A 666 -12.76 20.35 -36.34
CA PHE A 666 -11.90 21.32 -37.00
C PHE A 666 -12.64 22.60 -37.35
N ALA A 667 -13.93 22.51 -37.70
CA ALA A 667 -14.70 23.72 -37.96
C ALA A 667 -14.82 24.56 -36.70
N PHE A 668 -15.08 23.93 -35.56
CA PHE A 668 -15.15 24.67 -34.31
C PHE A 668 -13.77 25.18 -33.90
N LEU A 669 -12.71 24.44 -34.22
CA LEU A 669 -11.36 24.95 -33.99
C LEU A 669 -11.11 26.22 -34.79
N TYR A 670 -11.55 26.24 -36.05
CA TYR A 670 -11.43 27.43 -36.87
C TYR A 670 -12.22 28.58 -36.27
N LEU A 671 -13.44 28.30 -35.81
CA LEU A 671 -14.25 29.36 -35.21
C LEU A 671 -13.59 29.91 -33.95
N LEU A 672 -13.03 29.03 -33.12
CA LEU A 672 -12.36 29.47 -31.91
C LEU A 672 -11.11 30.30 -32.23
N VAL A 673 -10.34 29.90 -33.24
CA VAL A 673 -9.16 30.66 -33.62
C VAL A 673 -9.57 32.03 -34.15
N LYS A 674 -10.64 32.09 -34.93
CA LYS A 674 -11.13 33.37 -35.42
C LYS A 674 -11.56 34.27 -34.27
N TRP A 675 -12.30 33.72 -33.30
CA TRP A 675 -12.70 34.51 -32.14
C TRP A 675 -11.48 34.96 -31.34
N TYR A 676 -10.45 34.12 -31.27
CA TYR A 676 -9.24 34.48 -30.53
C TYR A 676 -8.52 35.64 -31.19
N LYS A 677 -8.29 35.55 -32.50
CA LYS A 677 -7.57 36.62 -33.21
C LYS A 677 -8.45 37.84 -33.43
N LYS A 678 -9.75 37.73 -33.13
CA LYS A 678 -10.61 38.90 -33.08
C LYS A 678 -10.70 39.56 -31.72
N TYR A 679 -10.55 38.81 -30.62
CA TYR A 679 -10.80 39.35 -29.28
C TYR A 679 -9.55 39.48 -28.41
N HIS A 680 -8.65 38.50 -28.41
CA HIS A 680 -7.57 38.43 -27.43
C HIS A 680 -6.20 38.74 -28.00
N ILE A 681 -6.11 39.32 -29.20
CA ILE A 681 -4.80 39.55 -29.82
C ILE A 681 -3.91 40.48 -29.01
N PRO A 682 -4.39 41.62 -28.44
CA PRO A 682 -3.45 42.51 -27.74
C PRO A 682 -3.02 41.98 -26.39
N ILE A 683 -3.96 41.48 -25.59
CA ILE A 683 -3.69 41.00 -24.24
C ILE A 683 -4.86 40.15 -23.80
N MET A 684 -4.64 39.29 -22.81
CA MET A 684 -5.67 38.38 -22.32
C MET A 684 -6.12 38.81 -20.93
N LYS A 685 -7.44 38.93 -20.75
CA LYS A 685 -8.02 39.21 -19.44
C LYS A 685 -9.52 38.97 -19.53
N LEU A 686 -10.06 38.23 -18.55
CA LEU A 686 -11.48 37.94 -18.49
C LEU A 686 -12.09 38.79 -17.38
N TYR A 687 -12.69 39.91 -17.77
CA TYR A 687 -13.30 40.80 -16.80
C TYR A 687 -14.61 40.20 -16.27
N PRO A 688 -14.89 40.34 -14.97
CA PRO A 688 -16.11 39.80 -14.38
C PRO A 688 -17.32 40.71 -14.58
N GLY B 323 47.47 2.04 -7.16
CA GLY B 323 46.22 1.35 -6.90
C GLY B 323 45.44 1.02 -8.15
N ASN B 324 44.20 1.50 -8.22
CA ASN B 324 43.31 1.28 -9.35
C ASN B 324 42.91 2.61 -9.95
N LYS B 325 42.75 2.62 -11.28
CA LYS B 325 42.38 3.85 -11.97
C LYS B 325 41.04 4.39 -11.50
N LEU B 326 40.05 3.50 -11.39
CA LEU B 326 38.71 3.91 -10.95
C LEU B 326 38.68 4.30 -9.49
N PHE B 327 39.72 3.98 -8.72
CA PHE B 327 39.82 4.44 -7.34
C PHE B 327 40.57 5.76 -7.24
N ASN B 328 41.65 5.92 -8.01
CA ASN B 328 42.35 7.19 -8.03
C ASN B 328 41.48 8.30 -8.60
N ILE B 329 40.60 7.98 -9.55
CA ILE B 329 39.69 8.99 -10.06
C ILE B 329 38.76 9.48 -8.95
N ALA B 330 38.22 8.54 -8.16
CA ALA B 330 37.34 8.92 -7.05
C ALA B 330 38.11 9.70 -5.99
N GLN B 331 39.34 9.30 -5.71
CA GLN B 331 40.15 10.03 -4.73
C GLN B 331 40.42 11.46 -5.18
N ARG B 332 40.77 11.64 -6.46
CA ARG B 332 41.05 12.97 -6.96
C ARG B 332 39.79 13.83 -7.01
N ILE B 333 38.65 13.21 -7.34
CA ILE B 333 37.38 13.94 -7.29
C ILE B 333 37.06 14.38 -5.86
N LEU B 334 37.30 13.50 -4.89
CA LEU B 334 37.03 13.84 -3.50
C LEU B 334 37.96 14.95 -3.02
N ASP B 335 39.22 14.95 -3.47
CA ASP B 335 40.16 15.96 -3.03
C ASP B 335 39.73 17.38 -3.41
N THR B 336 38.93 17.53 -4.47
CA THR B 336 38.41 18.83 -4.85
C THR B 336 37.25 19.28 -3.98
N ASN B 337 36.78 18.43 -3.06
CA ASN B 337 35.68 18.77 -2.16
C ASN B 337 34.44 19.20 -2.93
N SER B 338 34.15 18.49 -4.02
CA SER B 338 32.98 18.78 -4.82
C SER B 338 31.74 18.03 -4.38
N VAL B 339 31.91 16.91 -3.68
CA VAL B 339 30.80 16.12 -3.16
C VAL B 339 30.90 16.10 -1.64
N LEU B 340 29.75 16.27 -0.98
CA LEU B 340 29.73 16.28 0.48
C LEU B 340 28.52 15.51 0.98
N LEU B 341 28.60 15.08 2.24
CA LEU B 341 27.54 14.31 2.88
C LEU B 341 26.91 15.12 4.00
N THR B 342 25.58 15.14 4.06
CA THR B 342 24.83 15.91 5.04
C THR B 342 23.95 15.01 5.88
N GLU B 343 23.81 15.40 7.15
CA GLU B 343 23.15 14.60 8.19
C GLU B 343 21.84 13.97 7.75
N ARG B 344 21.10 14.61 6.85
CA ARG B 344 19.87 14.00 6.37
C ARG B 344 20.12 12.82 5.46
N GLY B 345 21.37 12.36 5.41
CA GLY B 345 21.77 11.30 4.52
C GLY B 345 22.03 11.75 3.11
N ASP B 346 22.04 13.06 2.85
CA ASP B 346 22.08 13.56 1.49
C ASP B 346 23.51 13.67 0.99
N HIS B 347 23.67 13.54 -0.32
CA HIS B 347 24.97 13.70 -0.97
C HIS B 347 24.88 14.91 -1.89
N ILE B 348 25.30 16.06 -1.36
CA ILE B 348 25.25 17.31 -2.12
C ILE B 348 26.39 17.33 -3.13
N VAL B 349 26.07 17.78 -4.33
CA VAL B 349 26.94 17.70 -5.50
C VAL B 349 27.12 19.11 -6.06
N TRP B 350 28.34 19.40 -6.52
CA TRP B 350 28.70 20.72 -7.02
C TRP B 350 28.83 20.67 -8.54
N ILE B 351 27.74 21.03 -9.23
CA ILE B 351 27.75 21.16 -10.68
C ILE B 351 26.98 22.42 -11.06
N ASN B 352 27.44 23.09 -12.11
CA ASN B 352 26.80 24.31 -12.62
C ASN B 352 26.72 25.40 -11.55
N ASN B 353 27.76 25.49 -10.73
CA ASN B 353 27.92 26.56 -9.74
C ASN B 353 26.72 26.64 -8.81
N SER B 354 26.33 25.49 -8.27
CA SER B 354 25.26 25.43 -7.28
C SER B 354 25.28 24.09 -6.56
N TRP B 355 25.18 24.12 -5.22
CA TRP B 355 25.19 22.89 -4.45
C TRP B 355 23.87 22.16 -4.60
N LYS B 356 23.81 21.21 -5.52
CA LYS B 356 22.56 20.51 -5.81
C LYS B 356 22.48 19.20 -5.05
N PHE B 357 21.27 18.66 -4.96
CA PHE B 357 21.03 17.39 -4.31
C PHE B 357 19.65 16.88 -4.72
N ASN B 358 19.51 15.56 -4.78
CA ASN B 358 18.24 14.94 -5.10
C ASN B 358 18.27 13.51 -4.55
N SER B 359 17.61 13.29 -3.42
CA SER B 359 17.63 11.98 -2.78
C SER B 359 16.61 11.04 -3.41
N GLU B 360 16.61 10.97 -4.74
CA GLU B 360 15.82 10.00 -5.49
C GLU B 360 16.59 9.29 -6.57
N GLU B 361 17.72 9.84 -7.02
CA GLU B 361 18.58 9.24 -8.03
C GLU B 361 19.96 9.86 -7.88
N PRO B 362 21.03 9.15 -8.26
CA PRO B 362 22.38 9.65 -7.97
C PRO B 362 22.79 10.81 -8.88
N LEU B 363 22.85 12.01 -8.28
CA LEU B 363 23.38 13.18 -8.95
C LEU B 363 24.89 13.16 -9.04
N ILE B 364 25.55 12.24 -8.35
CA ILE B 364 27.02 12.19 -8.36
C ILE B 364 27.52 11.91 -9.77
N THR B 365 26.89 10.94 -10.46
CA THR B 365 27.33 10.54 -11.79
C THR B 365 27.41 11.75 -12.73
N LYS B 366 26.46 12.68 -12.57
CA LYS B 366 26.56 13.96 -13.27
C LYS B 366 27.88 14.66 -12.94
N LEU B 367 28.32 14.57 -11.69
CA LEU B 367 29.55 15.26 -11.32
C LEU B 367 30.78 14.55 -11.87
N ILE B 368 30.81 13.22 -11.86
CA ILE B 368 31.95 12.54 -12.51
C ILE B 368 31.98 12.86 -14.00
N LEU B 369 30.81 13.01 -14.62
CA LEU B 369 30.82 13.40 -16.02
C LEU B 369 31.26 14.85 -16.22
N SER B 370 30.96 15.73 -15.26
CA SER B 370 31.33 17.13 -15.38
C SER B 370 32.82 17.37 -15.12
N ILE B 371 33.39 16.67 -14.15
CA ILE B 371 34.78 16.85 -13.75
C ILE B 371 35.69 16.29 -14.83
N ARG B 372 35.10 15.74 -15.90
CA ARG B 372 35.88 15.12 -16.96
C ARG B 372 36.94 16.06 -17.51
N HIS B 373 36.63 17.34 -17.65
CA HIS B 373 37.64 18.32 -18.05
C HIS B 373 38.33 18.94 -16.83
N GLN B 374 38.72 18.09 -15.89
CA GLN B 374 39.56 18.50 -14.76
C GLN B 374 40.58 17.43 -14.39
N LEU B 375 40.66 16.34 -15.15
CA LEU B 375 41.50 15.19 -14.86
C LEU B 375 42.52 15.01 -15.97
N PRO B 376 43.62 14.30 -15.70
CA PRO B 376 44.59 14.00 -16.76
C PRO B 376 43.93 13.27 -17.92
N LYS B 377 44.65 13.21 -19.04
CA LYS B 377 44.12 12.56 -20.24
C LYS B 377 43.85 11.09 -20.00
N GLU B 378 44.77 10.40 -19.30
CA GLU B 378 44.58 8.98 -19.02
C GLU B 378 43.40 8.71 -18.10
N TYR B 379 43.01 9.69 -17.28
CA TYR B 379 41.86 9.55 -16.40
C TYR B 379 40.59 10.15 -16.99
N SER B 380 40.65 10.71 -18.20
CA SER B 380 39.51 11.38 -18.80
C SER B 380 38.70 10.47 -19.71
N SER B 381 39.34 9.58 -20.46
CA SER B 381 38.63 8.67 -21.33
C SER B 381 37.95 7.55 -20.58
N GLU B 382 38.36 7.28 -19.34
CA GLU B 382 37.75 6.22 -18.55
C GLU B 382 36.29 6.51 -18.23
N LEU B 383 35.98 7.76 -17.94
CA LEU B 383 34.64 8.12 -17.47
C LEU B 383 33.63 8.30 -18.59
N LEU B 384 33.97 7.95 -19.82
CA LEU B 384 32.99 8.01 -20.92
C LEU B 384 32.27 6.67 -21.07
N CYS B 385 31.77 6.15 -19.96
CA CYS B 385 31.05 4.88 -19.94
C CYS B 385 30.14 4.84 -18.72
N PRO B 386 28.82 4.73 -18.89
CA PRO B 386 27.93 4.77 -17.71
C PRO B 386 28.15 3.64 -16.75
N ARG B 387 28.71 2.50 -17.19
CA ARG B 387 29.08 1.44 -16.28
C ARG B 387 30.36 1.77 -15.51
N LYS B 388 31.14 2.71 -16.01
CA LYS B 388 32.34 3.19 -15.32
C LYS B 388 32.07 4.44 -14.49
N ARG B 389 30.89 5.05 -14.62
CA ARG B 389 30.48 6.15 -13.76
C ARG B 389 29.50 5.69 -12.68
N LYS B 390 29.33 4.38 -12.51
CA LYS B 390 28.74 3.82 -11.31
C LYS B 390 29.79 3.28 -10.34
N THR B 391 30.89 2.75 -10.87
CA THR B 391 32.00 2.33 -10.01
C THR B 391 32.56 3.50 -9.23
N VAL B 392 32.84 4.62 -9.92
CA VAL B 392 33.38 5.80 -9.26
C VAL B 392 32.36 6.40 -8.31
N GLU B 393 31.08 6.37 -8.69
CA GLU B 393 30.05 6.88 -7.80
C GLU B 393 29.96 6.08 -6.52
N ALA B 394 30.02 4.75 -6.61
CA ALA B 394 30.02 3.92 -5.41
C ALA B 394 31.26 4.17 -4.58
N ASN B 395 32.42 4.27 -5.23
CA ASN B 395 33.65 4.57 -4.50
C ASN B 395 33.53 5.88 -3.73
N ILE B 396 33.00 6.91 -4.38
CA ILE B 396 32.82 8.20 -3.71
C ILE B 396 31.84 8.07 -2.56
N ARG B 397 30.72 7.38 -2.78
CA ARG B 397 29.71 7.22 -1.75
C ARG B 397 30.23 6.45 -0.54
N ASP B 398 31.25 5.61 -0.73
CA ASP B 398 31.83 4.87 0.39
C ASP B 398 33.00 5.59 1.05
N MET B 399 33.39 6.76 0.54
CA MET B 399 34.42 7.57 1.18
C MET B 399 33.87 8.67 2.07
N LEU B 400 32.60 9.03 1.91
CA LEU B 400 32.00 10.08 2.71
C LEU B 400 31.56 9.50 4.05
N VAL B 401 32.54 9.29 4.92
CA VAL B 401 32.28 8.70 6.23
C VAL B 401 31.81 9.73 7.25
N ASP B 402 32.24 10.98 7.11
CA ASP B 402 31.92 12.04 8.06
C ASP B 402 31.09 13.11 7.38
N SER B 403 30.00 13.51 8.05
CA SER B 403 29.11 14.51 7.49
C SER B 403 29.72 15.91 7.59
N VAL B 404 29.07 16.86 6.91
CA VAL B 404 29.50 18.26 6.89
C VAL B 404 28.30 19.13 7.20
N GLU B 405 28.49 20.09 8.10
CA GLU B 405 27.42 21.02 8.46
C GLU B 405 27.03 21.89 7.26
N THR B 406 25.74 22.16 7.14
CA THR B 406 25.20 22.92 6.04
C THR B 406 24.57 24.22 6.54
N ASP B 407 24.65 25.26 5.71
CA ASP B 407 24.08 26.56 6.01
C ASP B 407 24.60 27.11 7.34
N THR B 408 25.92 27.03 7.54
CA THR B 408 26.51 27.59 8.74
C THR B 408 26.35 29.11 8.79
N TYR B 409 26.50 29.79 7.64
CA TYR B 409 26.41 31.24 7.58
C TYR B 409 24.96 31.66 7.36
N PRO B 410 24.36 32.53 8.21
CA PRO B 410 23.00 33.02 7.94
C PRO B 410 22.96 34.24 7.01
N ASP B 411 24.00 35.09 7.02
CA ASP B 411 23.93 36.30 6.21
C ASP B 411 24.33 36.04 4.76
N LYS B 412 23.76 35.01 4.15
CA LYS B 412 24.13 34.60 2.80
C LYS B 412 22.88 34.32 1.99
N LEU B 413 22.91 34.70 0.72
CA LEU B 413 21.79 34.46 -0.19
C LEU B 413 22.27 33.62 -1.37
N PRO B 414 21.76 32.42 -1.56
CA PRO B 414 22.24 31.57 -2.67
C PRO B 414 21.48 31.81 -3.96
N PHE B 415 22.18 32.14 -5.03
CA PHE B 415 21.62 32.26 -6.36
C PHE B 415 22.17 31.16 -7.26
N LYS B 416 21.45 30.90 -8.34
CA LYS B 416 21.77 29.76 -9.21
C LYS B 416 23.13 29.88 -9.87
N ASN B 417 23.82 31.01 -9.64
CA ASN B 417 25.16 31.20 -10.18
C ASN B 417 26.17 31.66 -9.13
N GLY B 418 25.85 31.55 -7.85
CA GLY B 418 26.81 31.93 -6.82
C GLY B 418 26.11 32.25 -5.52
N VAL B 419 26.77 33.08 -4.72
CA VAL B 419 26.25 33.51 -3.43
C VAL B 419 26.43 35.02 -3.30
N LEU B 420 25.53 35.63 -2.55
CA LEU B 420 25.56 37.07 -2.28
C LEU B 420 25.69 37.29 -0.78
N ASP B 421 26.67 38.10 -0.38
CA ASP B 421 26.89 38.40 1.02
C ASP B 421 26.16 39.69 1.39
N LEU B 422 25.45 39.66 2.51
CA LEU B 422 24.64 40.79 2.92
C LEU B 422 25.38 41.77 3.81
N VAL B 423 26.64 41.50 4.16
CA VAL B 423 27.42 42.48 4.91
C VAL B 423 27.82 43.65 4.03
N ASP B 424 28.10 43.41 2.75
CA ASP B 424 28.51 44.49 1.85
C ASP B 424 27.85 44.42 0.47
N GLY B 425 26.96 43.47 0.23
CA GLY B 425 26.19 43.46 -1.00
C GLY B 425 26.98 43.26 -2.29
N MET B 426 27.89 42.30 -2.33
CA MET B 426 28.55 41.89 -3.56
C MET B 426 28.19 40.44 -3.87
N PHE B 427 28.47 40.04 -5.10
CA PHE B 427 28.07 38.72 -5.60
C PHE B 427 29.30 37.87 -5.87
N TYR B 428 29.33 36.68 -5.28
CA TYR B 428 30.35 35.70 -5.54
C TYR B 428 29.89 34.74 -6.64
N SER B 429 30.87 34.15 -7.32
CA SER B 429 30.59 33.19 -8.38
C SER B 429 31.66 32.11 -8.38
N GLY B 430 31.28 30.93 -8.87
CA GLY B 430 32.25 29.84 -8.96
C GLY B 430 32.67 29.34 -7.59
N ASP B 431 33.94 28.94 -7.49
CA ASP B 431 34.46 28.36 -6.25
C ASP B 431 34.38 29.33 -5.08
N ASP B 432 34.24 30.64 -5.36
CA ASP B 432 34.06 31.60 -4.28
C ASP B 432 32.79 31.29 -3.49
N ALA B 433 31.73 30.86 -4.17
CA ALA B 433 30.51 30.48 -3.48
C ALA B 433 30.53 29.04 -2.98
N LYS B 434 31.55 28.26 -3.36
CA LYS B 434 31.60 26.86 -2.93
C LYS B 434 31.86 26.75 -1.42
N LYS B 435 32.71 27.62 -0.88
CA LYS B 435 33.05 27.54 0.54
C LYS B 435 31.82 27.73 1.43
N TYR B 436 30.83 28.48 0.95
CA TYR B 436 29.59 28.70 1.70
C TYR B 436 28.61 27.61 1.28
N THR B 437 28.54 26.55 2.07
CA THR B 437 27.70 25.40 1.74
C THR B 437 26.24 25.80 1.89
N CYS B 438 25.59 26.07 0.75
CA CYS B 438 24.19 26.47 0.71
C CYS B 438 23.45 25.51 -0.22
N THR B 439 22.95 24.41 0.35
CA THR B 439 22.33 23.37 -0.45
C THR B 439 21.10 23.92 -1.18
N VAL B 440 20.27 24.69 -0.49
CA VAL B 440 19.12 25.31 -1.14
C VAL B 440 19.60 26.56 -1.90
N SER B 441 18.77 27.01 -2.83
CA SER B 441 19.11 28.16 -3.66
C SER B 441 17.82 28.86 -4.08
N THR B 442 17.98 30.11 -4.53
CA THR B 442 16.83 30.89 -4.97
C THR B 442 16.22 30.36 -6.26
N GLY B 443 16.99 29.61 -7.05
CA GLY B 443 16.49 28.96 -8.25
C GLY B 443 16.75 29.70 -9.55
N PHE B 444 17.23 30.94 -9.49
CA PHE B 444 17.47 31.70 -10.71
C PHE B 444 18.82 32.40 -10.61
N LYS B 445 19.35 32.76 -11.78
CA LYS B 445 20.64 33.42 -11.86
C LYS B 445 20.55 34.88 -11.39
N PHE B 446 21.68 35.41 -10.96
CA PHE B 446 21.77 36.78 -10.46
C PHE B 446 22.40 37.63 -11.57
N ASP B 447 21.55 38.25 -12.38
CA ASP B 447 22.02 39.10 -13.46
C ASP B 447 22.79 40.29 -12.91
N ASP B 448 23.96 40.57 -13.50
CA ASP B 448 24.81 41.65 -13.01
C ASP B 448 24.18 43.01 -13.27
N THR B 449 23.71 43.24 -14.49
CA THR B 449 23.16 44.55 -14.86
C THR B 449 21.67 44.65 -14.57
N LYS B 450 21.28 44.23 -13.36
CA LYS B 450 19.94 44.50 -12.84
C LYS B 450 19.92 44.93 -11.39
N PHE B 451 20.97 44.62 -10.61
CA PHE B 451 21.04 45.02 -9.21
C PHE B 451 21.61 46.44 -9.10
N VAL B 452 20.99 47.38 -9.80
CA VAL B 452 21.49 48.75 -9.89
C VAL B 452 20.63 49.65 -9.02
N GLU B 453 21.14 50.85 -8.75
CA GLU B 453 20.45 51.78 -7.88
C GLU B 453 19.17 52.32 -8.53
N ASP B 454 19.26 52.77 -9.78
CA ASP B 454 18.13 53.37 -10.47
C ASP B 454 18.00 52.80 -11.87
N SER B 455 16.75 52.61 -12.29
CA SER B 455 16.38 52.05 -13.59
C SER B 455 14.89 52.32 -13.79
N PRO B 456 14.31 52.03 -14.95
CA PRO B 456 12.85 52.23 -15.08
C PRO B 456 12.06 51.12 -14.41
N GLU B 457 12.52 50.71 -13.22
CA GLU B 457 11.77 49.84 -12.32
C GLU B 457 11.85 50.28 -10.87
N MET B 458 12.85 51.09 -10.48
CA MET B 458 13.04 51.43 -9.08
C MET B 458 11.97 52.41 -8.60
N GLU B 459 11.69 53.44 -9.40
CA GLU B 459 10.76 54.48 -8.96
C GLU B 459 9.34 53.94 -8.83
N GLU B 460 8.91 53.10 -9.79
CA GLU B 460 7.57 52.52 -9.70
C GLU B 460 7.44 51.60 -8.49
N LEU B 461 8.48 50.81 -8.22
CA LEU B 461 8.46 49.96 -7.02
C LEU B 461 8.38 50.79 -5.75
N MET B 462 9.18 51.86 -5.68
CA MET B 462 9.15 52.71 -4.50
C MET B 462 7.76 53.32 -4.33
N ASN B 463 7.15 53.74 -5.44
CA ASN B 463 5.82 54.34 -5.38
C ASN B 463 4.77 53.34 -4.88
N ILE B 464 4.80 52.12 -5.41
CA ILE B 464 3.77 51.15 -5.01
C ILE B 464 3.99 50.74 -3.56
N ILE B 465 5.25 50.63 -3.13
CA ILE B 465 5.52 50.33 -1.72
C ILE B 465 4.98 51.42 -0.82
N ASN B 466 5.17 52.70 -1.21
CA ASN B 466 4.59 53.78 -0.42
C ASN B 466 3.07 53.72 -0.43
N ASP B 467 2.46 53.39 -1.56
CA ASP B 467 1.01 53.32 -1.63
C ASP B 467 0.47 52.22 -0.72
N ILE B 468 1.12 51.06 -0.70
CA ILE B 468 0.69 49.98 0.19
C ILE B 468 0.92 50.36 1.64
N GLN B 469 2.09 50.88 1.95
CA GLN B 469 2.50 51.14 3.34
C GLN B 469 2.92 52.60 3.42
N PRO B 470 2.01 53.50 3.80
CA PRO B 470 2.31 54.94 3.74
C PRO B 470 3.42 55.35 4.69
N LEU B 471 4.17 56.38 4.29
CA LEU B 471 5.25 56.92 5.09
C LEU B 471 4.79 58.20 5.80
N THR B 472 4.06 58.01 6.89
CA THR B 472 3.62 59.11 7.74
C THR B 472 3.99 58.83 9.20
N ASP B 473 3.80 59.83 10.04
CA ASP B 473 4.27 59.75 11.43
C ASP B 473 3.54 58.65 12.18
N GLU B 474 2.22 58.57 12.05
CA GLU B 474 1.47 57.52 12.73
C GLU B 474 1.74 56.15 12.12
N ASN B 475 2.21 56.10 10.88
CA ASN B 475 2.58 54.85 10.22
C ASN B 475 4.10 54.63 10.21
N LYS B 476 4.86 55.51 10.85
CA LYS B 476 6.32 55.40 10.82
C LYS B 476 6.79 54.12 11.52
N LYS B 477 6.25 53.84 12.71
CA LYS B 477 6.63 52.62 13.41
C LYS B 477 6.11 51.39 12.68
N ASN B 478 4.92 51.47 12.10
CA ASN B 478 4.39 50.39 11.30
C ASN B 478 5.30 50.11 10.10
N ARG B 479 5.76 51.17 9.44
CA ARG B 479 6.66 50.99 8.31
C ARG B 479 7.99 50.40 8.76
N GLU B 480 8.48 50.82 9.93
CA GLU B 480 9.74 50.30 10.46
C GLU B 480 9.63 48.79 10.70
N LEU B 481 8.57 48.37 11.39
CA LEU B 481 8.40 46.94 11.67
C LEU B 481 8.15 46.16 10.38
N TYR B 482 7.44 46.76 9.43
CA TYR B 482 7.21 46.14 8.13
C TYR B 482 8.54 45.86 7.42
N GLU B 483 9.38 46.89 7.31
CA GLU B 483 10.67 46.75 6.66
C GLU B 483 11.54 45.73 7.40
N LYS B 484 11.52 45.77 8.74
CA LYS B 484 12.31 44.81 9.49
C LYS B 484 11.83 43.38 9.24
N THR B 485 10.52 43.20 9.06
CA THR B 485 9.99 41.86 8.84
C THR B 485 10.35 41.32 7.46
N LEU B 486 10.20 42.15 6.41
CA LEU B 486 10.55 41.63 5.09
C LEU B 486 12.07 41.47 4.95
N SER B 487 12.85 42.38 5.52
CA SER B 487 14.30 42.27 5.44
C SER B 487 14.79 41.02 6.15
N SER B 488 14.04 40.53 7.14
CA SER B 488 14.41 39.30 7.82
C SER B 488 14.30 38.07 6.93
N CYS B 489 13.59 38.18 5.80
CA CYS B 489 13.43 37.02 4.92
C CYS B 489 14.66 36.85 4.04
N LEU B 490 15.83 36.90 4.65
CA LEU B 490 17.09 36.51 4.02
C LEU B 490 18.00 35.72 4.95
N CYS B 491 17.71 35.70 6.25
CA CYS B 491 18.59 35.06 7.21
C CYS B 491 18.55 33.54 7.09
N GLY B 492 19.71 32.92 7.29
CA GLY B 492 19.84 31.48 7.35
C GLY B 492 19.69 30.88 8.74
N ALA B 493 19.37 31.68 9.75
CA ALA B 493 19.10 31.15 11.08
C ALA B 493 17.60 31.18 11.37
N THR B 494 17.21 30.40 12.37
CA THR B 494 15.81 30.29 12.75
C THR B 494 15.34 31.54 13.46
N LYS B 495 14.07 31.90 13.23
CA LYS B 495 13.44 33.04 13.89
C LYS B 495 12.44 32.53 14.92
N GLY B 496 12.53 33.06 16.13
CA GLY B 496 11.67 32.63 17.21
C GLY B 496 10.53 33.59 17.51
N CYS B 497 10.27 34.53 16.62
CA CYS B 497 9.23 35.53 16.82
C CYS B 497 8.26 35.51 15.65
N LEU B 498 7.04 35.98 15.93
CA LEU B 498 5.95 35.96 14.96
C LEU B 498 5.43 37.37 14.74
N THR B 499 5.13 37.69 13.48
CA THR B 499 4.56 38.96 13.09
C THR B 499 3.25 38.72 12.35
N PHE B 500 2.21 39.45 12.74
CA PHE B 500 0.87 39.27 12.17
C PHE B 500 0.69 40.16 10.94
N PHE B 501 -0.06 39.63 9.98
CA PHE B 501 -0.35 40.31 8.73
C PHE B 501 -1.83 40.70 8.64
N PHE B 502 -2.40 41.11 9.77
CA PHE B 502 -3.81 41.45 9.81
C PHE B 502 -4.12 42.63 8.89
N GLY B 503 -5.18 42.49 8.11
CA GLY B 503 -5.59 43.55 7.20
C GLY B 503 -6.97 43.28 6.65
N GLU B 504 -7.58 44.34 6.13
CA GLU B 504 -8.91 44.25 5.57
C GLU B 504 -8.86 43.65 4.16
N THR B 505 -10.01 43.61 3.51
CA THR B 505 -10.09 43.03 2.17
C THR B 505 -9.42 43.93 1.15
N ALA B 506 -8.58 43.31 0.31
CA ALA B 506 -7.90 43.99 -0.79
C ALA B 506 -7.05 45.17 -0.30
N THR B 507 -6.07 44.85 0.54
CA THR B 507 -5.12 45.84 1.04
C THR B 507 -3.71 45.56 0.56
N GLY B 508 -3.55 44.69 -0.42
CA GLY B 508 -2.26 44.46 -1.04
C GLY B 508 -1.43 43.35 -0.45
N LYS B 509 -2.00 42.49 0.40
CA LYS B 509 -1.22 41.41 1.00
C LYS B 509 -0.68 40.46 -0.06
N SER B 510 -1.52 40.07 -1.02
CA SER B 510 -1.06 39.18 -2.08
C SER B 510 -0.02 39.85 -2.97
N THR B 511 -0.12 41.17 -3.16
CA THR B 511 0.88 41.87 -3.96
C THR B 511 2.25 41.81 -3.30
N THR B 512 2.31 42.05 -1.98
CA THR B 512 3.58 41.92 -1.29
C THR B 512 4.07 40.48 -1.27
N LYS B 513 3.14 39.52 -1.15
CA LYS B 513 3.50 38.11 -1.21
C LYS B 513 4.20 37.79 -2.53
N ARG B 514 3.60 38.22 -3.64
CA ARG B 514 4.18 37.93 -4.95
C ARG B 514 5.48 38.71 -5.16
N LEU B 515 5.56 39.94 -4.63
CA LEU B 515 6.79 40.70 -4.73
C LEU B 515 7.93 40.00 -4.02
N LEU B 516 7.68 39.52 -2.80
CA LEU B 516 8.72 38.84 -2.05
C LEU B 516 9.07 37.50 -2.69
N LYS B 517 8.08 36.80 -3.23
CA LYS B 517 8.34 35.55 -3.94
C LYS B 517 9.23 35.79 -5.15
N SER B 518 8.95 36.84 -5.91
CA SER B 518 9.83 37.19 -7.02
C SER B 518 11.22 37.60 -6.52
N ALA B 519 11.28 38.21 -5.34
CA ALA B 519 12.57 38.60 -4.77
C ALA B 519 13.45 37.39 -4.50
N ILE B 520 12.92 36.40 -3.78
CA ILE B 520 13.74 35.24 -3.45
C ILE B 520 13.39 34.04 -4.33
N GLY B 521 12.14 33.59 -4.30
CA GLY B 521 11.74 32.50 -5.16
C GLY B 521 11.58 31.16 -4.47
N ASP B 522 12.55 30.25 -4.69
CA ASP B 522 12.48 28.93 -4.10
C ASP B 522 12.49 28.97 -2.57
N LEU B 523 13.01 30.04 -1.97
CA LEU B 523 13.00 30.17 -0.53
C LEU B 523 11.67 30.74 -0.06
N PHE B 524 10.57 30.16 -0.52
CA PHE B 524 9.25 30.67 -0.21
C PHE B 524 8.21 29.59 -0.52
N VAL B 525 7.43 29.20 0.48
CA VAL B 525 6.35 28.25 0.28
C VAL B 525 5.05 28.82 0.84
N ILE B 544 4.56 20.62 6.18
CA ILE B 544 5.72 20.87 7.03
C ILE B 544 6.94 20.17 6.45
N ALA B 545 6.71 19.10 5.69
CA ALA B 545 7.82 18.36 5.10
C ALA B 545 8.52 19.14 4.01
N ASN B 546 7.77 19.93 3.24
CA ASN B 546 8.36 20.70 2.14
C ASN B 546 9.15 21.89 2.64
N MET B 547 8.67 22.54 3.71
CA MET B 547 9.33 23.81 4.15
C MET B 547 10.64 23.50 4.87
N HIS B 548 11.57 22.81 4.21
CA HIS B 548 12.89 22.59 4.82
C HIS B 548 13.85 23.65 4.32
N LEU B 549 14.65 24.25 5.21
CA LEU B 549 15.66 25.23 4.81
C LEU B 549 15.06 26.46 4.15
N LYS B 550 13.73 26.54 4.09
CA LYS B 550 13.09 27.71 3.53
C LYS B 550 13.23 28.90 4.48
N ARG B 551 13.33 30.09 3.90
CA ARG B 551 13.51 31.31 4.68
C ARG B 551 12.22 32.10 4.88
N SER B 552 11.09 31.59 4.39
CA SER B 552 9.81 32.25 4.59
C SER B 552 8.68 31.33 4.16
N VAL B 553 7.57 31.37 4.89
CA VAL B 553 6.36 30.66 4.49
C VAL B 553 5.19 31.63 4.41
N LYS B 575 3.96 28.64 18.90
CA LYS B 575 5.00 28.04 19.72
C LYS B 575 5.62 26.84 19.02
N LYS B 576 4.82 26.16 18.19
CA LYS B 576 5.31 25.00 17.46
C LYS B 576 6.20 25.39 16.30
N LEU B 577 6.11 26.63 15.82
CA LEU B 577 6.88 27.10 14.67
C LEU B 577 7.93 28.13 15.10
N THR B 578 8.54 27.91 16.26
CA THR B 578 9.57 28.81 16.79
C THR B 578 10.76 28.04 17.35
N GLU B 579 10.91 26.77 16.98
CA GLU B 579 11.96 25.88 17.45
C GLU B 579 13.03 25.69 16.38
N PRO B 580 14.28 25.46 16.80
CA PRO B 580 15.36 25.32 15.81
C PRO B 580 15.20 24.14 14.87
N CYS B 581 14.45 23.11 15.25
CA CYS B 581 14.29 21.94 14.40
C CYS B 581 12.82 21.49 14.33
N ARG B 595 15.22 21.10 10.72
CA ARG B 595 15.83 22.42 10.63
C ARG B 595 14.96 23.37 9.82
N ASN B 596 14.66 24.52 10.41
CA ASN B 596 13.88 25.56 9.73
C ASN B 596 14.53 26.92 9.93
N HIS B 597 14.41 27.77 8.91
CA HIS B 597 14.91 29.14 8.96
C HIS B 597 13.82 30.15 8.58
N ALA B 598 12.58 29.69 8.43
CA ALA B 598 11.54 30.53 7.84
C ALA B 598 11.07 31.61 8.81
N THR B 599 10.80 32.79 8.26
CA THR B 599 10.13 33.86 8.99
C THR B 599 8.62 33.67 8.81
N ILE B 600 7.93 33.41 9.91
CA ILE B 600 6.51 33.12 9.85
C ILE B 600 5.75 34.44 9.92
N ILE B 601 4.83 34.64 8.98
CA ILE B 601 4.07 35.89 8.90
C ILE B 601 2.58 35.60 9.01
N ASP B 656 -0.26 44.23 -10.75
CA ASP B 656 -0.47 42.78 -10.62
C ASP B 656 0.04 42.05 -11.86
N GLY B 657 -0.38 42.53 -13.03
CA GLY B 657 0.03 41.87 -14.27
C GLY B 657 1.53 41.92 -14.49
N LYS B 658 2.14 43.06 -14.21
CA LYS B 658 3.59 43.21 -14.37
C LYS B 658 4.33 42.78 -13.11
N ILE B 659 3.99 41.59 -12.61
CA ILE B 659 4.68 40.97 -11.49
C ILE B 659 5.10 39.57 -11.89
N GLN B 660 4.14 38.80 -12.43
CA GLN B 660 4.44 37.43 -12.86
C GLN B 660 5.44 37.41 -14.00
N ASN B 661 5.55 38.49 -14.78
CA ASN B 661 6.62 38.60 -15.75
C ASN B 661 7.98 38.83 -15.11
N ASN B 662 8.01 38.97 -13.78
CA ASN B 662 9.25 39.01 -12.99
C ASN B 662 10.06 40.27 -13.33
N ARG B 663 9.43 41.44 -13.18
CA ARG B 663 10.07 42.71 -13.48
C ARG B 663 10.64 43.39 -12.24
N TYR B 664 9.88 43.42 -11.15
CA TYR B 664 10.29 44.08 -9.92
C TYR B 664 11.21 43.22 -9.05
N ARG B 665 11.85 42.21 -9.63
CA ARG B 665 12.62 41.26 -8.84
C ARG B 665 13.85 41.91 -8.24
N PHE B 666 14.74 42.43 -9.09
CA PHE B 666 16.02 42.94 -8.59
C PHE B 666 15.87 44.24 -7.83
N ALA B 667 14.89 45.08 -8.21
CA ALA B 667 14.65 46.30 -7.45
C ALA B 667 14.20 45.99 -6.02
N PHE B 668 13.26 45.04 -5.88
CA PHE B 668 12.83 44.66 -4.53
C PHE B 668 13.92 43.91 -3.79
N LEU B 669 14.78 43.17 -4.49
CA LEU B 669 15.92 42.54 -3.84
C LEU B 669 16.89 43.58 -3.30
N TYR B 670 17.12 44.64 -4.07
CA TYR B 670 17.96 45.74 -3.59
C TYR B 670 17.33 46.39 -2.37
N LEU B 671 16.01 46.61 -2.40
CA LEU B 671 15.34 47.19 -1.24
C LEU B 671 15.46 46.30 -0.02
N LEU B 672 15.30 44.98 -0.21
CA LEU B 672 15.41 44.05 0.90
C LEU B 672 16.82 44.03 1.47
N VAL B 673 17.83 44.04 0.61
CA VAL B 673 19.22 44.05 1.07
C VAL B 673 19.52 45.34 1.82
N LYS B 674 19.01 46.46 1.31
CA LYS B 674 19.20 47.74 2.00
C LYS B 674 18.56 47.73 3.38
N TRP B 675 17.33 47.23 3.47
CA TRP B 675 16.67 47.16 4.77
C TRP B 675 17.40 46.21 5.73
N TYR B 676 17.91 45.08 5.20
CA TYR B 676 18.67 44.16 6.03
C TYR B 676 19.94 44.81 6.56
N LYS B 677 20.70 45.45 5.69
CA LYS B 677 21.92 46.15 6.07
C LYS B 677 21.65 47.35 6.97
N LYS B 678 20.42 47.88 6.96
CA LYS B 678 20.06 48.98 7.83
C LYS B 678 19.46 48.55 9.16
N TYR B 679 18.96 47.32 9.27
CA TYR B 679 18.27 46.88 10.48
C TYR B 679 18.78 45.59 11.11
N HIS B 680 19.58 44.78 10.40
CA HIS B 680 19.94 43.47 10.92
C HIS B 680 21.45 43.21 10.89
N ILE B 681 22.27 44.23 11.17
CA ILE B 681 23.72 44.02 11.18
C ILE B 681 24.12 43.17 12.39
N PRO B 682 24.01 43.67 13.65
CA PRO B 682 24.70 42.99 14.75
C PRO B 682 24.08 41.66 15.14
N ILE B 683 22.77 41.64 15.41
CA ILE B 683 22.08 40.48 15.94
C ILE B 683 20.71 40.35 15.28
N MET B 684 20.38 39.13 14.86
CA MET B 684 19.12 38.84 14.20
C MET B 684 18.06 38.51 15.24
N LYS B 685 17.03 39.37 15.34
CA LYS B 685 16.00 39.16 16.34
C LYS B 685 14.77 39.95 15.95
N LEU B 686 13.60 39.34 16.15
CA LEU B 686 12.34 39.99 15.83
C LEU B 686 11.48 40.17 17.07
N GLY C 323 27.84 -34.92 -9.45
CA GLY C 323 27.00 -34.45 -10.54
C GLY C 323 26.73 -32.97 -10.48
N ASN C 324 26.31 -32.49 -9.31
CA ASN C 324 26.03 -31.07 -9.10
C ASN C 324 26.29 -30.78 -7.63
N LYS C 325 27.44 -30.17 -7.34
CA LYS C 325 27.90 -30.04 -5.95
C LYS C 325 26.96 -29.15 -5.13
N LEU C 326 26.47 -28.06 -5.71
CA LEU C 326 25.63 -27.13 -4.96
C LEU C 326 24.21 -27.64 -4.79
N PHE C 327 23.83 -28.73 -5.45
CA PHE C 327 22.58 -29.41 -5.14
C PHE C 327 22.77 -30.53 -4.13
N ASN C 328 23.91 -31.22 -4.20
CA ASN C 328 24.24 -32.20 -3.17
C ASN C 328 24.39 -31.53 -1.82
N ILE C 329 25.00 -30.34 -1.78
CA ILE C 329 25.13 -29.61 -0.52
C ILE C 329 23.76 -29.22 0.02
N ALA C 330 22.87 -28.74 -0.86
CA ALA C 330 21.53 -28.36 -0.42
C ALA C 330 20.76 -29.56 0.10
N GLN C 331 20.84 -30.70 -0.58
CA GLN C 331 20.18 -31.91 -0.11
C GLN C 331 20.75 -32.35 1.23
N ARG C 332 22.07 -32.28 1.39
CA ARG C 332 22.69 -32.67 2.66
C ARG C 332 22.28 -31.75 3.80
N ILE C 333 22.18 -30.45 3.53
CA ILE C 333 21.74 -29.52 4.56
C ILE C 333 20.28 -29.77 4.93
N LEU C 334 19.45 -30.09 3.93
CA LEU C 334 18.08 -30.48 4.23
C LEU C 334 18.00 -31.81 4.97
N ASP C 335 19.02 -32.65 4.85
CA ASP C 335 19.02 -33.91 5.58
C ASP C 335 19.10 -33.68 7.08
N THR C 336 19.86 -32.67 7.51
CA THR C 336 19.99 -32.37 8.93
C THR C 336 18.73 -31.78 9.54
N ASN C 337 17.71 -31.48 8.71
CA ASN C 337 16.45 -30.93 9.19
C ASN C 337 16.65 -29.64 9.95
N SER C 338 17.59 -28.82 9.47
CA SER C 338 17.89 -27.56 10.13
C SER C 338 16.98 -26.43 9.68
N VAL C 339 16.48 -26.47 8.44
CA VAL C 339 15.61 -25.45 7.91
C VAL C 339 14.23 -26.06 7.66
N LEU C 340 13.19 -25.36 8.11
CA LEU C 340 11.81 -25.81 7.96
C LEU C 340 10.99 -24.68 7.36
N LEU C 341 9.89 -25.06 6.71
CA LEU C 341 8.95 -24.11 6.12
C LEU C 341 7.69 -24.08 6.96
N THR C 342 7.23 -22.88 7.29
CA THR C 342 6.04 -22.69 8.11
C THR C 342 4.83 -22.40 7.24
N GLU C 343 3.65 -22.65 7.82
CA GLU C 343 2.40 -22.31 7.14
C GLU C 343 2.29 -20.81 6.88
N ARG C 344 2.90 -19.99 7.72
CA ARG C 344 2.88 -18.54 7.54
C ARG C 344 3.71 -18.11 6.33
N GLY C 345 4.53 -18.99 5.78
CA GLY C 345 5.40 -18.65 4.67
C GLY C 345 6.81 -18.25 5.06
N ASP C 346 7.17 -18.35 6.33
CA ASP C 346 8.48 -17.97 6.81
C ASP C 346 9.36 -19.20 7.02
N HIS C 347 10.62 -19.08 6.61
CA HIS C 347 11.59 -20.17 6.68
C HIS C 347 12.29 -20.09 8.04
N ILE C 348 11.86 -20.95 8.98
CA ILE C 348 12.51 -20.99 10.28
C ILE C 348 13.87 -21.65 10.16
N VAL C 349 14.84 -21.14 10.92
CA VAL C 349 16.23 -21.56 10.79
C VAL C 349 16.75 -21.99 12.15
N TRP C 350 17.66 -22.97 12.14
CA TRP C 350 18.21 -23.54 13.37
C TRP C 350 19.70 -23.21 13.45
N ILE C 351 20.01 -22.16 14.20
CA ILE C 351 21.38 -21.76 14.51
C ILE C 351 21.44 -21.29 15.94
N ASN C 352 22.54 -21.61 16.63
CA ASN C 352 22.78 -21.18 18.00
C ASN C 352 21.66 -21.66 18.94
N ASN C 353 21.22 -22.90 18.73
CA ASN C 353 20.27 -23.56 19.62
C ASN C 353 18.98 -22.76 19.78
N SER C 354 18.51 -22.15 18.69
CA SER C 354 17.29 -21.38 18.74
C SER C 354 16.71 -21.29 17.34
N TRP C 355 15.40 -21.52 17.22
CA TRP C 355 14.72 -21.49 15.93
C TRP C 355 14.40 -20.04 15.60
N LYS C 356 15.36 -19.35 15.00
CA LYS C 356 15.16 -17.96 14.63
C LYS C 356 14.57 -17.85 13.23
N PHE C 357 13.77 -16.81 13.04
CA PHE C 357 13.12 -16.56 11.76
C PHE C 357 13.01 -15.06 11.56
N ASN C 358 13.00 -14.63 10.29
CA ASN C 358 12.93 -13.22 9.97
C ASN C 358 12.37 -13.07 8.56
N SER C 359 11.15 -12.57 8.44
CA SER C 359 10.55 -12.36 7.13
C SER C 359 10.91 -10.98 6.57
N GLU C 360 12.19 -10.66 6.64
CA GLU C 360 12.74 -9.47 5.98
C GLU C 360 14.06 -9.73 5.28
N GLU C 361 14.81 -10.76 5.66
CA GLU C 361 16.06 -11.15 5.05
C GLU C 361 16.20 -12.64 5.35
N PRO C 362 16.56 -13.46 4.37
CA PRO C 362 16.69 -14.91 4.62
C PRO C 362 17.88 -15.20 5.54
N LEU C 363 17.58 -15.80 6.68
CA LEU C 363 18.63 -16.30 7.57
C LEU C 363 19.28 -17.58 7.05
N ILE C 364 18.75 -18.14 5.97
CA ILE C 364 19.22 -19.44 5.47
C ILE C 364 20.69 -19.39 5.12
N THR C 365 21.18 -18.26 4.61
CA THR C 365 22.57 -18.17 4.21
C THR C 365 23.51 -18.21 5.41
N LYS C 366 23.11 -17.62 6.53
CA LYS C 366 23.86 -17.78 7.77
C LYS C 366 23.95 -19.24 8.17
N LEU C 367 22.85 -19.98 8.00
CA LEU C 367 22.85 -21.41 8.30
C LEU C 367 23.80 -22.17 7.37
N ILE C 368 23.78 -21.84 6.08
CA ILE C 368 24.66 -22.51 5.13
C ILE C 368 26.12 -22.24 5.48
N LEU C 369 26.42 -21.00 5.89
CA LEU C 369 27.77 -20.67 6.32
C LEU C 369 28.14 -21.37 7.62
N SER C 370 27.17 -21.58 8.51
CA SER C 370 27.44 -22.15 9.82
C SER C 370 27.66 -23.66 9.74
N ILE C 371 26.93 -24.36 8.88
CA ILE C 371 27.02 -25.81 8.79
C ILE C 371 28.29 -26.19 8.02
N ARG C 372 29.07 -25.19 7.61
CA ARG C 372 30.27 -25.45 6.83
C ARG C 372 31.20 -26.45 7.52
N HIS C 373 31.30 -26.39 8.85
CA HIS C 373 32.16 -27.32 9.57
C HIS C 373 31.43 -28.60 9.95
N GLN C 374 30.71 -29.17 8.99
CA GLN C 374 30.18 -30.54 9.11
C GLN C 374 30.36 -31.36 7.86
N LEU C 375 30.42 -30.77 6.69
CA LEU C 375 30.47 -31.42 5.39
C LEU C 375 31.91 -31.78 5.03
N PRO C 376 32.10 -32.68 4.05
CA PRO C 376 33.47 -33.01 3.61
C PRO C 376 34.29 -31.80 3.23
N LYS C 377 35.62 -31.95 3.23
CA LYS C 377 36.51 -30.82 2.98
C LYS C 377 36.29 -30.23 1.58
N GLU C 378 35.97 -31.07 0.61
CA GLU C 378 35.68 -30.56 -0.74
C GLU C 378 34.39 -29.74 -0.75
N TYR C 379 33.39 -30.18 0.01
CA TYR C 379 32.12 -29.47 0.07
C TYR C 379 32.19 -28.18 0.88
N SER C 380 33.13 -28.09 1.81
CA SER C 380 33.19 -26.93 2.70
C SER C 380 33.75 -25.70 2.02
N SER C 381 34.76 -25.89 1.14
CA SER C 381 35.43 -24.75 0.53
C SER C 381 34.55 -23.97 -0.43
N GLU C 382 33.43 -24.55 -0.88
CA GLU C 382 32.52 -23.85 -1.78
C GLU C 382 31.56 -22.93 -1.05
N LEU C 383 31.56 -22.92 0.27
CA LEU C 383 30.67 -22.06 1.04
C LEU C 383 31.33 -20.77 1.50
N LEU C 384 32.60 -20.57 1.18
CA LEU C 384 33.25 -19.27 1.38
C LEU C 384 33.12 -18.41 0.13
N CYS C 385 31.89 -18.27 -0.35
CA CYS C 385 31.61 -17.52 -1.58
C CYS C 385 30.15 -17.12 -1.53
N PRO C 386 29.85 -15.85 -1.25
CA PRO C 386 28.44 -15.46 -1.05
C PRO C 386 27.58 -15.64 -2.29
N ARG C 387 28.17 -15.79 -3.48
CA ARG C 387 27.37 -16.03 -4.67
C ARG C 387 27.08 -17.51 -4.88
N LYS C 388 27.88 -18.38 -4.28
CA LYS C 388 27.62 -19.82 -4.26
C LYS C 388 26.75 -20.22 -3.07
N ARG C 389 26.35 -19.27 -2.23
CA ARG C 389 25.45 -19.55 -1.13
C ARG C 389 24.00 -19.20 -1.44
N LYS C 390 23.75 -18.18 -2.27
CA LYS C 390 22.39 -17.99 -2.76
C LYS C 390 21.97 -19.10 -3.72
N THR C 391 22.92 -19.76 -4.39
CA THR C 391 22.58 -20.95 -5.17
C THR C 391 22.08 -22.07 -4.26
N VAL C 392 22.81 -22.34 -3.18
CA VAL C 392 22.39 -23.36 -2.22
C VAL C 392 21.06 -22.98 -1.59
N GLU C 393 20.88 -21.69 -1.27
CA GLU C 393 19.62 -21.24 -0.69
C GLU C 393 18.47 -21.40 -1.69
N ALA C 394 18.71 -21.14 -2.97
CA ALA C 394 17.67 -21.30 -3.97
C ALA C 394 17.30 -22.77 -4.15
N ASN C 395 18.29 -23.66 -4.15
CA ASN C 395 18.00 -25.09 -4.20
C ASN C 395 17.19 -25.53 -2.98
N ILE C 396 17.58 -25.05 -1.79
CA ILE C 396 16.87 -25.43 -0.57
C ILE C 396 15.44 -24.92 -0.60
N ARG C 397 15.25 -23.66 -1.00
CA ARG C 397 13.91 -23.08 -1.03
C ARG C 397 13.03 -23.79 -2.04
N ASP C 398 13.61 -24.32 -3.11
CA ASP C 398 12.85 -25.08 -4.09
C ASP C 398 12.59 -26.52 -3.66
N MET C 399 13.26 -26.99 -2.62
CA MET C 399 13.08 -28.36 -2.12
C MET C 399 12.22 -28.42 -0.87
N LEU C 400 11.66 -27.30 -0.43
CA LEU C 400 10.87 -27.25 0.79
C LEU C 400 9.43 -26.95 0.40
N VAL C 401 8.63 -28.01 0.23
CA VAL C 401 7.22 -27.87 -0.10
C VAL C 401 6.31 -28.14 1.10
N ASP C 402 6.70 -29.05 1.99
CA ASP C 402 5.84 -29.48 3.09
C ASP C 402 5.99 -28.53 4.27
N SER C 403 4.95 -27.75 4.53
CA SER C 403 4.93 -26.87 5.69
C SER C 403 4.88 -27.69 6.98
N VAL C 404 5.63 -27.25 7.98
CA VAL C 404 5.73 -27.93 9.26
C VAL C 404 5.17 -27.01 10.34
N GLU C 405 4.25 -27.54 11.13
CA GLU C 405 3.63 -26.76 12.19
C GLU C 405 4.63 -26.41 13.28
N THR C 406 4.44 -25.26 13.90
CA THR C 406 5.32 -24.75 14.94
C THR C 406 4.60 -24.74 16.28
N ASP C 407 5.37 -24.98 17.34
CA ASP C 407 4.88 -24.89 18.72
C ASP C 407 3.72 -25.84 18.96
N THR C 408 3.92 -27.10 18.56
CA THR C 408 2.90 -28.12 18.78
C THR C 408 2.85 -28.58 20.22
N TYR C 409 3.99 -28.59 20.91
CA TYR C 409 4.05 -29.09 22.28
C TYR C 409 3.83 -27.95 23.26
N PRO C 410 2.76 -27.98 24.05
CA PRO C 410 2.47 -26.85 24.95
C PRO C 410 3.16 -26.96 26.30
N ASP C 411 3.62 -28.15 26.66
CA ASP C 411 4.25 -28.38 27.97
C ASP C 411 5.76 -28.16 27.94
N LYS C 412 6.17 -27.05 27.34
CA LYS C 412 7.58 -26.73 27.18
C LYS C 412 7.79 -25.24 27.34
N LEU C 413 8.93 -24.86 27.91
CA LEU C 413 9.30 -23.46 28.08
C LEU C 413 10.61 -23.18 27.37
N PRO C 414 10.62 -22.36 26.31
CA PRO C 414 11.85 -22.19 25.53
C PRO C 414 12.80 -21.14 26.10
N PHE C 415 14.00 -21.55 26.50
CA PHE C 415 15.05 -20.63 26.89
C PHE C 415 15.97 -20.39 25.69
N LYS C 416 17.01 -19.59 25.90
CA LYS C 416 17.92 -19.26 24.81
C LYS C 416 18.98 -20.32 24.55
N ASN C 417 19.03 -21.38 25.36
CA ASN C 417 19.97 -22.46 25.14
C ASN C 417 19.27 -23.81 25.11
N GLY C 418 17.97 -23.82 24.81
CA GLY C 418 17.24 -25.06 24.71
C GLY C 418 15.80 -24.86 25.17
N VAL C 419 15.19 -25.96 25.58
CA VAL C 419 13.79 -25.98 26.00
C VAL C 419 13.68 -26.76 27.30
N LEU C 420 13.09 -26.14 28.31
CA LEU C 420 12.84 -26.79 29.59
C LEU C 420 11.53 -27.55 29.53
N ASP C 421 11.55 -28.79 30.03
CA ASP C 421 10.36 -29.62 30.12
C ASP C 421 9.74 -29.46 31.50
N LEU C 422 8.52 -28.95 31.55
CA LEU C 422 7.88 -28.65 32.83
C LEU C 422 7.37 -29.92 33.51
N VAL C 423 6.88 -30.89 32.72
CA VAL C 423 6.26 -32.07 33.30
C VAL C 423 7.27 -32.89 34.09
N ASP C 424 8.44 -33.13 33.50
CA ASP C 424 9.45 -33.96 34.16
C ASP C 424 10.42 -33.10 34.97
N GLY C 425 10.97 -32.05 34.36
CA GLY C 425 11.77 -31.08 35.07
C GLY C 425 13.12 -30.77 34.49
N MET C 426 13.69 -31.64 33.66
CA MET C 426 15.02 -31.37 33.13
C MET C 426 14.94 -30.38 31.97
N PHE C 427 16.10 -29.79 31.66
CA PHE C 427 16.22 -28.79 30.60
C PHE C 427 17.01 -29.38 29.45
N TYR C 428 16.41 -29.41 28.27
CA TYR C 428 17.08 -29.92 27.08
C TYR C 428 17.90 -28.81 26.42
N SER C 429 18.98 -29.21 25.75
CA SER C 429 19.86 -28.27 25.09
C SER C 429 20.43 -28.93 23.84
N GLY C 430 20.88 -28.07 22.90
CA GLY C 430 21.46 -28.58 21.68
C GLY C 430 20.42 -29.25 20.81
N ASP C 431 20.86 -30.32 20.11
CA ASP C 431 19.97 -31.04 19.20
C ASP C 431 18.72 -31.55 19.91
N ASP C 432 18.83 -31.85 21.21
CA ASP C 432 17.68 -32.32 21.96
C ASP C 432 16.53 -31.33 21.91
N ALA C 433 16.83 -30.04 21.87
CA ALA C 433 15.80 -29.01 21.82
C ALA C 433 15.27 -28.76 20.41
N LYS C 434 15.90 -29.32 19.38
CA LYS C 434 15.46 -29.08 18.02
C LYS C 434 14.10 -29.72 17.76
N LYS C 435 13.86 -30.91 18.33
CA LYS C 435 12.62 -31.62 18.05
C LYS C 435 11.39 -30.82 18.45
N TYR C 436 11.47 -30.07 19.54
CA TYR C 436 10.39 -29.15 19.93
C TYR C 436 10.57 -27.86 19.16
N THR C 437 9.78 -27.69 18.09
CA THR C 437 9.92 -26.49 17.27
C THR C 437 9.37 -25.30 18.03
N CYS C 438 10.25 -24.59 18.75
CA CYS C 438 9.86 -23.47 19.59
C CYS C 438 10.50 -22.20 19.04
N THR C 439 9.72 -21.40 18.32
CA THR C 439 10.25 -20.17 17.72
C THR C 439 10.49 -19.10 18.79
N VAL C 440 9.43 -18.69 19.49
CA VAL C 440 9.58 -17.71 20.55
C VAL C 440 10.32 -18.32 21.74
N SER C 441 10.95 -17.46 22.53
CA SER C 441 11.75 -17.92 23.66
C SER C 441 11.66 -16.89 24.78
N THR C 442 12.35 -17.17 25.89
CA THR C 442 12.30 -16.34 27.08
C THR C 442 13.07 -15.04 26.95
N GLY C 443 14.02 -14.97 26.02
CA GLY C 443 14.83 -13.79 25.85
C GLY C 443 16.07 -13.73 26.71
N PHE C 444 16.20 -14.61 27.70
CA PHE C 444 17.38 -14.65 28.55
C PHE C 444 17.87 -16.09 28.67
N LYS C 445 19.18 -16.24 28.84
CA LYS C 445 19.79 -17.54 28.94
C LYS C 445 19.33 -18.27 30.21
N PHE C 446 19.32 -19.59 30.13
CA PHE C 446 18.98 -20.44 31.27
C PHE C 446 20.25 -20.75 32.05
N ASP C 447 20.42 -20.09 33.19
CA ASP C 447 21.58 -20.36 34.04
C ASP C 447 21.41 -21.71 34.70
N ASP C 448 22.39 -22.60 34.50
CA ASP C 448 22.30 -23.95 35.04
C ASP C 448 22.24 -23.94 36.57
N THR C 449 23.21 -23.24 37.18
CA THR C 449 23.33 -23.29 38.66
C THR C 449 22.45 -22.21 39.30
N LYS C 450 21.26 -22.00 38.74
CA LYS C 450 20.32 -21.04 39.36
C LYS C 450 18.99 -21.77 39.58
N PHE C 451 18.73 -22.81 38.79
CA PHE C 451 17.50 -23.64 39.02
C PHE C 451 17.79 -24.56 40.21
N VAL C 452 17.75 -24.02 41.43
CA VAL C 452 18.08 -24.79 42.62
C VAL C 452 17.01 -24.52 43.68
N GLU C 453 16.62 -25.59 44.39
CA GLU C 453 15.59 -25.46 45.40
C GLU C 453 16.03 -24.54 46.53
N ASP C 454 17.29 -24.66 46.96
CA ASP C 454 17.82 -23.88 48.07
C ASP C 454 18.88 -22.92 47.57
N SER C 455 18.73 -21.65 47.92
CA SER C 455 19.68 -20.60 47.56
C SER C 455 19.35 -19.38 48.41
N PRO C 456 20.31 -18.45 48.59
CA PRO C 456 20.00 -17.24 49.35
C PRO C 456 19.23 -16.22 48.54
N GLU C 457 18.06 -16.69 48.15
CA GLU C 457 17.16 -15.78 47.41
C GLU C 457 15.78 -16.46 47.32
N MET C 458 15.73 -17.80 47.32
CA MET C 458 14.42 -18.45 47.30
C MET C 458 13.68 -18.28 48.63
N GLU C 459 14.40 -18.24 49.75
CA GLU C 459 13.73 -18.11 51.04
C GLU C 459 13.10 -16.73 51.19
N GLU C 460 13.80 -15.70 50.74
CA GLU C 460 13.25 -14.31 50.84
C GLU C 460 12.07 -14.19 49.86
N LEU C 461 12.19 -14.84 48.69
CA LEU C 461 11.10 -14.79 47.72
C LEU C 461 9.86 -15.46 48.27
N MET C 462 10.02 -16.66 48.85
CA MET C 462 8.90 -17.36 49.46
C MET C 462 8.30 -16.54 50.60
N ASN C 463 9.15 -15.84 51.36
CA ASN C 463 8.64 -14.91 52.36
C ASN C 463 7.80 -13.83 51.70
N ILE C 464 8.19 -13.40 50.49
CA ILE C 464 7.42 -12.39 49.78
C ILE C 464 6.03 -12.92 49.44
N ILE C 465 5.94 -14.15 48.93
CA ILE C 465 4.60 -14.73 48.71
C ILE C 465 3.83 -14.83 50.03
N ASN C 466 4.50 -15.28 51.10
CA ASN C 466 3.80 -15.44 52.37
C ASN C 466 3.24 -14.12 52.87
N ASP C 467 4.00 -13.03 52.71
CA ASP C 467 3.48 -11.72 53.07
C ASP C 467 2.34 -11.30 52.16
N ILE C 468 2.47 -11.54 50.86
CA ILE C 468 1.40 -11.17 49.92
C ILE C 468 0.22 -12.12 50.07
N GLN C 469 0.47 -13.42 50.07
CA GLN C 469 -0.56 -14.45 50.17
C GLN C 469 -0.21 -15.40 51.31
N PRO C 470 -0.68 -15.11 52.51
CA PRO C 470 -0.41 -16.03 53.63
C PRO C 470 -1.22 -17.31 53.51
N LEU C 471 -0.69 -18.37 54.10
CA LEU C 471 -1.33 -19.68 54.03
C LEU C 471 -2.32 -19.88 55.18
N THR C 472 -3.25 -18.95 55.32
CA THR C 472 -4.29 -19.06 56.33
C THR C 472 -5.46 -19.87 55.79
N ASP C 473 -6.38 -20.24 56.69
CA ASP C 473 -7.55 -21.00 56.29
C ASP C 473 -8.43 -20.21 55.33
N GLU C 474 -8.64 -18.93 55.62
CA GLU C 474 -9.48 -18.11 54.75
C GLU C 474 -8.76 -17.75 53.45
N ASN C 475 -7.44 -17.63 53.49
CA ASN C 475 -6.66 -17.31 52.30
C ASN C 475 -6.17 -18.55 51.57
N LYS C 476 -6.51 -19.75 52.05
CA LYS C 476 -6.05 -20.97 51.40
C LYS C 476 -6.54 -21.06 49.96
N LYS C 477 -7.84 -20.83 49.75
CA LYS C 477 -8.39 -20.87 48.40
C LYS C 477 -7.77 -19.79 47.52
N ASN C 478 -7.62 -18.60 48.09
CA ASN C 478 -6.97 -17.49 47.34
C ASN C 478 -5.56 -17.92 46.95
N ARG C 479 -4.81 -18.47 47.92
CA ARG C 479 -3.43 -18.85 47.65
C ARG C 479 -3.34 -19.92 46.57
N GLU C 480 -4.22 -20.92 46.62
CA GLU C 480 -4.20 -21.95 45.58
C GLU C 480 -4.55 -21.36 44.21
N LEU C 481 -5.54 -20.47 44.15
CA LEU C 481 -5.88 -19.85 42.88
C LEU C 481 -4.73 -19.00 42.35
N TYR C 482 -4.07 -18.25 43.24
CA TYR C 482 -2.93 -17.43 42.85
C TYR C 482 -1.80 -18.30 42.31
N GLU C 483 -1.51 -19.41 42.99
CA GLU C 483 -0.46 -20.32 42.53
C GLU C 483 -0.82 -20.93 41.19
N LYS C 484 -2.08 -21.35 41.01
CA LYS C 484 -2.51 -21.94 39.76
C LYS C 484 -2.38 -20.94 38.61
N THR C 485 -2.81 -19.69 38.84
CA THR C 485 -2.73 -18.69 37.79
C THR C 485 -1.28 -18.37 37.45
N LEU C 486 -0.42 -18.25 38.46
CA LEU C 486 0.99 -17.98 38.19
C LEU C 486 1.66 -19.12 37.43
N SER C 487 1.35 -20.36 37.80
CA SER C 487 1.93 -21.51 37.12
C SER C 487 1.34 -21.70 35.73
N SER C 488 0.16 -21.16 35.46
CA SER C 488 -0.45 -21.31 34.15
C SER C 488 0.29 -20.52 33.08
N CYS C 489 1.12 -19.55 33.46
CA CYS C 489 1.87 -18.78 32.47
C CYS C 489 3.13 -19.53 32.08
N LEU C 490 2.99 -20.82 31.77
CA LEU C 490 4.10 -21.62 31.26
C LEU C 490 3.68 -22.59 30.17
N CYS C 491 2.42 -22.58 29.76
CA CYS C 491 1.89 -23.55 28.80
C CYS C 491 1.71 -22.91 27.43
N GLY C 492 2.02 -23.68 26.39
CA GLY C 492 1.78 -23.27 25.03
C GLY C 492 0.38 -23.50 24.53
N ALA C 493 -0.51 -24.00 25.38
CA ALA C 493 -1.91 -24.19 25.00
C ALA C 493 -2.64 -22.86 25.06
N THR C 494 -3.94 -22.87 24.82
CA THR C 494 -4.76 -21.68 24.86
C THR C 494 -5.64 -21.73 26.10
N LYS C 495 -5.56 -20.68 26.92
CA LYS C 495 -6.36 -20.61 28.13
C LYS C 495 -7.75 -20.08 27.82
N GLY C 496 -8.71 -20.48 28.65
CA GLY C 496 -10.08 -20.08 28.43
C GLY C 496 -10.72 -19.43 29.65
N CYS C 497 -9.95 -18.65 30.39
CA CYS C 497 -10.46 -18.00 31.59
C CYS C 497 -9.65 -16.75 31.86
N LEU C 498 -10.34 -15.65 32.20
CA LEU C 498 -9.68 -14.41 32.61
C LEU C 498 -9.57 -14.38 34.12
N THR C 499 -8.38 -14.09 34.61
CA THR C 499 -8.11 -14.02 36.05
C THR C 499 -7.83 -12.59 36.44
N PHE C 500 -8.47 -12.13 37.51
CA PHE C 500 -8.36 -10.76 37.98
C PHE C 500 -7.37 -10.66 39.12
N PHE C 501 -6.84 -9.44 39.31
CA PHE C 501 -5.91 -9.14 40.39
C PHE C 501 -6.49 -8.09 41.32
N PHE C 502 -7.75 -8.30 41.70
CA PHE C 502 -8.48 -7.31 42.54
C PHE C 502 -7.77 -7.08 43.87
N GLY C 503 -7.82 -5.85 44.35
CA GLY C 503 -7.21 -5.51 45.63
C GLY C 503 -7.07 -4.01 45.76
N GLU C 504 -6.57 -3.58 46.91
CA GLU C 504 -6.38 -2.11 47.01
C GLU C 504 -4.96 -1.74 46.59
N THR C 505 -4.56 -0.52 46.89
CA THR C 505 -3.24 -0.04 46.53
C THR C 505 -2.19 -0.55 47.51
N ALA C 506 -0.99 -0.78 46.99
CA ALA C 506 0.14 -1.30 47.77
C ALA C 506 -0.21 -2.64 48.40
N THR C 507 -0.47 -3.63 47.54
CA THR C 507 -0.84 -4.97 47.97
C THR C 507 0.10 -6.04 47.45
N GLY C 508 0.98 -5.73 46.50
CA GLY C 508 1.88 -6.71 45.94
C GLY C 508 1.53 -7.21 44.56
N LYS C 509 0.44 -6.73 43.98
CA LYS C 509 0.13 -7.11 42.59
C LYS C 509 1.36 -6.77 41.76
N SER C 510 1.66 -5.51 41.57
CA SER C 510 2.75 -5.15 40.66
C SER C 510 4.05 -5.84 41.08
N THR C 511 4.20 -6.18 42.36
CA THR C 511 5.32 -7.00 42.77
C THR C 511 5.26 -8.37 42.11
N THR C 512 4.06 -8.97 42.07
CA THR C 512 3.89 -10.24 41.37
C THR C 512 4.16 -10.08 39.88
N LYS C 513 3.72 -8.97 39.29
CA LYS C 513 3.99 -8.71 37.88
C LYS C 513 5.48 -8.64 37.60
N ARG C 514 6.22 -7.91 38.45
CA ARG C 514 7.67 -7.80 38.27
C ARG C 514 8.34 -9.16 38.45
N LEU C 515 7.89 -9.94 39.44
CA LEU C 515 8.45 -11.28 39.63
C LEU C 515 8.20 -12.16 38.43
N LEU C 516 7.00 -12.10 37.86
CA LEU C 516 6.69 -12.90 36.68
C LEU C 516 7.52 -12.47 35.49
N LYS C 517 7.69 -11.17 35.29
CA LYS C 517 8.50 -10.68 34.18
C LYS C 517 9.95 -11.14 34.33
N SER C 518 10.49 -11.09 35.55
CA SER C 518 11.83 -11.58 35.78
C SER C 518 11.92 -13.09 35.61
N ALA C 519 10.80 -13.79 35.83
CA ALA C 519 10.81 -15.26 35.76
C ALA C 519 10.77 -15.76 34.32
N ILE C 520 9.82 -15.27 33.52
CA ILE C 520 9.64 -15.78 32.16
C ILE C 520 10.31 -14.90 31.11
N GLY C 521 10.14 -13.58 31.21
CA GLY C 521 10.86 -12.67 30.34
C GLY C 521 10.14 -12.25 29.07
N ASP C 522 10.62 -12.74 27.92
CA ASP C 522 10.14 -12.22 26.64
C ASP C 522 8.67 -12.56 26.41
N LEU C 523 8.21 -13.69 26.93
CA LEU C 523 6.83 -14.11 26.73
C LEU C 523 5.91 -13.38 27.71
N PHE C 524 6.02 -12.05 27.68
CA PHE C 524 5.30 -11.18 28.60
C PHE C 524 5.04 -9.87 27.91
N VAL C 525 3.77 -9.47 27.84
CA VAL C 525 3.36 -8.20 27.24
C VAL C 525 2.48 -7.46 28.22
N GLU C 526 2.71 -6.16 28.33
CA GLU C 526 1.91 -5.30 29.20
C GLU C 526 1.15 -4.26 28.38
N ILE C 544 -3.25 -6.82 19.24
CA ILE C 544 -3.65 -8.21 19.06
C ILE C 544 -2.57 -8.97 18.30
N ALA C 545 -2.09 -8.37 17.21
CA ALA C 545 -1.01 -8.99 16.45
C ALA C 545 0.26 -9.11 17.27
N ASN C 546 0.57 -8.07 18.07
CA ASN C 546 1.75 -8.10 18.91
C ASN C 546 1.64 -9.19 19.97
N MET C 547 0.46 -9.37 20.54
CA MET C 547 0.25 -10.38 21.58
C MET C 547 0.04 -11.75 20.95
N HIS C 548 0.96 -12.17 20.11
CA HIS C 548 0.90 -13.47 19.44
C HIS C 548 1.99 -14.38 20.00
N LEU C 549 1.62 -15.63 20.27
CA LEU C 549 2.54 -16.68 20.68
C LEU C 549 3.15 -16.42 22.06
N LYS C 550 2.61 -15.48 22.80
CA LYS C 550 3.08 -15.20 24.16
C LYS C 550 2.36 -16.09 25.15
N ARG C 551 3.02 -16.36 26.27
CA ARG C 551 2.45 -17.21 27.31
C ARG C 551 1.74 -16.43 28.41
N SER C 552 2.22 -15.24 28.74
CA SER C 552 1.59 -14.39 29.75
C SER C 552 1.43 -12.98 29.20
N VAL C 553 0.36 -12.32 29.61
CA VAL C 553 0.05 -10.97 29.17
C VAL C 553 -0.76 -10.27 30.24
N PHE C 554 -0.64 -8.95 30.30
CA PHE C 554 -1.38 -8.15 31.26
C PHE C 554 -2.27 -7.13 30.56
N LYS C 575 -14.84 -12.94 25.78
CA LYS C 575 -15.04 -14.20 25.09
C LYS C 575 -14.18 -14.29 23.83
N LYS C 576 -13.89 -13.13 23.23
CA LYS C 576 -13.05 -13.11 22.04
C LYS C 576 -11.60 -13.43 22.37
N LEU C 577 -11.16 -13.09 23.59
CA LEU C 577 -9.79 -13.38 24.00
C LEU C 577 -9.60 -14.83 24.45
N THR C 578 -10.68 -15.59 24.65
CA THR C 578 -10.59 -16.95 25.17
C THR C 578 -10.83 -18.00 24.09
N GLU C 579 -10.35 -17.76 22.88
CA GLU C 579 -10.40 -18.75 21.81
C GLU C 579 -9.02 -18.90 21.18
N PRO C 580 -8.70 -20.10 20.68
CA PRO C 580 -7.35 -20.33 20.13
C PRO C 580 -7.00 -19.42 18.97
N CYS C 581 -7.98 -18.89 18.24
CA CYS C 581 -7.70 -18.02 17.11
C CYS C 581 -8.01 -16.56 17.45
N ARG C 595 -2.76 -17.31 16.46
CA ARG C 595 -2.74 -18.16 17.64
C ARG C 595 -2.70 -17.31 18.91
N ASN C 596 -3.10 -17.91 20.03
CA ASN C 596 -3.21 -17.18 21.30
C ASN C 596 -2.92 -18.15 22.44
N HIS C 597 -1.69 -18.07 22.97
CA HIS C 597 -1.28 -18.88 24.11
C HIS C 597 -1.27 -18.09 25.41
N ALA C 598 -1.64 -16.81 25.37
CA ALA C 598 -1.41 -15.91 26.50
C ALA C 598 -2.37 -16.18 27.65
N THR C 599 -1.86 -16.03 28.87
CA THR C 599 -2.68 -16.03 30.08
C THR C 599 -3.11 -14.60 30.33
N ILE C 600 -4.32 -14.25 29.91
CA ILE C 600 -4.79 -12.87 30.01
C ILE C 600 -5.03 -12.53 31.47
N ILE C 601 -4.35 -11.50 31.96
CA ILE C 601 -4.45 -11.05 33.34
C ILE C 601 -4.83 -9.57 33.34
N ILE C 602 -5.83 -9.23 34.14
CA ILE C 602 -6.31 -7.85 34.25
C ILE C 602 -6.08 -7.38 35.68
N ASP C 603 -5.43 -6.23 35.83
CA ASP C 603 -5.16 -5.63 37.13
C ASP C 603 -6.18 -4.54 37.38
N THR C 604 -6.88 -4.62 38.51
CA THR C 604 -7.91 -3.65 38.87
C THR C 604 -7.73 -3.25 40.33
N ASN C 605 -8.22 -2.05 40.64
CA ASN C 605 -8.13 -1.52 42.00
C ASN C 605 -9.52 -1.31 42.60
N VAL C 623 -11.04 -14.62 40.11
CA VAL C 623 -10.49 -13.44 40.76
C VAL C 623 -9.71 -13.86 41.99
N VAL C 624 -8.44 -13.45 42.05
CA VAL C 624 -7.59 -13.67 43.21
C VAL C 624 -7.54 -12.37 43.99
N ARG C 625 -8.18 -12.34 45.15
CA ARG C 625 -8.25 -11.12 45.93
C ARG C 625 -6.97 -10.92 46.72
N PHE C 626 -6.68 -9.66 47.00
CA PHE C 626 -5.50 -9.26 47.73
C PHE C 626 -5.88 -8.51 49.00
N ARG C 627 -5.24 -8.87 50.09
CA ARG C 627 -5.51 -8.25 51.37
C ARG C 627 -4.30 -7.55 51.98
N THR C 628 -3.17 -8.22 52.05
CA THR C 628 -2.05 -7.72 52.84
C THR C 628 -1.45 -6.51 52.15
N HIS C 629 -2.01 -5.36 52.53
CA HIS C 629 -1.48 -4.10 51.98
C HIS C 629 -0.11 -3.92 52.59
N PHE C 630 0.75 -3.32 51.81
CA PHE C 630 2.14 -3.16 52.30
C PHE C 630 2.42 -1.69 52.52
N SER C 631 2.61 -1.36 53.79
CA SER C 631 2.76 0.08 54.09
C SER C 631 4.21 0.49 54.26
N GLN C 632 4.44 1.79 54.34
CA GLN C 632 5.74 2.43 54.48
C GLN C 632 6.06 2.80 55.93
N PRO C 633 7.27 3.27 56.19
CA PRO C 633 7.54 3.90 57.49
C PRO C 633 6.57 5.02 57.82
N SER C 634 6.31 5.92 56.88
CA SER C 634 5.24 6.89 57.06
C SER C 634 3.89 6.20 57.09
N GLY C 635 3.81 5.04 56.45
CA GLY C 635 2.57 4.28 56.43
C GLY C 635 2.51 3.27 57.55
N ARG C 636 3.56 3.22 58.36
CA ARG C 636 3.45 2.52 59.64
C ARG C 636 2.24 3.04 60.40
N GLU C 637 2.13 4.36 60.49
CA GLU C 637 0.96 4.97 61.12
C GLU C 637 -0.21 4.97 60.16
N ALA C 638 -0.10 4.23 59.06
CA ALA C 638 -1.23 3.93 58.22
C ALA C 638 -1.59 2.45 58.24
N ALA C 639 -1.43 1.79 59.39
CA ALA C 639 -1.51 0.35 59.46
C ALA C 639 -2.42 -0.20 60.54
N GLU C 640 -3.39 0.57 61.05
CA GLU C 640 -4.25 0.05 62.09
C GLU C 640 -5.72 0.54 62.05
N ASN C 641 -6.35 0.85 60.91
CA ASN C 641 -7.80 1.06 60.93
C ASN C 641 -8.60 0.40 59.82
N ASN C 642 -8.13 0.37 58.57
CA ASN C 642 -9.00 0.06 57.45
C ASN C 642 -9.02 -1.44 57.12
N ASP C 643 -10.24 -1.99 57.02
CA ASP C 643 -10.45 -3.41 56.80
C ASP C 643 -10.36 -3.84 55.35
N ALA C 644 -9.98 -2.95 54.44
CA ALA C 644 -9.63 -3.42 53.11
C ALA C 644 -8.40 -4.31 53.14
N TYR C 645 -7.65 -4.30 54.24
CA TYR C 645 -6.46 -5.10 54.40
C TYR C 645 -6.59 -5.98 55.64
N ASP C 646 -5.73 -6.98 55.73
CA ASP C 646 -5.67 -7.82 56.92
C ASP C 646 -4.29 -7.86 57.55
N LYS C 647 -3.26 -7.47 56.82
CA LYS C 647 -1.91 -7.43 57.37
C LYS C 647 -1.15 -6.31 56.67
N VAL C 648 -0.18 -5.75 57.37
CA VAL C 648 0.65 -4.68 56.83
C VAL C 648 2.09 -5.05 57.14
N LYS C 649 2.76 -5.70 56.19
CA LYS C 649 4.18 -5.88 56.36
C LYS C 649 4.87 -4.53 56.16
N LEU C 650 6.18 -4.51 56.45
CA LEU C 650 6.93 -3.28 56.30
C LEU C 650 7.37 -3.14 54.85
N LEU C 651 7.20 -1.96 54.30
CA LEU C 651 7.70 -1.69 52.96
C LEU C 651 9.22 -1.89 52.92
N ASP C 652 9.70 -2.31 51.76
CA ASP C 652 11.13 -2.51 51.53
C ASP C 652 11.45 -1.91 50.18
N GLU C 653 11.76 -0.62 50.16
CA GLU C 653 11.98 0.06 48.89
C GLU C 653 13.08 -0.60 48.08
N GLY C 654 14.07 -1.18 48.76
CA GLY C 654 15.13 -1.87 48.04
C GLY C 654 14.67 -3.08 47.26
N LEU C 655 13.52 -3.65 47.64
CA LEU C 655 13.04 -4.87 46.99
C LEU C 655 12.81 -4.65 45.50
N ASP C 656 12.02 -3.62 45.19
CA ASP C 656 11.71 -3.31 43.76
C ASP C 656 13.01 -3.28 42.97
N GLY C 657 14.00 -2.54 43.46
CA GLY C 657 15.27 -2.51 42.75
C GLY C 657 15.85 -3.90 42.61
N LYS C 658 15.75 -4.70 43.66
CA LYS C 658 16.22 -6.08 43.58
C LYS C 658 15.19 -6.99 42.93
N ILE C 659 14.67 -6.53 41.78
CA ILE C 659 13.85 -7.36 40.91
C ILE C 659 14.39 -7.19 39.50
N GLN C 660 14.44 -5.94 39.03
CA GLN C 660 15.00 -5.67 37.71
C GLN C 660 16.43 -6.13 37.59
N ASN C 661 17.16 -6.19 38.71
CA ASN C 661 18.44 -6.85 38.72
C ASN C 661 18.34 -8.34 38.50
N ASN C 662 17.13 -8.91 38.57
CA ASN C 662 16.92 -10.34 38.40
C ASN C 662 17.61 -11.14 39.51
N ARG C 663 17.45 -10.67 40.74
CA ARG C 663 17.93 -11.42 41.89
C ARG C 663 17.01 -12.59 42.19
N TYR C 664 15.71 -12.40 42.03
CA TYR C 664 14.71 -13.42 42.31
C TYR C 664 14.23 -14.12 41.05
N ARG C 665 15.05 -14.17 40.00
CA ARG C 665 14.56 -14.72 38.74
C ARG C 665 14.43 -16.23 38.82
N PHE C 666 15.54 -16.94 38.92
CA PHE C 666 15.49 -18.38 38.81
C PHE C 666 14.85 -19.00 40.04
N ALA C 667 14.91 -18.33 41.18
CA ALA C 667 14.07 -18.72 42.29
C ALA C 667 12.61 -18.73 41.87
N PHE C 668 12.18 -17.70 41.15
CA PHE C 668 10.79 -17.69 40.73
C PHE C 668 10.52 -18.76 39.69
N LEU C 669 11.47 -19.04 38.81
CA LEU C 669 11.27 -20.11 37.85
C LEU C 669 11.09 -21.45 38.56
N TYR C 670 11.91 -21.70 39.57
CA TYR C 670 11.77 -22.92 40.34
C TYR C 670 10.41 -22.98 41.02
N LEU C 671 9.97 -21.86 41.57
CA LEU C 671 8.68 -21.87 42.26
C LEU C 671 7.53 -22.10 41.29
N LEU C 672 7.58 -21.44 40.13
CA LEU C 672 6.53 -21.61 39.14
C LEU C 672 6.47 -23.05 38.66
N VAL C 673 7.63 -23.62 38.34
CA VAL C 673 7.65 -25.01 37.78
C VAL C 673 7.14 -25.96 38.86
N LYS C 674 7.68 -25.85 40.08
CA LYS C 674 7.21 -26.70 41.20
C LYS C 674 5.69 -26.61 41.28
N TRP C 675 5.14 -25.39 41.31
CA TRP C 675 3.69 -25.21 41.38
C TRP C 675 3.01 -25.76 40.14
N TYR C 676 3.64 -25.62 38.97
CA TYR C 676 3.02 -26.09 37.73
C TYR C 676 2.80 -27.59 37.75
N LYS C 677 3.81 -28.36 38.18
CA LYS C 677 3.62 -29.80 38.26
C LYS C 677 2.94 -30.18 39.57
N LYS C 678 1.89 -29.44 39.90
CA LYS C 678 0.98 -29.80 41.00
C LYS C 678 -0.49 -29.62 40.63
N TYR C 679 -0.81 -28.78 39.66
CA TYR C 679 -2.18 -28.52 39.25
C TYR C 679 -2.48 -28.90 37.81
N HIS C 680 -1.47 -28.88 36.93
CA HIS C 680 -1.69 -29.05 35.49
C HIS C 680 -0.98 -30.28 34.93
N ILE C 681 -0.56 -31.21 35.79
CA ILE C 681 0.09 -32.43 35.29
C ILE C 681 -0.85 -33.26 34.42
N PRO C 682 -2.09 -33.60 34.85
CA PRO C 682 -2.98 -34.33 33.94
C PRO C 682 -3.47 -33.47 32.79
N ILE C 683 -3.98 -32.28 33.11
CA ILE C 683 -4.58 -31.39 32.12
C ILE C 683 -4.48 -29.96 32.63
N MET C 684 -4.22 -29.02 31.73
CA MET C 684 -4.13 -27.61 32.07
C MET C 684 -5.47 -26.95 31.79
N LYS C 685 -6.03 -26.31 32.81
CA LYS C 685 -7.30 -25.62 32.68
C LYS C 685 -7.46 -24.62 33.80
N LEU C 686 -8.19 -23.54 33.51
CA LEU C 686 -8.50 -22.50 34.49
C LEU C 686 -10.02 -22.42 34.62
N TYR C 687 -10.50 -22.41 35.87
CA TYR C 687 -11.93 -22.47 36.14
C TYR C 687 -12.48 -21.06 36.35
N PRO C 688 -13.46 -20.62 35.56
CA PRO C 688 -14.10 -19.30 35.72
C PRO C 688 -14.93 -19.21 37.00
N GLY D 323 42.20 -20.41 1.22
CA GLY D 323 40.95 -20.86 0.66
C GLY D 323 40.21 -19.79 -0.11
N ASN D 324 40.03 -18.63 0.53
CA ASN D 324 39.35 -17.51 -0.09
C ASN D 324 39.87 -16.22 0.52
N LYS D 325 40.41 -15.34 -0.33
CA LYS D 325 40.96 -14.08 0.15
C LYS D 325 39.88 -13.17 0.70
N LEU D 326 38.73 -13.10 0.03
CA LEU D 326 37.63 -12.25 0.46
C LEU D 326 36.89 -12.79 1.67
N PHE D 327 37.22 -14.00 2.12
CA PHE D 327 36.73 -14.50 3.40
C PHE D 327 37.77 -14.36 4.51
N ASN D 328 39.05 -14.52 4.19
CA ASN D 328 40.09 -14.22 5.17
C ASN D 328 40.04 -12.75 5.55
N ILE D 329 39.79 -11.87 4.57
CA ILE D 329 39.66 -10.44 4.87
C ILE D 329 38.47 -10.20 5.80
N ALA D 330 37.34 -10.87 5.54
CA ALA D 330 36.17 -10.70 6.39
C ALA D 330 36.44 -11.20 7.80
N GLN D 331 37.13 -12.34 7.92
CA GLN D 331 37.49 -12.85 9.24
C GLN D 331 38.40 -11.87 9.98
N ARG D 332 39.38 -11.30 9.28
CA ARG D 332 40.28 -10.35 9.91
C ARG D 332 39.55 -9.09 10.34
N ILE D 333 38.58 -8.63 9.54
CA ILE D 333 37.81 -7.45 9.91
C ILE D 333 36.93 -7.75 11.12
N LEU D 334 36.33 -8.93 11.17
CA LEU D 334 35.51 -9.29 12.32
C LEU D 334 36.32 -9.57 13.57
N ASP D 335 37.60 -9.91 13.43
CA ASP D 335 38.45 -10.12 14.60
C ASP D 335 38.69 -8.84 15.38
N THR D 336 38.53 -7.67 14.75
CA THR D 336 38.77 -6.40 15.42
C THR D 336 37.54 -5.89 16.18
N ASN D 337 36.43 -6.63 16.14
CA ASN D 337 35.21 -6.27 16.88
C ASN D 337 34.67 -4.92 16.44
N SER D 338 34.93 -4.53 15.20
CA SER D 338 34.45 -3.24 14.70
C SER D 338 32.96 -3.28 14.37
N VAL D 339 32.44 -4.41 13.91
CA VAL D 339 31.05 -4.56 13.53
C VAL D 339 30.35 -5.42 14.55
N LEU D 340 29.17 -4.98 15.00
CA LEU D 340 28.35 -5.77 15.90
C LEU D 340 26.90 -5.76 15.42
N LEU D 341 26.12 -6.72 15.91
CA LEU D 341 24.71 -6.85 15.57
C LEU D 341 23.86 -6.52 16.79
N THR D 342 22.82 -5.72 16.58
CA THR D 342 21.98 -5.21 17.65
C THR D 342 20.57 -5.74 17.48
N GLU D 343 19.94 -6.07 18.63
CA GLU D 343 18.69 -6.82 18.69
C GLU D 343 17.60 -6.27 17.78
N ARG D 344 17.71 -5.02 17.34
CA ARG D 344 16.81 -4.56 16.29
C ARG D 344 17.15 -5.21 14.94
N GLY D 345 18.07 -6.17 14.94
CA GLY D 345 18.55 -6.79 13.73
C GLY D 345 19.46 -5.91 12.91
N ASP D 346 20.04 -4.88 13.51
CA ASP D 346 20.76 -3.85 12.75
C ASP D 346 22.24 -3.89 13.08
N HIS D 347 23.06 -3.65 12.07
CA HIS D 347 24.51 -3.73 12.24
C HIS D 347 25.06 -2.37 12.58
N ILE D 348 25.74 -2.28 13.72
CA ILE D 348 26.44 -1.06 14.13
C ILE D 348 27.92 -1.23 13.84
N VAL D 349 28.56 -0.12 13.46
CA VAL D 349 29.93 -0.14 12.98
C VAL D 349 30.73 0.93 13.70
N TRP D 350 32.05 0.80 13.65
CA TRP D 350 32.99 1.65 14.37
C TRP D 350 33.93 2.33 13.38
N ILE D 351 33.59 3.55 12.99
CA ILE D 351 34.42 4.36 12.11
C ILE D 351 34.64 5.74 12.74
N ASN D 352 35.86 6.22 12.66
CA ASN D 352 36.31 7.51 13.21
C ASN D 352 35.68 7.78 14.59
N ASN D 353 35.89 6.84 15.49
CA ASN D 353 35.59 7.02 16.92
C ASN D 353 34.12 7.32 17.16
N SER D 354 33.24 6.48 16.63
CA SER D 354 31.81 6.61 16.87
C SER D 354 31.08 5.33 16.45
N TRP D 355 30.21 4.82 17.33
CA TRP D 355 29.43 3.62 17.02
C TRP D 355 28.23 4.04 16.20
N LYS D 356 28.44 4.12 14.88
CA LYS D 356 27.40 4.57 13.97
C LYS D 356 26.52 3.41 13.53
N PHE D 357 25.35 3.74 13.00
CA PHE D 357 24.41 2.75 12.50
C PHE D 357 23.44 3.43 11.54
N ASN D 358 23.04 2.68 10.51
CA ASN D 358 22.10 3.18 9.52
C ASN D 358 21.46 1.99 8.83
N SER D 359 20.20 2.15 8.45
CA SER D 359 19.45 1.11 7.77
C SER D 359 19.19 1.38 6.30
N GLU D 360 19.34 2.63 5.85
CA GLU D 360 19.10 2.98 4.45
C GLU D 360 20.34 2.77 3.59
N GLU D 361 21.50 3.21 4.08
CA GLU D 361 22.78 3.02 3.41
C GLU D 361 23.74 2.39 4.40
N PRO D 362 23.73 1.05 4.54
CA PRO D 362 24.64 0.37 5.46
C PRO D 362 26.08 0.87 5.38
N LEU D 363 26.72 1.02 6.54
CA LEU D 363 28.08 1.52 6.62
C LEU D 363 29.11 0.41 6.72
N ILE D 364 28.71 -0.85 6.53
CA ILE D 364 29.68 -1.94 6.58
C ILE D 364 30.69 -1.80 5.45
N THR D 365 30.23 -1.37 4.27
CA THR D 365 31.17 -1.09 3.18
C THR D 365 32.05 0.11 3.51
N LYS D 366 31.49 1.11 4.19
CA LYS D 366 32.30 2.24 4.66
C LYS D 366 33.41 1.77 5.58
N LEU D 367 33.09 0.84 6.50
CA LEU D 367 34.11 0.34 7.42
C LEU D 367 35.13 -0.52 6.68
N ILE D 368 34.68 -1.29 5.70
CA ILE D 368 35.60 -2.09 4.90
C ILE D 368 36.60 -1.20 4.18
N LEU D 369 36.11 -0.12 3.56
CA LEU D 369 37.02 0.79 2.85
C LEU D 369 37.82 1.64 3.82
N SER D 370 37.35 1.74 5.07
CA SER D 370 38.08 2.48 6.09
C SER D 370 39.20 1.66 6.71
N ILE D 371 39.00 0.35 6.86
CA ILE D 371 39.94 -0.50 7.60
C ILE D 371 41.10 -1.02 6.76
N ARG D 372 41.18 -0.66 5.48
CA ARG D 372 42.22 -1.24 4.63
C ARG D 372 43.62 -0.96 5.15
N HIS D 373 43.81 0.16 5.85
CA HIS D 373 45.15 0.49 6.33
C HIS D 373 45.65 -0.47 7.40
N GLN D 374 44.74 -1.14 8.11
CA GLN D 374 45.11 -2.04 9.19
C GLN D 374 45.28 -3.48 8.72
N LEU D 375 45.13 -3.75 7.43
CA LEU D 375 45.32 -5.08 6.87
C LEU D 375 46.59 -5.13 6.03
N PRO D 376 47.16 -6.31 5.84
CA PRO D 376 48.40 -6.43 5.05
C PRO D 376 48.22 -5.92 3.63
N LYS D 377 49.36 -5.73 2.95
CA LYS D 377 49.35 -5.14 1.62
C LYS D 377 48.60 -6.00 0.63
N GLU D 378 48.77 -7.32 0.70
CA GLU D 378 48.05 -8.21 -0.20
C GLU D 378 46.55 -8.16 0.03
N TYR D 379 46.12 -7.96 1.27
CA TYR D 379 44.71 -7.82 1.59
C TYR D 379 44.21 -6.39 1.47
N SER D 380 45.10 -5.42 1.27
CA SER D 380 44.72 -4.02 1.15
C SER D 380 44.40 -3.65 -0.30
N SER D 381 45.13 -4.20 -1.26
CA SER D 381 44.88 -3.92 -2.66
C SER D 381 43.59 -4.53 -3.16
N GLU D 382 43.02 -5.48 -2.44
CA GLU D 382 41.78 -6.14 -2.84
C GLU D 382 40.53 -5.41 -2.37
N LEU D 383 40.66 -4.45 -1.46
CA LEU D 383 39.52 -3.72 -0.93
C LEU D 383 39.21 -2.46 -1.71
N LEU D 384 39.97 -2.17 -2.76
CA LEU D 384 39.77 -0.96 -3.56
C LEU D 384 38.84 -1.20 -4.74
N CYS D 385 37.67 -1.75 -4.47
CA CYS D 385 36.73 -2.09 -5.54
C CYS D 385 35.30 -2.18 -4.99
N PRO D 386 34.36 -1.42 -5.55
CA PRO D 386 33.00 -1.44 -5.00
C PRO D 386 32.29 -2.77 -5.12
N ARG D 387 32.65 -3.61 -6.10
CA ARG D 387 32.03 -4.92 -6.22
C ARG D 387 32.80 -6.00 -5.48
N LYS D 388 34.06 -5.75 -5.14
CA LYS D 388 34.79 -6.59 -4.20
C LYS D 388 34.58 -6.17 -2.76
N ARG D 389 33.86 -5.08 -2.53
CA ARG D 389 33.53 -4.62 -1.20
C ARG D 389 32.09 -4.91 -0.81
N LYS D 390 31.28 -5.42 -1.75
CA LYS D 390 29.98 -5.98 -1.41
C LYS D 390 30.03 -7.49 -1.20
N THR D 391 31.19 -8.10 -1.46
CA THR D 391 31.38 -9.52 -1.15
C THR D 391 31.89 -9.70 0.27
N VAL D 392 32.87 -8.89 0.66
CA VAL D 392 33.35 -8.92 2.04
C VAL D 392 32.23 -8.51 2.99
N GLU D 393 31.40 -7.55 2.57
CA GLU D 393 30.26 -7.15 3.38
C GLU D 393 29.27 -8.29 3.53
N ALA D 394 29.02 -9.03 2.45
CA ALA D 394 28.12 -10.18 2.53
C ALA D 394 28.68 -11.25 3.45
N ASN D 395 29.98 -11.50 3.37
CA ASN D 395 30.61 -12.48 4.26
C ASN D 395 30.51 -12.05 5.71
N ILE D 396 30.73 -10.76 5.99
CA ILE D 396 30.68 -10.27 7.36
C ILE D 396 29.26 -10.33 7.91
N ARG D 397 28.30 -9.85 7.13
CA ARG D 397 26.92 -9.85 7.58
C ARG D 397 26.39 -11.27 7.77
N ASP D 398 26.92 -12.23 7.00
CA ASP D 398 26.54 -13.63 7.14
C ASP D 398 27.25 -14.33 8.29
N MET D 399 28.29 -13.71 8.86
CA MET D 399 29.02 -14.29 9.98
C MET D 399 28.54 -13.76 11.33
N LEU D 400 27.68 -12.74 11.34
CA LEU D 400 27.16 -12.19 12.60
C LEU D 400 25.85 -12.89 12.91
N VAL D 401 25.94 -13.98 13.68
CA VAL D 401 24.79 -14.84 13.93
C VAL D 401 24.03 -14.41 15.18
N ASP D 402 24.73 -14.05 16.25
CA ASP D 402 24.10 -13.73 17.52
C ASP D 402 24.20 -12.23 17.80
N SER D 403 23.22 -11.73 18.53
CA SER D 403 23.12 -10.31 18.84
C SER D 403 24.03 -9.95 20.02
N VAL D 404 24.29 -8.65 20.15
CA VAL D 404 25.07 -8.11 21.26
C VAL D 404 24.30 -6.96 21.89
N GLU D 405 24.54 -6.73 23.17
CA GLU D 405 23.84 -5.70 23.92
C GLU D 405 24.59 -4.38 23.85
N THR D 406 23.83 -3.29 23.77
CA THR D 406 24.37 -1.95 23.62
C THR D 406 24.04 -1.11 24.84
N ASP D 407 24.94 -0.17 25.16
CA ASP D 407 24.73 0.81 26.23
C ASP D 407 24.50 0.13 27.58
N THR D 408 25.53 -0.57 28.04
CA THR D 408 25.48 -1.27 29.32
C THR D 408 26.01 -0.39 30.46
N TYR D 409 27.16 0.24 30.27
CA TYR D 409 27.75 1.05 31.32
C TYR D 409 26.94 2.32 31.53
N PRO D 410 26.46 2.60 32.74
CA PRO D 410 25.69 3.83 32.96
C PRO D 410 26.55 5.04 33.27
N ASP D 411 27.73 4.82 33.86
CA ASP D 411 28.58 5.92 34.31
C ASP D 411 29.61 6.29 33.24
N LYS D 412 29.09 6.61 32.06
CA LYS D 412 29.93 7.01 30.93
C LYS D 412 29.25 8.16 30.19
N LEU D 413 30.07 9.01 29.57
CA LEU D 413 29.57 10.11 28.74
C LEU D 413 30.16 9.98 27.34
N PRO D 414 29.39 9.58 26.34
CA PRO D 414 29.95 9.42 25.00
C PRO D 414 30.00 10.71 24.20
N PHE D 415 31.18 11.25 23.98
CA PHE D 415 31.36 12.39 23.09
C PHE D 415 31.78 11.91 21.71
N LYS D 416 31.60 12.79 20.72
CA LYS D 416 31.85 12.44 19.33
C LYS D 416 33.29 12.00 19.06
N ASN D 417 34.18 12.07 20.06
CA ASN D 417 35.54 11.61 19.90
C ASN D 417 36.01 10.79 21.08
N GLY D 418 35.12 10.04 21.71
CA GLY D 418 35.53 9.11 22.76
C GLY D 418 34.44 8.98 23.81
N VAL D 419 34.83 8.42 24.95
CA VAL D 419 33.95 8.27 26.11
C VAL D 419 34.69 8.78 27.33
N LEU D 420 34.01 9.59 28.14
CA LEU D 420 34.58 10.15 29.36
C LEU D 420 33.97 9.46 30.57
N ASP D 421 34.83 8.98 31.47
CA ASP D 421 34.37 8.39 32.72
C ASP D 421 33.94 9.49 33.69
N LEU D 422 32.90 9.18 34.47
CA LEU D 422 32.40 10.14 35.45
C LEU D 422 33.07 9.97 36.80
N VAL D 423 33.17 8.73 37.29
CA VAL D 423 33.82 8.49 38.58
C VAL D 423 35.32 8.78 38.48
N ASP D 424 35.97 8.24 37.46
CA ASP D 424 37.40 8.48 37.31
C ASP D 424 37.68 9.89 36.83
N GLY D 425 36.90 10.39 35.88
CA GLY D 425 37.12 11.69 35.30
C GLY D 425 38.13 11.73 34.18
N MET D 426 38.80 10.62 33.89
CA MET D 426 39.78 10.58 32.82
C MET D 426 39.08 10.42 31.47
N PHE D 427 39.58 11.13 30.46
CA PHE D 427 38.98 11.13 29.14
C PHE D 427 39.60 10.03 28.29
N TYR D 428 38.77 9.20 27.68
CA TYR D 428 39.20 8.13 26.80
C TYR D 428 38.90 8.50 25.35
N SER D 429 39.78 8.05 24.45
CA SER D 429 39.59 8.27 23.03
C SER D 429 40.16 7.10 22.26
N GLY D 430 39.62 6.87 21.07
CA GLY D 430 40.15 5.81 20.21
C GLY D 430 39.75 4.43 20.69
N ASP D 431 40.71 3.51 20.64
CA ASP D 431 40.42 2.11 20.95
C ASP D 431 39.94 1.93 22.39
N ASP D 432 40.47 2.74 23.31
CA ASP D 432 40.02 2.67 24.70
C ASP D 432 38.54 3.00 24.82
N ALA D 433 38.00 3.81 23.91
CA ALA D 433 36.59 4.15 23.94
C ALA D 433 35.71 3.13 23.23
N LYS D 434 36.31 2.12 22.60
CA LYS D 434 35.51 1.17 21.82
C LYS D 434 34.75 0.20 22.71
N LYS D 435 35.36 -0.21 23.83
CA LYS D 435 34.78 -1.28 24.64
C LYS D 435 33.39 -0.89 25.16
N TYR D 436 33.24 0.33 25.65
CA TYR D 436 31.94 0.81 26.10
C TYR D 436 31.08 1.07 24.87
N THR D 437 30.19 0.12 24.56
CA THR D 437 29.33 0.28 23.39
C THR D 437 28.30 1.35 23.66
N CYS D 438 28.61 2.59 23.28
CA CYS D 438 27.74 3.74 23.52
C CYS D 438 27.19 4.19 22.16
N THR D 439 25.98 3.75 21.85
CA THR D 439 25.39 4.06 20.55
C THR D 439 25.12 5.55 20.41
N VAL D 440 24.29 6.11 21.30
CA VAL D 440 23.95 7.53 21.23
C VAL D 440 25.11 8.34 21.78
N SER D 441 25.46 9.41 21.07
CA SER D 441 26.60 10.24 21.41
C SER D 441 26.13 11.60 21.91
N THR D 442 27.06 12.33 22.54
CA THR D 442 26.75 13.67 23.02
C THR D 442 26.46 14.62 21.85
N GLY D 443 27.00 14.33 20.67
CA GLY D 443 26.72 15.12 19.49
C GLY D 443 27.90 15.95 19.03
N PHE D 444 28.63 16.54 19.97
CA PHE D 444 29.74 17.44 19.66
C PHE D 444 31.06 16.83 20.10
N LYS D 445 32.12 17.20 19.38
CA LYS D 445 33.46 16.74 19.73
C LYS D 445 33.91 17.39 21.03
N PHE D 446 34.77 16.67 21.76
CA PHE D 446 35.26 17.11 23.06
C PHE D 446 36.69 17.63 22.87
N ASP D 447 36.90 18.91 23.18
CA ASP D 447 38.21 19.53 23.07
C ASP D 447 38.90 19.49 24.43
N ASP D 448 40.11 18.94 24.48
CA ASP D 448 40.79 18.78 25.76
C ASP D 448 41.12 20.13 26.39
N THR D 449 41.59 21.09 25.60
CA THR D 449 41.99 22.38 26.15
C THR D 449 40.81 23.35 26.24
N LYS D 450 39.70 22.86 26.78
CA LYS D 450 38.61 23.71 27.27
C LYS D 450 38.01 23.23 28.58
N PHE D 451 38.17 21.94 28.92
CA PHE D 451 37.59 21.36 30.13
C PHE D 451 38.52 21.65 31.31
N VAL D 452 38.51 22.92 31.72
CA VAL D 452 39.40 23.41 32.76
C VAL D 452 38.60 24.14 33.82
N GLU D 453 39.17 24.23 35.01
CA GLU D 453 38.54 24.89 36.15
C GLU D 453 38.83 26.38 36.20
N ASP D 454 39.68 26.89 35.32
CA ASP D 454 40.04 28.31 35.28
C ASP D 454 39.81 28.83 33.88
N SER D 455 38.63 29.40 33.63
CA SER D 455 38.31 29.97 32.33
C SER D 455 37.52 31.24 32.55
N PRO D 456 37.57 32.19 31.61
CA PRO D 456 36.74 33.40 31.75
C PRO D 456 35.25 33.09 31.77
N GLU D 457 34.81 32.05 31.05
CA GLU D 457 33.39 31.72 30.99
C GLU D 457 32.88 31.06 32.25
N MET D 458 33.72 30.28 32.94
CA MET D 458 33.22 29.55 34.11
C MET D 458 32.92 30.50 35.27
N GLU D 459 33.64 31.62 35.36
CA GLU D 459 33.33 32.61 36.38
C GLU D 459 31.91 33.15 36.19
N GLU D 460 31.59 33.59 34.98
CA GLU D 460 30.26 34.11 34.71
C GLU D 460 29.20 33.02 34.79
N LEU D 461 29.55 31.77 34.47
CA LEU D 461 28.59 30.68 34.62
C LEU D 461 28.28 30.41 36.09
N MET D 462 29.29 30.44 36.96
CA MET D 462 29.07 30.31 38.39
C MET D 462 28.23 31.48 38.92
N ASN D 463 28.51 32.69 38.43
CA ASN D 463 27.72 33.85 38.83
C ASN D 463 26.25 33.68 38.41
N ILE D 464 26.02 33.19 37.19
CA ILE D 464 24.66 32.96 36.73
C ILE D 464 23.97 31.90 37.56
N ILE D 465 24.70 30.83 37.91
CA ILE D 465 24.14 29.77 38.74
C ILE D 465 23.72 30.32 40.09
N ASN D 466 24.57 31.14 40.71
CA ASN D 466 24.22 31.75 41.98
C ASN D 466 23.05 32.72 41.84
N ASP D 467 22.96 33.40 40.70
CA ASP D 467 21.85 34.33 40.47
C ASP D 467 20.52 33.59 40.35
N ILE D 468 20.51 32.47 39.63
CA ILE D 468 19.28 31.70 39.46
C ILE D 468 18.80 31.17 40.80
N GLN D 469 19.71 30.58 41.57
CA GLN D 469 19.39 30.13 42.92
C GLN D 469 20.56 30.44 43.85
N PRO D 470 20.32 31.18 44.93
CA PRO D 470 21.40 31.52 45.85
C PRO D 470 21.62 30.41 46.88
N LEU D 471 22.70 30.56 47.63
CA LEU D 471 22.99 29.67 48.76
C LEU D 471 22.43 30.24 50.06
N THR D 472 21.14 30.56 50.06
CA THR D 472 20.49 31.17 51.20
C THR D 472 19.81 30.10 52.05
N ASP D 473 19.18 30.55 53.15
CA ASP D 473 18.56 29.61 54.09
C ASP D 473 17.44 28.82 53.45
N GLU D 474 16.63 29.47 52.61
CA GLU D 474 15.52 28.79 51.95
C GLU D 474 15.97 28.01 50.72
N ASN D 475 17.25 28.05 50.37
CA ASN D 475 17.79 27.34 49.22
C ASN D 475 19.05 26.58 49.59
N LYS D 476 19.00 25.84 50.70
CA LYS D 476 20.08 24.94 51.08
C LYS D 476 19.77 23.49 50.69
N LYS D 477 18.67 22.95 51.18
CA LYS D 477 18.24 21.62 50.75
C LYS D 477 17.72 21.66 49.32
N ASN D 478 17.08 22.77 48.92
CA ASN D 478 16.70 22.93 47.53
C ASN D 478 17.92 22.93 46.63
N ARG D 479 19.02 23.53 47.09
CA ARG D 479 20.26 23.47 46.33
C ARG D 479 20.76 22.03 46.21
N GLU D 480 20.64 21.25 47.29
CA GLU D 480 21.08 19.86 47.25
C GLU D 480 20.26 19.06 46.24
N LEU D 481 18.93 19.22 46.26
CA LEU D 481 18.10 18.50 45.30
C LEU D 481 18.37 18.98 43.88
N TYR D 482 18.60 20.28 43.70
CA TYR D 482 18.95 20.82 42.39
C TYR D 482 20.21 20.17 41.85
N GLU D 483 21.27 20.15 42.66
CA GLU D 483 22.53 19.55 42.23
C GLU D 483 22.37 18.06 41.94
N LYS D 484 21.64 17.36 42.80
CA LYS D 484 21.45 15.92 42.63
C LYS D 484 20.72 15.62 41.33
N THR D 485 19.60 16.31 41.09
CA THR D 485 18.82 16.08 39.88
C THR D 485 19.62 16.45 38.63
N LEU D 486 20.35 17.57 38.68
CA LEU D 486 21.14 17.95 37.51
C LEU D 486 22.23 16.94 37.23
N SER D 487 22.96 16.49 38.26
CA SER D 487 23.99 15.48 38.07
C SER D 487 23.41 14.14 37.66
N SER D 488 22.14 13.88 37.94
CA SER D 488 21.52 12.64 37.53
C SER D 488 21.42 12.51 36.01
N CYS D 489 21.43 13.63 35.28
CA CYS D 489 21.32 13.55 33.83
C CYS D 489 22.67 13.27 33.19
N LEU D 490 23.37 12.27 33.72
CA LEU D 490 24.62 11.79 33.14
C LEU D 490 24.74 10.28 33.19
N CYS D 491 23.70 9.56 33.60
CA CYS D 491 23.77 8.13 33.86
C CYS D 491 22.92 7.36 32.86
N GLY D 492 23.44 6.22 32.43
CA GLY D 492 22.74 5.34 31.52
C GLY D 492 21.75 4.39 32.18
N ALA D 493 21.61 4.47 33.49
CA ALA D 493 20.63 3.63 34.19
C ALA D 493 19.24 4.24 34.01
N THR D 494 18.25 3.66 34.67
CA THR D 494 16.89 4.19 34.67
C THR D 494 16.63 4.87 36.00
N LYS D 495 16.23 6.14 35.94
CA LYS D 495 16.03 6.93 37.14
C LYS D 495 14.77 6.50 37.87
N GLY D 496 14.79 6.59 39.19
CA GLY D 496 13.69 6.15 40.02
C GLY D 496 12.80 7.23 40.59
N CYS D 497 12.90 8.47 40.10
CA CYS D 497 12.06 9.55 40.61
C CYS D 497 11.91 10.62 39.54
N LEU D 498 10.92 11.48 39.74
CA LEU D 498 10.63 12.59 38.84
C LEU D 498 10.84 13.90 39.59
N THR D 499 11.48 14.85 38.92
CA THR D 499 11.79 16.15 39.50
C THR D 499 10.94 17.21 38.81
N PHE D 500 10.27 18.04 39.61
CA PHE D 500 9.43 19.12 39.12
C PHE D 500 10.14 20.46 39.25
N PHE D 501 9.66 21.43 38.47
CA PHE D 501 10.25 22.76 38.43
C PHE D 501 9.19 23.83 38.67
N PHE D 502 8.37 23.63 39.70
CA PHE D 502 7.33 24.60 40.03
C PHE D 502 7.96 25.94 40.43
N GLY D 503 7.42 27.02 39.89
CA GLY D 503 7.92 28.35 40.22
C GLY D 503 7.28 29.39 39.33
N GLU D 504 7.72 30.63 39.53
CA GLU D 504 7.22 31.76 38.77
C GLU D 504 8.06 31.97 37.51
N THR D 505 7.55 32.82 36.63
CA THR D 505 8.26 33.16 35.40
C THR D 505 9.53 33.95 35.72
N ALA D 506 10.54 33.81 34.87
CA ALA D 506 11.82 34.49 35.00
C ALA D 506 12.51 34.11 36.32
N THR D 507 12.65 32.80 36.54
CA THR D 507 13.31 32.27 37.73
C THR D 507 14.57 31.47 37.40
N GLY D 508 14.65 30.89 36.21
CA GLY D 508 15.81 30.12 35.81
C GLY D 508 15.47 28.78 35.19
N LYS D 509 14.18 28.54 34.98
CA LYS D 509 13.73 27.26 34.42
C LYS D 509 14.27 27.07 33.01
N SER D 510 13.85 27.93 32.08
CA SER D 510 14.28 27.80 30.69
C SER D 510 15.77 28.07 30.53
N THR D 511 16.33 28.96 31.36
CA THR D 511 17.76 29.20 31.31
C THR D 511 18.54 27.94 31.67
N THR D 512 18.13 27.25 32.73
CA THR D 512 18.78 25.99 33.09
C THR D 512 18.53 24.93 32.01
N LYS D 513 17.33 24.93 31.42
CA LYS D 513 17.03 24.00 30.35
C LYS D 513 18.01 24.17 29.19
N ARG D 514 18.20 25.41 28.74
CA ARG D 514 19.11 25.68 27.64
C ARG D 514 20.55 25.42 28.02
N LEU D 515 20.93 25.72 29.26
CA LEU D 515 22.30 25.45 29.71
C LEU D 515 22.59 23.95 29.73
N LEU D 516 21.64 23.15 30.23
CA LEU D 516 21.83 21.70 30.24
C LEU D 516 21.83 21.14 28.81
N LYS D 517 21.01 21.71 27.94
CA LYS D 517 21.03 21.30 26.53
C LYS D 517 22.39 21.56 25.92
N SER D 518 22.96 22.75 26.17
CA SER D 518 24.29 23.07 25.67
C SER D 518 25.35 22.21 26.32
N ALA D 519 25.09 21.71 27.53
CA ALA D 519 26.08 20.89 28.24
C ALA D 519 26.11 19.48 27.68
N ILE D 520 24.98 18.76 27.74
CA ILE D 520 24.94 17.35 27.37
C ILE D 520 24.53 17.13 25.92
N GLY D 521 24.20 18.19 25.18
CA GLY D 521 24.08 18.08 23.74
C GLY D 521 22.97 17.14 23.28
N ASP D 522 23.36 16.17 22.44
CA ASP D 522 22.38 15.31 21.78
C ASP D 522 21.63 14.44 22.78
N LEU D 523 22.22 14.13 23.93
CA LEU D 523 21.54 13.36 24.95
C LEU D 523 20.49 14.23 25.64
N PHE D 524 19.48 14.65 24.89
CA PHE D 524 18.49 15.59 25.38
C PHE D 524 17.33 15.64 24.40
N VAL D 525 16.11 15.58 24.92
CA VAL D 525 14.89 15.76 24.14
C VAL D 525 13.95 16.66 24.92
N GLU D 526 13.40 17.66 24.24
CA GLU D 526 12.49 18.60 24.89
C GLU D 526 11.06 18.06 24.91
N MET D 547 13.06 9.35 22.63
CA MET D 547 13.41 9.12 24.02
C MET D 547 14.24 7.85 24.17
N HIS D 548 14.63 7.28 23.04
CA HIS D 548 15.37 6.01 23.03
C HIS D 548 16.83 6.31 23.32
N LEU D 549 17.30 5.92 24.51
CA LEU D 549 18.64 6.15 25.04
C LEU D 549 18.92 7.62 25.31
N LYS D 550 17.89 8.48 25.28
CA LYS D 550 18.08 9.89 25.62
C LYS D 550 18.16 10.03 27.14
N ARG D 551 19.22 10.67 27.61
CA ARG D 551 19.53 10.71 29.03
C ARG D 551 18.86 11.85 29.77
N SER D 552 18.04 12.64 29.09
CA SER D 552 17.29 13.71 29.74
C SER D 552 16.12 14.10 28.86
N VAL D 553 14.96 14.30 29.49
CA VAL D 553 13.74 14.70 28.79
C VAL D 553 13.04 15.76 29.62
N PHE D 554 12.58 16.81 28.94
CA PHE D 554 11.85 17.88 29.61
C PHE D 554 10.39 17.89 29.17
N LYS D 575 4.76 6.89 36.66
CA LYS D 575 5.13 5.51 36.95
C LYS D 575 5.57 4.79 35.69
N LYS D 576 4.92 5.10 34.57
CA LYS D 576 5.29 4.50 33.30
C LYS D 576 6.64 5.00 32.81
N LEU D 577 7.01 6.24 33.17
CA LEU D 577 8.30 6.77 32.77
C LEU D 577 9.44 6.06 33.48
N THR D 578 9.23 5.68 34.73
CA THR D 578 10.27 5.03 35.54
C THR D 578 10.27 3.51 35.32
N GLU D 579 10.36 3.10 34.05
CA GLU D 579 10.36 1.69 33.70
C GLU D 579 11.36 1.44 32.57
N PRO D 580 12.21 0.41 32.71
CA PRO D 580 13.18 0.04 31.67
C PRO D 580 12.51 -0.32 30.34
N ARG D 595 13.78 1.12 25.45
CA ARG D 595 14.70 1.45 26.54
C ARG D 595 14.78 2.96 26.73
N ASN D 596 14.97 3.39 27.98
CA ASN D 596 15.02 4.81 28.31
C ASN D 596 15.99 5.06 29.45
N HIS D 597 16.71 6.18 29.36
CA HIS D 597 17.64 6.62 30.40
C HIS D 597 17.30 8.01 30.92
N ALA D 598 16.13 8.54 30.58
CA ALA D 598 15.82 9.94 30.79
C ALA D 598 15.53 10.24 32.25
N THR D 599 15.69 11.52 32.61
CA THR D 599 15.30 12.07 33.90
C THR D 599 14.21 13.10 33.62
N ILE D 600 12.97 12.63 33.51
CA ILE D 600 11.85 13.51 33.17
C ILE D 600 11.55 14.43 34.34
N TYR D 664 30.52 26.69 27.94
CA TYR D 664 29.37 26.08 28.60
C TYR D 664 29.30 24.57 28.33
N ARG D 665 29.98 24.13 27.27
CA ARG D 665 30.13 22.71 27.01
C ARG D 665 31.25 22.13 27.84
N PHE D 666 32.09 22.99 28.43
CA PHE D 666 33.25 22.52 29.18
C PHE D 666 33.37 23.17 30.54
N ALA D 667 32.45 24.04 30.93
CA ALA D 667 32.44 24.62 32.27
C ALA D 667 31.23 24.10 33.03
N PHE D 668 30.06 24.13 32.40
CA PHE D 668 28.89 23.50 32.97
C PHE D 668 29.11 21.99 33.08
N LEU D 669 29.82 21.41 32.11
CA LEU D 669 30.18 20.00 32.18
C LEU D 669 31.08 19.72 33.37
N TYR D 670 32.04 20.62 33.62
CA TYR D 670 32.89 20.51 34.80
C TYR D 670 32.08 20.58 36.08
N LEU D 671 31.13 21.51 36.14
CA LEU D 671 30.28 21.62 37.33
C LEU D 671 29.43 20.36 37.52
N LEU D 672 28.91 19.80 36.42
CA LEU D 672 28.12 18.57 36.51
C LEU D 672 28.95 17.38 36.97
N VAL D 673 30.17 17.23 36.45
CA VAL D 673 30.98 16.10 36.88
C VAL D 673 31.43 16.28 38.33
N LYS D 674 31.67 17.54 38.74
CA LYS D 674 31.96 17.79 40.15
C LYS D 674 30.76 17.43 41.03
N TRP D 675 29.55 17.81 40.61
CA TRP D 675 28.37 17.44 41.39
C TRP D 675 28.17 15.94 41.44
N TYR D 676 28.50 15.24 40.34
CA TYR D 676 28.46 13.78 40.34
C TYR D 676 29.47 13.21 41.32
N LYS D 677 30.67 13.80 41.39
CA LYS D 677 31.70 13.36 42.32
C LYS D 677 31.45 13.84 43.74
N LYS D 678 30.45 14.68 43.97
CA LYS D 678 30.01 14.93 45.34
C LYS D 678 28.79 14.11 45.75
N TYR D 679 27.91 13.74 44.82
CA TYR D 679 26.61 13.18 45.18
C TYR D 679 26.40 11.72 44.78
N HIS D 680 26.67 11.36 43.52
CA HIS D 680 26.27 10.07 42.96
C HIS D 680 27.42 9.07 42.89
N ILE D 681 28.24 9.00 43.93
CA ILE D 681 29.46 8.19 43.88
C ILE D 681 29.10 6.71 43.96
N PRO D 682 28.54 6.21 45.10
CA PRO D 682 28.47 4.75 45.26
C PRO D 682 27.29 4.12 44.55
N ILE D 683 26.17 4.82 44.51
CA ILE D 683 24.94 4.32 43.92
C ILE D 683 24.13 5.50 43.43
N MET D 684 23.44 5.31 42.31
CA MET D 684 22.61 6.36 41.71
C MET D 684 21.15 6.14 42.08
N LYS D 685 20.57 7.12 42.76
CA LYS D 685 19.18 7.03 43.17
C LYS D 685 18.61 8.44 43.28
N LEU D 686 17.32 8.56 43.02
CA LEU D 686 16.64 9.85 43.08
C LEU D 686 15.43 9.78 44.00
N GLY E 323 16.84 -27.94 -31.50
CA GLY E 323 16.30 -26.80 -30.79
C GLY E 323 16.89 -26.63 -29.41
N ASN E 324 16.38 -25.66 -28.65
CA ASN E 324 16.86 -25.39 -27.31
C ASN E 324 16.44 -26.52 -26.38
N LYS E 325 17.40 -27.03 -25.61
CA LYS E 325 17.11 -28.15 -24.72
C LYS E 325 16.12 -27.76 -23.63
N LEU E 326 16.31 -26.59 -23.02
CA LEU E 326 15.40 -26.14 -21.98
C LEU E 326 14.01 -25.90 -22.51
N PHE E 327 13.88 -25.55 -23.79
CA PHE E 327 12.55 -25.43 -24.38
C PHE E 327 11.89 -26.79 -24.53
N ASN E 328 12.66 -27.82 -24.88
CA ASN E 328 12.10 -29.17 -24.90
C ASN E 328 11.67 -29.60 -23.51
N ILE E 329 12.48 -29.27 -22.49
CA ILE E 329 12.11 -29.58 -21.11
C ILE E 329 10.80 -28.89 -20.74
N ALA E 330 10.68 -27.61 -21.08
CA ALA E 330 9.47 -26.86 -20.78
C ALA E 330 8.27 -27.43 -21.53
N GLN E 331 8.47 -27.84 -22.78
CA GLN E 331 7.38 -28.44 -23.55
C GLN E 331 6.92 -29.74 -22.92
N ARG E 332 7.86 -30.60 -22.51
CA ARG E 332 7.50 -31.85 -21.87
C ARG E 332 6.76 -31.61 -20.57
N ILE E 333 7.24 -30.66 -19.75
CA ILE E 333 6.58 -30.36 -18.49
C ILE E 333 5.17 -29.83 -18.74
N LEU E 334 5.01 -28.98 -19.75
CA LEU E 334 3.69 -28.45 -20.08
C LEU E 334 2.77 -29.54 -20.59
N ASP E 335 3.32 -30.59 -21.22
CA ASP E 335 2.50 -31.65 -21.78
C ASP E 335 1.98 -32.63 -20.74
N THR E 336 2.53 -32.62 -19.52
CA THR E 336 1.97 -33.42 -18.43
C THR E 336 0.91 -32.68 -17.63
N ASN E 337 0.55 -31.46 -18.04
CA ASN E 337 -0.52 -30.69 -17.42
C ASN E 337 -0.28 -30.51 -15.92
N SER E 338 0.97 -30.21 -15.56
CA SER E 338 1.34 -30.06 -14.16
C SER E 338 1.29 -28.60 -13.68
N VAL E 339 1.32 -27.64 -14.60
CA VAL E 339 1.19 -26.23 -14.27
C VAL E 339 0.04 -25.66 -15.07
N LEU E 340 -0.79 -24.85 -14.41
CA LEU E 340 -2.00 -24.34 -15.04
C LEU E 340 -2.13 -22.84 -14.76
N LEU E 341 -2.84 -22.16 -15.65
CA LEU E 341 -3.05 -20.73 -15.56
C LEU E 341 -4.53 -20.44 -15.38
N THR E 342 -4.87 -19.61 -14.40
CA THR E 342 -6.23 -19.35 -14.00
C THR E 342 -6.65 -17.94 -14.38
N GLU E 343 -7.95 -17.68 -14.27
CA GLU E 343 -8.47 -16.31 -14.45
C GLU E 343 -8.33 -15.46 -13.20
N ARG E 344 -7.13 -15.40 -12.64
CA ARG E 344 -6.82 -14.51 -11.55
C ARG E 344 -5.38 -14.02 -11.60
N GLY E 345 -4.61 -14.40 -12.62
CA GLY E 345 -3.19 -14.14 -12.67
C GLY E 345 -2.32 -15.16 -11.98
N ASP E 346 -2.91 -16.06 -11.19
CA ASP E 346 -2.13 -17.05 -10.46
C ASP E 346 -1.75 -18.21 -11.38
N HIS E 347 -0.51 -18.68 -11.23
CA HIS E 347 -0.05 -19.90 -11.86
C HIS E 347 -0.11 -21.01 -10.82
N ILE E 348 -1.08 -21.90 -10.96
CA ILE E 348 -1.26 -22.97 -9.99
C ILE E 348 -0.36 -24.14 -10.37
N VAL E 349 0.27 -24.72 -9.36
CA VAL E 349 1.27 -25.77 -9.51
C VAL E 349 0.72 -27.06 -8.91
N TRP E 350 1.12 -28.19 -9.47
CA TRP E 350 0.62 -29.49 -9.03
C TRP E 350 1.79 -30.29 -8.47
N ILE E 351 1.92 -30.31 -7.14
CA ILE E 351 2.94 -31.09 -6.47
C ILE E 351 2.37 -31.64 -5.17
N ASN E 352 2.97 -32.76 -4.72
CA ASN E 352 2.53 -33.47 -3.52
C ASN E 352 1.04 -33.78 -3.59
N ASN E 353 0.58 -34.16 -4.78
CA ASN E 353 -0.83 -34.45 -5.04
C ASN E 353 -1.72 -33.29 -4.59
N SER E 354 -1.30 -32.07 -4.90
CA SER E 354 -2.07 -30.90 -4.51
C SER E 354 -1.83 -29.76 -5.50
N TRP E 355 -2.90 -29.02 -5.79
CA TRP E 355 -2.84 -27.83 -6.64
C TRP E 355 -2.63 -26.62 -5.73
N LYS E 356 -1.37 -26.27 -5.51
CA LYS E 356 -1.02 -25.13 -4.68
C LYS E 356 -0.85 -23.87 -5.53
N PHE E 357 -0.83 -22.73 -4.86
CA PHE E 357 -0.62 -21.45 -5.52
C PHE E 357 -0.18 -20.44 -4.47
N ASN E 358 0.73 -19.56 -4.87
CA ASN E 358 1.24 -18.53 -3.96
C ASN E 358 1.84 -17.41 -4.79
N SER E 359 1.24 -16.22 -4.71
CA SER E 359 1.73 -15.06 -5.45
C SER E 359 2.78 -14.29 -4.65
N GLU E 360 3.77 -15.01 -4.14
CA GLU E 360 4.90 -14.41 -3.47
C GLU E 360 6.19 -15.02 -4.00
N GLU E 361 6.11 -16.25 -4.47
CA GLU E 361 7.21 -16.99 -5.07
C GLU E 361 6.75 -17.68 -6.34
N PRO E 362 7.62 -17.81 -7.33
CA PRO E 362 7.28 -18.63 -8.50
C PRO E 362 7.25 -20.10 -8.15
N LEU E 363 6.13 -20.56 -7.58
CA LEU E 363 5.96 -21.98 -7.23
C LEU E 363 6.28 -22.90 -8.39
N ILE E 364 6.17 -22.41 -9.63
CA ILE E 364 6.50 -23.22 -10.80
C ILE E 364 7.93 -23.73 -10.69
N THR E 365 8.84 -22.88 -10.20
CA THR E 365 10.24 -23.27 -10.08
C THR E 365 10.46 -24.41 -9.08
N LYS E 366 9.50 -24.64 -8.17
CA LYS E 366 9.55 -25.86 -7.37
C LYS E 366 9.22 -27.07 -8.23
N LEU E 367 8.16 -26.98 -9.03
CA LEU E 367 7.72 -28.11 -9.82
C LEU E 367 8.80 -28.59 -10.76
N ILE E 368 9.54 -27.67 -11.37
CA ILE E 368 10.58 -28.05 -12.32
C ILE E 368 11.58 -28.99 -11.66
N LEU E 369 11.86 -28.79 -10.36
CA LEU E 369 12.70 -29.74 -9.65
C LEU E 369 11.93 -31.02 -9.36
N SER E 370 10.70 -30.89 -8.86
CA SER E 370 9.92 -32.06 -8.47
C SER E 370 9.61 -32.95 -9.66
N ILE E 371 9.23 -32.36 -10.79
CA ILE E 371 8.94 -33.14 -11.99
C ILE E 371 10.19 -33.80 -12.55
N ARG E 372 11.36 -33.47 -12.00
CA ARG E 372 12.62 -33.93 -12.57
C ARG E 372 12.66 -35.45 -12.70
N HIS E 373 12.03 -36.17 -11.78
CA HIS E 373 11.96 -37.64 -11.90
C HIS E 373 10.80 -38.08 -12.78
N GLN E 374 10.66 -37.44 -13.93
CA GLN E 374 9.75 -37.90 -14.97
C GLN E 374 10.32 -37.78 -16.38
N LEU E 375 11.38 -37.01 -16.58
CA LEU E 375 12.02 -36.76 -17.85
C LEU E 375 13.19 -37.72 -18.07
N PRO E 376 13.61 -37.92 -19.31
CA PRO E 376 14.77 -38.78 -19.56
C PRO E 376 16.01 -38.30 -18.82
N LYS E 377 17.02 -39.18 -18.78
CA LYS E 377 18.25 -38.87 -18.05
C LYS E 377 18.93 -37.63 -18.62
N GLU E 378 18.84 -37.42 -19.93
CA GLU E 378 19.46 -36.25 -20.54
C GLU E 378 18.86 -34.96 -20.01
N TYR E 379 17.53 -34.92 -19.85
CA TYR E 379 16.84 -33.73 -19.39
C TYR E 379 16.67 -33.68 -17.88
N SER E 380 17.54 -34.37 -17.13
CA SER E 380 17.43 -34.44 -15.68
C SER E 380 18.55 -33.69 -14.96
N SER E 381 19.80 -33.96 -15.33
CA SER E 381 20.93 -33.33 -14.63
C SER E 381 20.96 -31.82 -14.84
N GLU E 382 20.32 -31.31 -15.89
CA GLU E 382 20.29 -29.88 -16.11
C GLU E 382 19.54 -29.15 -14.99
N LEU E 383 18.43 -29.73 -14.53
CA LEU E 383 17.54 -29.06 -13.61
C LEU E 383 18.12 -28.91 -12.20
N LEU E 384 19.33 -29.38 -11.95
CA LEU E 384 20.00 -29.10 -10.69
C LEU E 384 20.79 -27.79 -10.77
N CYS E 385 20.12 -26.75 -11.22
CA CYS E 385 20.71 -25.43 -11.39
C CYS E 385 19.62 -24.38 -11.29
N PRO E 386 19.63 -23.54 -10.25
CA PRO E 386 18.56 -22.56 -10.10
C PRO E 386 18.43 -21.60 -11.26
N ARG E 387 19.50 -21.33 -11.99
CA ARG E 387 19.43 -20.44 -13.15
C ARG E 387 18.92 -21.14 -14.40
N LYS E 388 18.90 -22.48 -14.41
CA LYS E 388 18.33 -23.23 -15.52
C LYS E 388 16.91 -23.69 -15.23
N ARG E 389 16.33 -23.26 -14.10
CA ARG E 389 14.91 -23.43 -13.85
C ARG E 389 14.17 -22.10 -13.85
N LYS E 390 14.88 -20.98 -13.98
CA LYS E 390 14.24 -19.73 -14.34
C LYS E 390 14.09 -19.61 -15.85
N THR E 391 14.97 -20.26 -16.62
CA THR E 391 14.80 -20.36 -18.06
C THR E 391 13.60 -21.24 -18.39
N VAL E 392 13.50 -22.39 -17.74
CA VAL E 392 12.39 -23.30 -17.99
C VAL E 392 11.08 -22.65 -17.57
N GLU E 393 11.08 -21.97 -16.41
CA GLU E 393 9.88 -21.26 -15.98
C GLU E 393 9.55 -20.10 -16.91
N ALA E 394 10.56 -19.41 -17.44
CA ALA E 394 10.29 -18.32 -18.37
C ALA E 394 9.64 -18.85 -19.64
N ASN E 395 10.13 -19.99 -20.14
CA ASN E 395 9.48 -20.61 -21.29
C ASN E 395 8.06 -21.05 -20.97
N ILE E 396 7.85 -21.65 -19.80
CA ILE E 396 6.53 -22.15 -19.42
C ILE E 396 5.54 -21.00 -19.30
N ARG E 397 5.94 -19.93 -18.62
CA ARG E 397 5.09 -18.76 -18.48
C ARG E 397 4.82 -18.09 -19.83
N ASP E 398 5.67 -18.35 -20.82
CA ASP E 398 5.48 -17.84 -22.17
C ASP E 398 4.67 -18.79 -23.05
N MET E 399 4.34 -19.97 -22.55
CA MET E 399 3.59 -20.96 -23.31
C MET E 399 2.17 -21.18 -22.80
N LEU E 400 1.83 -20.61 -21.64
CA LEU E 400 0.48 -20.77 -21.09
C LEU E 400 -0.38 -19.59 -21.52
N VAL E 401 -0.79 -19.64 -22.79
CA VAL E 401 -1.55 -18.55 -23.39
C VAL E 401 -3.03 -18.58 -23.04
N ASP E 402 -3.54 -19.72 -22.58
CA ASP E 402 -4.96 -19.89 -22.33
C ASP E 402 -5.22 -20.20 -20.87
N SER E 403 -6.22 -19.53 -20.30
CA SER E 403 -6.62 -19.76 -18.92
C SER E 403 -7.56 -20.96 -18.83
N VAL E 404 -7.68 -21.50 -17.62
CA VAL E 404 -8.51 -22.67 -17.36
C VAL E 404 -9.41 -22.38 -16.16
N GLU E 405 -10.69 -22.72 -16.29
CA GLU E 405 -11.62 -22.58 -15.18
C GLU E 405 -11.31 -23.63 -14.11
N THR E 406 -11.47 -23.25 -12.85
CA THR E 406 -11.10 -24.09 -11.73
C THR E 406 -12.28 -24.28 -10.78
N ASP E 407 -12.29 -25.43 -10.11
CA ASP E 407 -13.31 -25.78 -9.12
C ASP E 407 -14.72 -25.73 -9.71
N THR E 408 -14.88 -26.38 -10.87
CA THR E 408 -16.19 -26.57 -11.45
C THR E 408 -16.91 -27.80 -10.92
N TYR E 409 -16.23 -28.61 -10.12
CA TYR E 409 -16.82 -29.82 -9.54
C TYR E 409 -17.12 -29.58 -8.06
N PRO E 410 -18.38 -29.42 -7.67
CA PRO E 410 -18.68 -29.11 -6.27
C PRO E 410 -18.60 -30.32 -5.35
N ASP E 411 -19.03 -31.48 -5.84
CA ASP E 411 -19.12 -32.66 -4.98
C ASP E 411 -17.79 -33.36 -4.85
N LYS E 412 -16.74 -32.62 -4.46
CA LYS E 412 -15.42 -33.17 -4.20
C LYS E 412 -14.81 -32.45 -3.01
N LEU E 413 -14.19 -33.22 -2.12
CA LEU E 413 -13.53 -32.64 -0.95
C LEU E 413 -12.03 -32.82 -1.07
N PRO E 414 -11.25 -31.75 -1.16
CA PRO E 414 -9.81 -31.89 -1.37
C PRO E 414 -9.03 -32.00 -0.07
N PHE E 415 -8.27 -33.08 0.10
CA PHE E 415 -7.32 -33.23 1.19
C PHE E 415 -5.91 -33.08 0.65
N LYS E 416 -4.97 -32.78 1.55
CA LYS E 416 -3.60 -32.44 1.15
C LYS E 416 -2.90 -33.61 0.47
N ASN E 417 -3.58 -34.74 0.33
CA ASN E 417 -2.99 -35.87 -0.38
C ASN E 417 -3.98 -36.56 -1.33
N GLY E 418 -5.07 -35.90 -1.70
CA GLY E 418 -5.99 -36.50 -2.63
C GLY E 418 -7.30 -35.75 -2.69
N VAL E 419 -8.28 -36.37 -3.33
CA VAL E 419 -9.63 -35.81 -3.46
C VAL E 419 -10.64 -36.91 -3.12
N LEU E 420 -11.55 -36.61 -2.21
CA LEU E 420 -12.61 -37.54 -1.82
C LEU E 420 -13.86 -37.22 -2.62
N ASP E 421 -14.36 -38.20 -3.37
CA ASP E 421 -15.60 -38.08 -4.12
C ASP E 421 -16.75 -38.47 -3.20
N LEU E 422 -17.64 -37.52 -2.95
CA LEU E 422 -18.70 -37.70 -1.95
C LEU E 422 -19.82 -38.60 -2.44
N VAL E 423 -20.21 -38.47 -3.71
CA VAL E 423 -21.35 -39.22 -4.22
C VAL E 423 -21.12 -40.72 -4.14
N ASP E 424 -19.86 -41.15 -4.12
CA ASP E 424 -19.53 -42.53 -3.83
C ASP E 424 -18.53 -42.67 -2.69
N GLY E 425 -18.05 -41.57 -2.14
CA GLY E 425 -17.16 -41.61 -0.99
C GLY E 425 -15.85 -42.33 -1.24
N MET E 426 -15.24 -42.10 -2.39
CA MET E 426 -14.00 -42.80 -2.76
C MET E 426 -12.86 -41.81 -2.78
N PHE E 427 -11.73 -42.21 -2.18
CA PHE E 427 -10.57 -41.33 -2.06
C PHE E 427 -9.62 -41.59 -3.23
N TYR E 428 -9.54 -40.64 -4.14
CA TYR E 428 -8.63 -40.70 -5.29
C TYR E 428 -7.34 -39.99 -4.95
N SER E 429 -6.22 -40.52 -5.46
CA SER E 429 -4.91 -39.94 -5.25
C SER E 429 -4.08 -40.08 -6.52
N GLY E 430 -3.12 -39.19 -6.67
CA GLY E 430 -2.24 -39.22 -7.83
C GLY E 430 -2.85 -38.58 -9.06
N ASP E 431 -2.66 -39.21 -10.22
CA ASP E 431 -3.22 -38.67 -11.45
C ASP E 431 -4.74 -38.65 -11.41
N ASP E 432 -5.35 -39.61 -10.71
CA ASP E 432 -6.82 -39.65 -10.64
C ASP E 432 -7.37 -38.42 -9.96
N ALA E 433 -6.73 -37.96 -8.88
CA ALA E 433 -7.17 -36.74 -8.20
C ALA E 433 -6.46 -35.50 -8.74
N LYS E 434 -6.45 -35.36 -10.05
CA LYS E 434 -5.88 -34.17 -10.70
C LYS E 434 -6.85 -33.52 -11.67
N LYS E 435 -7.64 -34.31 -12.39
CA LYS E 435 -8.60 -33.73 -13.32
C LYS E 435 -9.68 -32.92 -12.61
N TYR E 436 -9.87 -33.15 -11.31
CA TYR E 436 -10.72 -32.30 -10.48
C TYR E 436 -9.81 -31.23 -9.87
N THR E 437 -9.71 -30.09 -10.55
CA THR E 437 -8.87 -29.01 -10.06
C THR E 437 -9.41 -28.48 -8.75
N CYS E 438 -8.57 -28.50 -7.71
CA CYS E 438 -8.96 -28.09 -6.37
C CYS E 438 -7.84 -27.20 -5.81
N THR E 439 -8.00 -25.88 -5.98
CA THR E 439 -6.96 -24.95 -5.57
C THR E 439 -6.94 -24.69 -4.06
N VAL E 440 -7.94 -25.17 -3.32
CA VAL E 440 -7.98 -25.03 -1.87
C VAL E 440 -8.23 -26.39 -1.26
N SER E 441 -7.41 -26.77 -0.28
CA SER E 441 -7.48 -28.08 0.34
C SER E 441 -7.78 -27.94 1.82
N THR E 442 -8.12 -29.08 2.45
CA THR E 442 -8.42 -29.09 3.87
C THR E 442 -7.19 -28.80 4.74
N GLY E 443 -5.99 -28.93 4.18
CA GLY E 443 -4.78 -28.63 4.90
C GLY E 443 -4.15 -29.80 5.62
N PHE E 444 -4.67 -31.02 5.45
CA PHE E 444 -4.08 -32.18 6.09
C PHE E 444 -4.34 -33.41 5.23
N LYS E 445 -3.57 -34.46 5.50
CA LYS E 445 -3.70 -35.70 4.75
C LYS E 445 -4.91 -36.50 5.21
N PHE E 446 -5.36 -37.42 4.37
CA PHE E 446 -6.54 -38.24 4.61
C PHE E 446 -6.10 -39.69 4.77
N ASP E 447 -6.04 -40.16 6.02
CA ASP E 447 -5.67 -41.54 6.27
C ASP E 447 -6.79 -42.49 5.83
N ASP E 448 -6.40 -43.56 5.14
CA ASP E 448 -7.41 -44.51 4.68
C ASP E 448 -7.92 -45.38 5.82
N THR E 449 -7.03 -45.85 6.68
CA THR E 449 -7.44 -46.76 7.76
C THR E 449 -7.80 -46.01 9.03
N LYS E 450 -8.57 -44.93 8.88
CA LYS E 450 -9.33 -44.33 9.96
C LYS E 450 -10.74 -43.94 9.56
N PHE E 451 -11.02 -43.77 8.27
CA PHE E 451 -12.34 -43.46 7.75
C PHE E 451 -13.21 -44.72 7.80
N VAL E 452 -13.54 -45.19 9.00
CA VAL E 452 -14.26 -46.44 9.18
C VAL E 452 -15.43 -46.21 10.13
N GLU E 453 -16.42 -47.10 10.04
CA GLU E 453 -17.61 -47.00 10.86
C GLU E 453 -17.50 -47.74 12.18
N ASP E 454 -16.46 -48.56 12.36
CA ASP E 454 -16.26 -49.33 13.59
C ASP E 454 -14.97 -48.88 14.24
N SER E 455 -15.09 -48.11 15.32
CA SER E 455 -13.95 -47.60 16.08
C SER E 455 -14.46 -47.00 17.40
N PRO E 456 -13.66 -47.02 18.47
CA PRO E 456 -14.14 -46.39 19.72
C PRO E 456 -14.41 -44.91 19.58
N GLU E 457 -13.61 -44.20 18.80
CA GLU E 457 -13.87 -42.79 18.54
C GLU E 457 -15.21 -42.59 17.84
N MET E 458 -15.61 -43.57 17.01
CA MET E 458 -16.89 -43.49 16.34
C MET E 458 -18.03 -43.49 17.35
N GLU E 459 -17.99 -44.42 18.31
CA GLU E 459 -19.02 -44.48 19.33
C GLU E 459 -19.00 -43.24 20.21
N GLU E 460 -17.81 -42.76 20.56
CA GLU E 460 -17.71 -41.54 21.37
C GLU E 460 -18.35 -40.35 20.65
N LEU E 461 -18.04 -40.18 19.36
CA LEU E 461 -18.60 -39.07 18.61
C LEU E 461 -20.10 -39.23 18.45
N MET E 462 -20.58 -40.45 18.23
CA MET E 462 -22.02 -40.67 18.11
C MET E 462 -22.72 -40.32 19.42
N ASN E 463 -22.13 -40.70 20.55
CA ASN E 463 -22.71 -40.33 21.84
C ASN E 463 -22.74 -38.82 22.02
N ILE E 464 -21.66 -38.14 21.63
CA ILE E 464 -21.64 -36.68 21.75
C ILE E 464 -22.73 -36.05 20.89
N ILE E 465 -22.88 -36.53 19.65
CA ILE E 465 -23.88 -35.96 18.75
C ILE E 465 -25.29 -36.21 19.29
N ASN E 466 -25.55 -37.42 19.79
CA ASN E 466 -26.85 -37.71 20.37
C ASN E 466 -27.13 -36.83 21.59
N ASP E 467 -26.11 -36.59 22.42
CA ASP E 467 -26.27 -35.70 23.55
C ASP E 467 -26.46 -34.24 23.11
N ILE E 468 -25.96 -33.88 21.93
CA ILE E 468 -26.13 -32.52 21.43
C ILE E 468 -27.49 -32.35 20.75
N GLN E 469 -27.87 -33.30 19.89
CA GLN E 469 -29.15 -33.24 19.18
C GLN E 469 -29.78 -34.63 19.22
N PRO E 470 -30.60 -34.90 20.23
CA PRO E 470 -31.22 -36.23 20.33
C PRO E 470 -32.23 -36.48 19.22
N LEU E 471 -32.37 -37.75 18.87
CA LEU E 471 -33.27 -38.16 17.79
C LEU E 471 -34.66 -38.51 18.33
N THR E 472 -35.26 -37.57 19.06
CA THR E 472 -36.58 -37.77 19.62
C THR E 472 -37.64 -37.16 18.70
N ASP E 473 -38.91 -37.50 18.96
CA ASP E 473 -39.98 -37.12 18.06
C ASP E 473 -40.14 -35.61 17.97
N GLU E 474 -40.08 -34.92 19.12
CA GLU E 474 -40.21 -33.46 19.11
C GLU E 474 -38.97 -32.77 18.56
N ASN E 475 -37.88 -33.51 18.34
CA ASN E 475 -36.65 -32.94 17.80
C ASN E 475 -36.27 -33.64 16.51
N LYS E 476 -37.25 -33.84 15.61
CA LYS E 476 -37.01 -34.52 14.35
C LYS E 476 -36.66 -33.54 13.23
N LYS E 477 -37.52 -32.57 12.97
CA LYS E 477 -37.27 -31.63 11.89
C LYS E 477 -36.02 -30.82 12.14
N ASN E 478 -35.81 -30.39 13.39
CA ASN E 478 -34.59 -29.66 13.74
C ASN E 478 -33.36 -30.53 13.55
N ARG E 479 -33.44 -31.81 13.89
CA ARG E 479 -32.32 -32.72 13.67
C ARG E 479 -32.02 -32.85 12.19
N GLU E 480 -33.04 -32.94 11.35
CA GLU E 480 -32.83 -33.06 9.91
C GLU E 480 -32.19 -31.79 9.36
N LEU E 481 -32.65 -30.62 9.80
CA LEU E 481 -32.03 -29.37 9.37
C LEU E 481 -30.58 -29.29 9.82
N TYR E 482 -30.30 -29.70 11.06
CA TYR E 482 -28.93 -29.69 11.58
C TYR E 482 -28.03 -30.59 10.75
N GLU E 483 -28.50 -31.81 10.46
CA GLU E 483 -27.71 -32.73 9.64
C GLU E 483 -27.48 -32.17 8.24
N LYS E 484 -28.52 -31.61 7.62
CA LYS E 484 -28.39 -31.06 6.28
C LYS E 484 -27.38 -29.91 6.26
N THR E 485 -27.48 -29.00 7.21
CA THR E 485 -26.58 -27.86 7.24
C THR E 485 -25.15 -28.29 7.50
N LEU E 486 -24.94 -29.24 8.42
CA LEU E 486 -23.59 -29.70 8.68
C LEU E 486 -22.99 -30.40 7.47
N SER E 487 -23.78 -31.24 6.79
CA SER E 487 -23.27 -31.96 5.63
C SER E 487 -23.09 -31.06 4.42
N SER E 488 -23.82 -29.93 4.36
CA SER E 488 -23.72 -29.05 3.21
C SER E 488 -22.37 -28.34 3.14
N CYS E 489 -21.60 -28.33 4.22
CA CYS E 489 -20.28 -27.73 4.19
C CYS E 489 -19.28 -28.71 3.61
N LEU E 490 -19.63 -29.33 2.48
CA LEU E 490 -18.75 -30.21 1.74
C LEU E 490 -18.78 -29.97 0.24
N CYS E 491 -19.70 -29.17 -0.27
CA CYS E 491 -19.82 -28.89 -1.70
C CYS E 491 -19.13 -27.58 -2.06
N GLY E 492 -18.79 -27.48 -3.34
CA GLY E 492 -18.26 -26.25 -3.90
C GLY E 492 -19.32 -25.44 -4.59
N ALA E 493 -20.59 -25.76 -4.32
CA ALA E 493 -21.69 -24.98 -4.86
C ALA E 493 -21.91 -23.73 -4.02
N THR E 494 -22.70 -22.80 -4.56
CA THR E 494 -23.02 -21.56 -3.86
C THR E 494 -24.28 -21.78 -3.02
N LYS E 495 -24.17 -21.53 -1.72
CA LYS E 495 -25.27 -21.75 -0.78
C LYS E 495 -26.12 -20.50 -0.72
N GLY E 496 -27.37 -20.62 -1.16
CA GLY E 496 -28.29 -19.49 -1.14
C GLY E 496 -29.19 -19.44 0.08
N CYS E 497 -28.61 -19.59 1.27
CA CYS E 497 -29.39 -19.54 2.50
C CYS E 497 -28.48 -19.23 3.67
N LEU E 498 -29.10 -18.80 4.76
CA LEU E 498 -28.41 -18.50 6.02
C LEU E 498 -28.89 -19.45 7.10
N THR E 499 -27.98 -19.87 7.97
CA THR E 499 -28.29 -20.83 9.01
C THR E 499 -27.81 -20.33 10.36
N PHE E 500 -28.69 -20.34 11.35
CA PHE E 500 -28.34 -20.01 12.72
C PHE E 500 -28.19 -21.27 13.57
N PHE E 501 -27.32 -21.18 14.57
CA PHE E 501 -27.17 -22.19 15.60
C PHE E 501 -27.79 -21.71 16.91
N PHE E 502 -28.95 -21.07 16.80
CA PHE E 502 -29.61 -20.44 17.94
C PHE E 502 -29.74 -21.41 19.10
N GLY E 503 -29.22 -20.98 20.26
CA GLY E 503 -29.31 -21.78 21.46
C GLY E 503 -28.68 -21.03 22.61
N GLU E 504 -28.99 -21.48 23.82
CA GLU E 504 -28.45 -20.84 25.00
C GLU E 504 -27.00 -21.25 25.24
N THR E 505 -26.31 -20.45 26.04
CA THR E 505 -24.87 -20.62 26.23
C THR E 505 -24.53 -21.99 26.80
N ALA E 506 -23.42 -22.55 26.33
CA ALA E 506 -22.88 -23.83 26.81
C ALA E 506 -23.85 -24.98 26.54
N THR E 507 -24.12 -25.22 25.26
CA THR E 507 -24.98 -26.32 24.86
C THR E 507 -24.37 -27.13 23.71
N GLY E 508 -23.31 -26.64 23.08
CA GLY E 508 -22.59 -27.40 22.07
C GLY E 508 -22.33 -26.70 20.75
N LYS E 509 -22.71 -25.43 20.60
CA LYS E 509 -22.44 -24.72 19.35
C LYS E 509 -20.94 -24.58 19.10
N SER E 510 -20.19 -24.22 20.14
CA SER E 510 -18.74 -24.17 19.99
C SER E 510 -18.14 -25.57 19.91
N THR E 511 -18.78 -26.55 20.55
CA THR E 511 -18.37 -27.94 20.37
C THR E 511 -18.54 -28.37 18.92
N THR E 512 -19.68 -28.02 18.32
CA THR E 512 -19.89 -28.30 16.90
C THR E 512 -18.87 -27.55 16.04
N LYS E 513 -18.57 -26.30 16.40
CA LYS E 513 -17.60 -25.52 15.66
C LYS E 513 -16.22 -26.18 15.68
N ARG E 514 -15.78 -26.62 16.86
CA ARG E 514 -14.47 -27.25 16.97
C ARG E 514 -14.44 -28.62 16.28
N LEU E 515 -15.54 -29.37 16.38
CA LEU E 515 -15.62 -30.64 15.67
C LEU E 515 -15.52 -30.43 14.16
N LEU E 516 -16.26 -29.44 13.65
CA LEU E 516 -16.22 -29.14 12.22
C LEU E 516 -14.86 -28.66 11.78
N LYS E 517 -14.21 -27.82 12.58
CA LYS E 517 -12.88 -27.33 12.24
C LYS E 517 -11.86 -28.48 12.22
N SER E 518 -11.97 -29.40 13.17
CA SER E 518 -11.09 -30.56 13.15
C SER E 518 -11.40 -31.47 11.97
N ALA E 519 -12.66 -31.55 11.56
CA ALA E 519 -13.05 -32.47 10.49
C ALA E 519 -12.64 -31.94 9.12
N ILE E 520 -13.13 -30.76 8.74
CA ILE E 520 -12.90 -30.23 7.40
C ILE E 520 -11.70 -29.30 7.30
N GLY E 521 -11.05 -29.00 8.42
CA GLY E 521 -9.78 -28.30 8.39
C GLY E 521 -9.78 -26.90 7.82
N ASP E 522 -8.94 -26.69 6.80
CA ASP E 522 -8.71 -25.34 6.27
C ASP E 522 -9.98 -24.74 5.68
N LEU E 523 -10.89 -25.58 5.18
CA LEU E 523 -12.10 -25.07 4.55
C LEU E 523 -13.10 -24.62 5.61
N PHE E 524 -12.64 -23.79 6.55
CA PHE E 524 -13.46 -23.36 7.68
C PHE E 524 -12.83 -22.09 8.23
N VAL E 525 -13.59 -21.00 8.24
CA VAL E 525 -13.08 -19.70 8.66
C VAL E 525 -14.05 -19.07 9.65
N GLU E 526 -13.51 -18.47 10.70
CA GLU E 526 -14.28 -17.73 11.69
C GLU E 526 -14.05 -16.24 11.47
N THR E 527 -15.14 -15.46 11.47
CA THR E 527 -15.07 -14.04 11.16
C THR E 527 -15.89 -13.26 12.18
N GLY E 528 -15.70 -11.93 12.17
CA GLY E 528 -16.35 -11.06 13.12
C GLY E 528 -17.75 -10.64 12.71
N GLN E 529 -18.33 -9.76 13.53
CA GLN E 529 -19.69 -9.30 13.33
C GLN E 529 -19.82 -8.19 12.29
N THR E 530 -18.71 -7.61 11.84
CA THR E 530 -18.79 -6.54 10.85
C THR E 530 -19.38 -7.04 9.53
N ILE E 531 -19.22 -8.33 9.24
CA ILE E 531 -19.84 -8.90 8.05
C ILE E 531 -21.36 -8.84 8.17
N LEU E 532 -21.89 -9.16 9.36
CA LEU E 532 -23.32 -9.09 9.59
C LEU E 532 -23.82 -7.68 9.82
N THR E 533 -22.94 -6.75 10.18
CA THR E 533 -23.35 -5.38 10.50
C THR E 533 -22.40 -4.36 9.90
N PRO E 542 -11.53 -6.08 5.68
CA PRO E 542 -11.36 -7.08 4.61
C PRO E 542 -11.65 -8.50 5.08
N PHE E 543 -12.74 -8.66 5.84
CA PHE E 543 -13.15 -9.99 6.30
C PHE E 543 -13.98 -10.74 5.27
N ILE E 544 -14.25 -10.13 4.12
CA ILE E 544 -14.98 -10.79 3.05
C ILE E 544 -14.06 -11.32 1.97
N ALA E 545 -12.86 -10.76 1.81
CA ALA E 545 -11.94 -11.22 0.79
C ALA E 545 -11.26 -12.53 1.13
N ASN E 546 -11.00 -12.79 2.42
CA ASN E 546 -10.33 -14.02 2.81
C ASN E 546 -11.26 -15.23 2.68
N MET E 547 -12.56 -15.03 2.82
CA MET E 547 -13.51 -16.14 2.72
C MET E 547 -13.79 -16.49 1.26
N HIS E 548 -12.73 -16.60 0.49
CA HIS E 548 -12.80 -16.98 -0.92
C HIS E 548 -12.50 -18.47 -1.04
N LEU E 549 -13.45 -19.22 -1.57
CA LEU E 549 -13.41 -20.67 -1.78
C LEU E 549 -13.56 -21.47 -0.49
N LYS E 550 -13.70 -20.82 0.66
CA LYS E 550 -13.95 -21.55 1.90
C LYS E 550 -15.37 -22.11 1.87
N ARG E 551 -15.52 -23.33 2.40
CA ARG E 551 -16.81 -23.99 2.37
C ARG E 551 -17.67 -23.67 3.59
N SER E 552 -17.08 -23.37 4.73
CA SER E 552 -17.82 -23.06 5.94
C SER E 552 -17.27 -21.79 6.58
N VAL E 553 -18.15 -20.84 6.86
CA VAL E 553 -17.82 -19.62 7.58
C VAL E 553 -18.68 -19.58 8.83
N PHE E 554 -18.04 -19.66 9.99
CA PHE E 554 -18.69 -19.60 11.28
C PHE E 554 -18.54 -18.21 11.87
N CYS E 555 -19.64 -17.65 12.36
CA CYS E 555 -19.68 -16.31 12.92
C CYS E 555 -20.19 -16.43 14.36
N SER E 556 -19.27 -16.53 15.30
CA SER E 556 -19.63 -16.71 16.71
C SER E 556 -20.02 -15.38 17.34
N GLU E 557 -20.74 -15.46 18.45
CA GLU E 557 -21.18 -14.29 19.21
C GLU E 557 -22.01 -13.39 18.32
N ARG E 570 -27.14 -5.91 9.75
CA ARG E 570 -27.70 -5.15 8.64
C ARG E 570 -28.43 -6.09 7.68
N SER E 571 -29.64 -5.68 7.27
CA SER E 571 -30.52 -6.57 6.52
C SER E 571 -29.92 -6.96 5.17
N ASP E 572 -29.34 -5.99 4.45
CA ASP E 572 -28.85 -6.26 3.11
C ASP E 572 -27.56 -7.06 3.09
N ASN E 573 -26.91 -7.25 4.23
CA ASN E 573 -25.74 -8.12 4.28
C ASN E 573 -26.13 -9.56 3.93
N ILE E 574 -27.30 -10.01 4.42
CA ILE E 574 -27.80 -11.32 4.05
C ILE E 574 -28.08 -11.38 2.55
N LYS E 575 -28.73 -10.34 2.01
CA LYS E 575 -29.00 -10.29 0.57
C LYS E 575 -27.72 -10.19 -0.24
N LYS E 576 -26.61 -9.84 0.39
CA LYS E 576 -25.32 -9.81 -0.30
C LYS E 576 -24.55 -11.12 -0.20
N LEU E 577 -24.75 -11.88 0.88
CA LEU E 577 -23.86 -13.00 1.21
C LEU E 577 -24.26 -14.33 0.58
N THR E 578 -25.42 -14.43 -0.07
CA THR E 578 -25.90 -15.70 -0.59
C THR E 578 -25.84 -15.80 -2.11
N GLU E 579 -24.95 -15.05 -2.75
CA GLU E 579 -24.85 -15.05 -4.20
C GLU E 579 -23.48 -15.55 -4.66
N PRO E 580 -23.40 -16.18 -5.83
CA PRO E 580 -22.14 -16.80 -6.26
C PRO E 580 -20.98 -15.83 -6.36
N CYS E 581 -21.23 -14.57 -6.70
CA CYS E 581 -20.18 -13.56 -6.80
C CYS E 581 -20.47 -12.46 -5.78
N VAL E 582 -19.77 -12.50 -4.65
CA VAL E 582 -19.93 -11.50 -3.61
C VAL E 582 -18.92 -10.38 -3.83
N ILE E 583 -19.31 -9.16 -3.51
CA ILE E 583 -18.48 -7.99 -3.76
C ILE E 583 -17.56 -7.78 -2.57
N GLY E 584 -16.26 -7.97 -2.78
CA GLY E 584 -15.29 -7.80 -1.72
C GLY E 584 -13.88 -7.61 -2.24
N ARG E 585 -13.16 -6.64 -1.69
CA ARG E 585 -11.81 -6.34 -2.13
C ARG E 585 -10.85 -6.38 -0.94
N PRO E 586 -9.63 -6.92 -1.14
CA PRO E 586 -8.64 -7.01 -0.08
C PRO E 586 -7.81 -5.73 0.06
N ILE E 592 -12.65 -7.47 -7.43
CA ILE E 592 -13.53 -7.03 -6.36
C ILE E 592 -14.64 -8.04 -6.14
N ASN E 593 -14.64 -9.11 -6.93
CA ASN E 593 -15.63 -10.16 -6.84
C ASN E 593 -14.96 -11.45 -6.36
N ASN E 594 -15.65 -12.18 -5.48
CA ASN E 594 -15.16 -13.44 -4.95
C ASN E 594 -16.25 -14.50 -5.09
N ARG E 595 -15.82 -15.73 -5.38
CA ARG E 595 -16.76 -16.84 -5.54
C ARG E 595 -17.17 -17.35 -4.16
N ASN E 596 -18.47 -17.37 -3.91
CA ASN E 596 -19.01 -17.73 -2.59
C ASN E 596 -19.42 -19.20 -2.60
N HIS E 597 -18.47 -20.06 -2.24
CA HIS E 597 -18.72 -21.48 -2.06
C HIS E 597 -18.93 -21.84 -0.59
N ALA E 598 -19.50 -20.92 0.18
CA ALA E 598 -19.44 -20.96 1.64
C ALA E 598 -20.82 -21.18 2.24
N THR E 599 -20.86 -22.04 3.26
CA THR E 599 -22.04 -22.17 4.11
C THR E 599 -21.86 -21.26 5.32
N ILE E 600 -22.80 -20.33 5.49
CA ILE E 600 -22.69 -19.32 6.55
C ILE E 600 -23.47 -19.82 7.76
N ILE E 601 -22.74 -20.15 8.83
CA ILE E 601 -23.34 -20.56 10.09
C ILE E 601 -23.08 -19.45 11.10
N ILE E 602 -24.14 -19.03 11.80
CA ILE E 602 -24.05 -17.93 12.76
C ILE E 602 -24.38 -18.46 14.15
N ASP E 603 -23.49 -18.21 15.10
CA ASP E 603 -23.65 -18.66 16.48
C ASP E 603 -24.21 -17.51 17.29
N THR E 604 -25.39 -17.71 17.88
CA THR E 604 -26.08 -16.69 18.65
C THR E 604 -26.67 -17.31 19.92
N ASN E 605 -26.91 -16.45 20.91
CA ASN E 605 -27.47 -16.87 22.18
C ASN E 605 -28.89 -16.36 22.42
N TYR E 606 -29.33 -15.34 21.71
CA TYR E 606 -30.68 -14.79 21.85
C TYR E 606 -31.39 -14.82 20.51
N LYS E 607 -32.67 -14.47 20.54
CA LYS E 607 -33.45 -14.40 19.31
C LYS E 607 -32.95 -13.23 18.47
N PRO E 608 -32.53 -13.46 17.23
CA PRO E 608 -31.98 -12.36 16.42
C PRO E 608 -33.07 -11.39 15.97
N VAL E 609 -32.72 -10.11 15.95
CA VAL E 609 -33.59 -9.05 15.45
C VAL E 609 -32.87 -8.36 14.29
N PHE E 610 -33.55 -8.26 13.15
CA PHE E 610 -32.96 -7.71 11.94
C PHE E 610 -33.39 -6.27 11.75
N ASP E 611 -32.59 -5.54 10.97
CA ASP E 611 -32.91 -4.15 10.67
C ASP E 611 -34.21 -4.05 9.87
N ARG E 612 -34.31 -4.78 8.77
CA ARG E 612 -35.50 -4.79 7.93
C ARG E 612 -36.08 -6.20 7.90
N ILE E 613 -37.40 -6.27 7.96
CA ILE E 613 -38.13 -7.53 7.88
C ILE E 613 -39.05 -7.48 6.66
N ASP E 614 -38.93 -8.46 5.78
CA ASP E 614 -39.72 -8.49 4.56
C ASP E 614 -39.84 -9.94 4.09
N ASN E 615 -40.70 -10.14 3.09
CA ASN E 615 -40.88 -11.48 2.53
C ASN E 615 -39.62 -11.99 1.84
N ALA E 616 -38.73 -11.10 1.42
CA ALA E 616 -37.49 -11.52 0.77
C ALA E 616 -36.47 -12.07 1.75
N LEU E 617 -36.51 -11.66 3.01
CA LEU E 617 -35.51 -12.11 3.98
C LEU E 617 -35.85 -13.47 4.56
N MET E 618 -37.15 -13.81 4.65
CA MET E 618 -37.53 -15.07 5.24
C MET E 618 -37.21 -16.26 4.34
N ARG E 619 -36.98 -16.03 3.04
CA ARG E 619 -36.67 -17.12 2.12
C ARG E 619 -35.18 -17.42 2.05
N ARG E 620 -34.36 -16.74 2.85
CA ARG E 620 -32.92 -16.99 2.90
C ARG E 620 -32.44 -17.30 4.31
N ILE E 621 -33.35 -17.69 5.20
CA ILE E 621 -33.02 -17.85 6.61
C ILE E 621 -33.37 -19.25 7.07
N ALA E 622 -32.64 -19.73 8.07
CA ALA E 622 -32.89 -21.03 8.66
C ALA E 622 -32.37 -21.02 10.10
N VAL E 623 -33.07 -21.75 10.97
CA VAL E 623 -32.74 -21.78 12.39
C VAL E 623 -32.85 -23.21 12.88
N VAL E 624 -31.88 -23.64 13.69
CA VAL E 624 -31.92 -24.91 14.41
C VAL E 624 -31.76 -24.61 15.89
N ARG E 625 -32.60 -25.21 16.71
CA ARG E 625 -32.60 -24.94 18.15
C ARG E 625 -31.74 -25.96 18.88
N PHE E 626 -31.02 -25.47 19.89
CA PHE E 626 -30.20 -26.32 20.75
C PHE E 626 -30.83 -26.33 22.14
N ARG E 627 -31.12 -27.52 22.65
CA ARG E 627 -31.90 -27.65 23.88
C ARG E 627 -31.29 -28.57 24.93
N THR E 628 -30.05 -29.04 24.74
CA THR E 628 -29.42 -29.96 25.69
C THR E 628 -28.27 -29.24 26.37
N HIS E 629 -28.58 -28.61 27.50
CA HIS E 629 -27.56 -27.90 28.27
C HIS E 629 -26.62 -28.87 28.98
N PHE E 630 -25.34 -28.51 29.01
CA PHE E 630 -24.32 -29.24 29.74
C PHE E 630 -23.74 -28.30 30.80
N SER E 631 -24.14 -28.49 32.05
CA SER E 631 -23.74 -27.61 33.14
C SER E 631 -22.78 -28.34 34.08
N GLN E 632 -22.00 -27.55 34.80
CA GLN E 632 -21.06 -28.11 35.76
C GLN E 632 -21.80 -28.82 36.89
N PRO E 633 -21.19 -29.87 37.47
CA PRO E 633 -21.87 -30.58 38.57
C PRO E 633 -22.19 -29.69 39.75
N SER E 634 -21.34 -28.70 40.05
CA SER E 634 -21.64 -27.78 41.14
C SER E 634 -22.89 -26.97 40.87
N GLY E 635 -23.06 -26.52 39.62
CA GLY E 635 -24.23 -25.76 39.21
C GLY E 635 -25.29 -26.56 38.48
N ARG E 636 -25.27 -27.88 38.56
CA ARG E 636 -26.26 -28.70 37.86
C ARG E 636 -27.66 -28.45 38.37
N GLU E 637 -27.82 -28.32 39.70
CA GLU E 637 -29.14 -28.19 40.28
C GLU E 637 -29.85 -26.91 39.87
N ALA E 638 -29.12 -25.94 39.32
CA ALA E 638 -29.70 -24.69 38.85
C ALA E 638 -30.09 -24.74 37.37
N ALA E 639 -29.93 -25.88 36.71
CA ALA E 639 -30.21 -25.99 35.29
C ALA E 639 -31.53 -26.69 34.98
N GLU E 640 -31.86 -27.75 35.71
CA GLU E 640 -33.09 -28.50 35.41
C GLU E 640 -34.33 -27.67 35.66
N ASN E 641 -34.30 -26.76 36.64
CA ASN E 641 -35.45 -25.91 36.91
C ASN E 641 -35.72 -24.92 35.79
N ASN E 642 -34.70 -24.55 35.03
CA ASN E 642 -34.88 -23.60 33.93
C ASN E 642 -35.72 -24.22 32.82
N ASP E 643 -36.53 -23.39 32.18
CA ASP E 643 -37.43 -23.84 31.13
C ASP E 643 -36.92 -23.56 29.72
N ALA E 644 -35.85 -22.76 29.58
CA ALA E 644 -35.33 -22.46 28.25
C ALA E 644 -34.61 -23.65 27.62
N TYR E 645 -34.19 -24.62 28.42
CA TYR E 645 -33.52 -25.82 27.92
C TYR E 645 -34.48 -27.00 28.02
N ASP E 646 -34.01 -28.16 27.58
CA ASP E 646 -34.79 -29.39 27.77
C ASP E 646 -34.07 -30.49 28.53
N LYS E 647 -32.83 -30.84 28.17
CA LYS E 647 -32.10 -31.93 28.80
C LYS E 647 -30.83 -31.38 29.43
N VAL E 648 -30.36 -32.08 30.47
CA VAL E 648 -29.13 -31.71 31.18
C VAL E 648 -28.23 -32.93 31.24
N LYS E 649 -26.93 -32.71 31.04
CA LYS E 649 -25.95 -33.79 31.13
C LYS E 649 -24.70 -33.32 31.89
N LEU E 650 -23.67 -34.15 31.92
CA LEU E 650 -22.44 -33.85 32.63
C LEU E 650 -21.46 -33.15 31.70
N LEU E 651 -20.85 -32.07 32.17
CA LEU E 651 -19.96 -31.26 31.37
C LEU E 651 -18.54 -31.83 31.47
N ASP E 652 -18.09 -32.48 30.41
CA ASP E 652 -16.75 -33.06 30.39
C ASP E 652 -15.69 -31.97 30.26
N GLU E 653 -14.52 -32.23 30.83
CA GLU E 653 -13.41 -31.28 30.82
C GLU E 653 -12.39 -31.55 29.73
N GLY E 654 -12.00 -32.80 29.52
CA GLY E 654 -11.01 -33.14 28.51
C GLY E 654 -11.54 -33.26 27.10
N LEU E 655 -12.86 -33.07 26.91
CA LEU E 655 -13.45 -33.20 25.58
C LEU E 655 -12.85 -32.20 24.61
N ASP E 656 -12.75 -30.93 25.02
CA ASP E 656 -12.13 -29.93 24.17
C ASP E 656 -10.66 -30.23 23.94
N GLY E 657 -10.00 -30.79 24.95
CA GLY E 657 -8.60 -31.15 24.79
C GLY E 657 -8.37 -32.19 23.72
N LYS E 658 -9.18 -33.25 23.71
CA LYS E 658 -9.03 -34.26 22.67
C LYS E 658 -9.61 -33.81 21.34
N ILE E 659 -10.58 -32.90 21.33
CA ILE E 659 -11.11 -32.39 20.07
C ILE E 659 -10.07 -31.51 19.37
N GLN E 660 -9.41 -30.62 20.12
CA GLN E 660 -8.35 -29.81 19.54
C GLN E 660 -7.20 -30.68 19.05
N ASN E 661 -6.95 -31.81 19.72
CA ASN E 661 -5.94 -32.76 19.26
C ASN E 661 -6.34 -33.49 17.99
N ASN E 662 -7.48 -33.13 17.39
CA ASN E 662 -7.95 -33.73 16.13
C ASN E 662 -8.11 -35.24 16.27
N ARG E 663 -8.64 -35.67 17.42
CA ARG E 663 -8.88 -37.08 17.66
C ARG E 663 -10.24 -37.54 17.15
N TYR E 664 -11.22 -36.64 17.08
CA TYR E 664 -12.56 -36.92 16.55
C TYR E 664 -12.71 -36.38 15.13
N ARG E 665 -11.66 -36.45 14.34
CA ARG E 665 -11.64 -35.81 13.03
C ARG E 665 -12.31 -36.66 11.96
N PHE E 666 -11.76 -37.85 11.70
CA PHE E 666 -12.28 -38.67 10.61
C PHE E 666 -13.60 -39.32 10.95
N ALA E 667 -13.92 -39.51 12.23
CA ALA E 667 -15.25 -39.96 12.59
C ALA E 667 -16.30 -38.94 12.18
N PHE E 668 -16.05 -37.65 12.45
CA PHE E 668 -16.97 -36.63 12.01
C PHE E 668 -16.96 -36.48 10.50
N LEU E 669 -15.82 -36.73 9.86
CA LEU E 669 -15.79 -36.72 8.40
C LEU E 669 -16.69 -37.81 7.82
N TYR E 670 -16.65 -39.01 8.41
CA TYR E 670 -17.53 -40.08 7.99
C TYR E 670 -18.98 -39.72 8.23
N LEU E 671 -19.29 -39.11 9.37
CA LEU E 671 -20.66 -38.69 9.63
C LEU E 671 -21.12 -37.67 8.58
N LEU E 672 -20.25 -36.72 8.24
CA LEU E 672 -20.60 -35.71 7.26
C LEU E 672 -20.85 -36.32 5.89
N VAL E 673 -19.99 -37.27 5.49
CA VAL E 673 -20.17 -37.93 4.20
C VAL E 673 -21.45 -38.74 4.18
N LYS E 674 -21.74 -39.45 5.28
CA LYS E 674 -22.96 -40.25 5.35
C LYS E 674 -24.21 -39.38 5.28
N TRP E 675 -24.20 -38.23 5.96
CA TRP E 675 -25.32 -37.31 5.82
C TRP E 675 -25.39 -36.74 4.41
N TYR E 676 -24.24 -36.48 3.80
CA TYR E 676 -24.22 -35.88 2.46
C TYR E 676 -24.85 -36.80 1.44
N LYS E 677 -24.49 -38.08 1.48
CA LYS E 677 -25.16 -39.04 0.58
C LYS E 677 -26.49 -39.51 1.15
N LYS E 678 -27.29 -38.57 1.64
CA LYS E 678 -28.67 -38.81 2.02
C LYS E 678 -29.61 -37.67 1.64
N TYR E 679 -29.10 -36.48 1.34
CA TYR E 679 -29.92 -35.33 0.98
C TYR E 679 -29.43 -34.58 -0.25
N HIS E 680 -28.15 -34.67 -0.60
CA HIS E 680 -27.57 -33.82 -1.63
C HIS E 680 -27.09 -34.62 -2.84
N ILE E 681 -27.58 -35.84 -3.02
CA ILE E 681 -27.12 -36.69 -4.12
C ILE E 681 -27.71 -36.20 -5.44
N PRO E 682 -29.05 -36.11 -5.62
CA PRO E 682 -29.57 -35.62 -6.90
C PRO E 682 -29.20 -34.17 -7.16
N ILE E 683 -29.60 -33.28 -6.25
CA ILE E 683 -29.27 -31.86 -6.30
C ILE E 683 -28.94 -31.40 -4.89
N MET E 684 -28.40 -30.19 -4.78
CA MET E 684 -28.12 -29.58 -3.49
C MET E 684 -28.92 -28.28 -3.38
N LYS E 685 -29.61 -28.13 -2.25
CA LYS E 685 -30.43 -26.94 -2.03
C LYS E 685 -30.70 -26.81 -0.53
N LEU E 686 -30.57 -25.60 0.00
CA LEU E 686 -30.87 -25.32 1.39
C LEU E 686 -32.26 -24.70 1.48
N TYR E 687 -33.15 -25.36 2.22
CA TYR E 687 -34.54 -24.96 2.28
C TYR E 687 -34.76 -24.02 3.47
N PRO E 688 -35.21 -22.80 3.26
CA PRO E 688 -35.46 -21.90 4.38
C PRO E 688 -36.67 -22.34 5.19
N THR E 689 -36.66 -21.95 6.47
CA THR E 689 -37.76 -22.22 7.41
C THR E 689 -38.16 -20.92 8.08
N PRO E 690 -39.00 -20.04 7.46
CA PRO E 690 -39.44 -18.81 8.13
C PRO E 690 -39.83 -19.02 9.59
N GLU E 691 -40.69 -20.02 9.86
CA GLU E 691 -41.16 -20.23 11.23
C GLU E 691 -40.01 -20.62 12.16
N GLY F 323 23.53 -5.10 -40.04
CA GLY F 323 22.20 -5.26 -39.49
C GLY F 323 22.17 -6.15 -38.26
N ASN F 324 20.96 -6.44 -37.78
CA ASN F 324 20.77 -7.28 -36.61
C ASN F 324 19.67 -8.30 -36.90
N LYS F 325 19.87 -9.52 -36.44
CA LYS F 325 18.86 -10.56 -36.62
C LYS F 325 17.64 -10.31 -35.76
N LEU F 326 17.85 -9.96 -34.49
CA LEU F 326 16.74 -9.71 -33.57
C LEU F 326 15.93 -8.49 -33.99
N PHE F 327 16.58 -7.45 -34.50
CA PHE F 327 15.82 -6.30 -34.99
C PHE F 327 14.99 -6.65 -36.22
N ASN F 328 15.53 -7.50 -37.11
CA ASN F 328 14.74 -7.97 -38.24
C ASN F 328 13.53 -8.77 -37.78
N ILE F 329 13.72 -9.62 -36.77
CA ILE F 329 12.61 -10.37 -36.19
C ILE F 329 11.54 -9.41 -35.66
N ALA F 330 11.99 -8.41 -34.91
CA ALA F 330 11.06 -7.44 -34.34
C ALA F 330 10.31 -6.68 -35.44
N GLN F 331 11.01 -6.30 -36.51
CA GLN F 331 10.35 -5.59 -37.61
C GLN F 331 9.33 -6.49 -38.32
N ARG F 332 9.68 -7.76 -38.53
CA ARG F 332 8.73 -8.68 -39.15
C ARG F 332 7.48 -8.84 -38.29
N ILE F 333 7.65 -8.97 -36.97
CA ILE F 333 6.50 -9.07 -36.08
C ILE F 333 5.68 -7.79 -36.13
N LEU F 334 6.34 -6.63 -36.18
CA LEU F 334 5.63 -5.36 -36.28
C LEU F 334 4.83 -5.27 -37.57
N ASP F 335 5.36 -5.85 -38.65
CA ASP F 335 4.69 -5.75 -39.94
C ASP F 335 3.32 -6.42 -39.93
N THR F 336 3.20 -7.57 -39.27
CA THR F 336 1.94 -8.31 -39.25
C THR F 336 0.88 -7.62 -38.42
N ASN F 337 1.18 -6.48 -37.79
CA ASN F 337 0.22 -5.72 -36.99
C ASN F 337 -0.40 -6.59 -35.90
N SER F 338 0.46 -7.30 -35.18
CA SER F 338 0.05 -8.15 -34.07
C SER F 338 0.06 -7.43 -32.74
N VAL F 339 1.11 -6.67 -32.44
CA VAL F 339 1.19 -5.86 -31.23
C VAL F 339 0.72 -4.45 -31.56
N LEU F 340 0.12 -3.79 -30.59
CA LEU F 340 -0.32 -2.41 -30.73
C LEU F 340 -0.12 -1.68 -29.42
N LEU F 341 -0.12 -0.35 -29.49
CA LEU F 341 0.02 0.51 -28.32
C LEU F 341 -1.28 1.27 -28.16
N THR F 342 -1.86 1.17 -26.95
CA THR F 342 -3.17 1.81 -26.70
C THR F 342 -3.01 3.18 -26.07
N GLU F 343 -4.07 3.97 -26.07
CA GLU F 343 -4.06 5.30 -25.45
C GLU F 343 -3.78 5.20 -23.96
N ARG F 344 -4.22 4.12 -23.31
CA ARG F 344 -3.99 3.92 -21.89
C ARG F 344 -2.52 3.69 -21.57
N GLY F 345 -1.68 3.46 -22.57
CA GLY F 345 -0.30 3.11 -22.36
C GLY F 345 -0.03 1.63 -22.27
N ASP F 346 -1.06 0.79 -22.39
CA ASP F 346 -0.93 -0.65 -22.29
C ASP F 346 -0.66 -1.25 -23.66
N HIS F 347 0.27 -2.20 -23.70
CA HIS F 347 0.59 -2.90 -24.93
C HIS F 347 -0.34 -4.11 -25.07
N ILE F 348 -1.13 -4.13 -26.14
CA ILE F 348 -2.04 -5.24 -26.41
C ILE F 348 -1.39 -6.17 -27.42
N VAL F 349 -1.65 -7.46 -27.27
CA VAL F 349 -1.06 -8.47 -28.14
C VAL F 349 -2.16 -9.18 -28.92
N TRP F 350 -1.76 -10.11 -29.79
CA TRP F 350 -2.70 -10.86 -30.63
C TRP F 350 -2.25 -12.33 -30.62
N ILE F 351 -2.80 -13.10 -29.68
CA ILE F 351 -2.51 -14.51 -29.55
C ILE F 351 -3.83 -15.27 -29.44
N ASN F 352 -3.95 -16.36 -30.19
CA ASN F 352 -5.14 -17.20 -30.19
C ASN F 352 -6.40 -16.39 -30.51
N ASN F 353 -6.29 -15.48 -31.48
CA ASN F 353 -7.42 -14.72 -31.99
C ASN F 353 -8.14 -13.94 -30.87
N SER F 354 -7.36 -13.23 -30.06
CA SER F 354 -7.92 -12.42 -29.00
C SER F 354 -6.94 -11.32 -28.64
N TRP F 355 -7.39 -10.07 -28.67
CA TRP F 355 -6.55 -8.92 -28.37
C TRP F 355 -6.38 -8.80 -26.85
N LYS F 356 -5.60 -9.73 -26.31
CA LYS F 356 -5.39 -9.78 -24.87
C LYS F 356 -4.39 -8.72 -24.43
N PHE F 357 -4.53 -8.28 -23.19
CA PHE F 357 -3.61 -7.32 -22.58
C PHE F 357 -3.56 -7.58 -21.08
N ASN F 358 -2.45 -7.17 -20.47
CA ASN F 358 -2.21 -7.48 -19.06
C ASN F 358 -1.19 -6.49 -18.52
N SER F 359 -1.62 -5.58 -17.66
CA SER F 359 -0.71 -4.57 -17.11
C SER F 359 -0.09 -5.02 -15.79
N GLU F 360 0.38 -6.26 -15.77
CA GLU F 360 1.27 -6.76 -14.73
C GLU F 360 2.43 -7.59 -15.25
N GLU F 361 2.33 -8.15 -16.47
CA GLU F 361 3.41 -8.86 -17.12
C GLU F 361 3.46 -8.41 -18.58
N PRO F 362 4.64 -8.35 -19.17
CA PRO F 362 4.72 -8.04 -20.60
C PRO F 362 4.22 -9.19 -21.46
N LEU F 363 2.90 -9.25 -21.66
CA LEU F 363 2.28 -10.28 -22.49
C LEU F 363 2.92 -10.40 -23.87
N ILE F 364 3.59 -9.35 -24.34
CA ILE F 364 4.22 -9.36 -25.66
C ILE F 364 5.13 -10.56 -25.82
N THR F 365 5.81 -10.95 -24.73
CA THR F 365 6.77 -12.05 -24.82
C THR F 365 6.10 -13.38 -25.13
N LYS F 366 4.82 -13.56 -24.78
CA LYS F 366 4.07 -14.71 -25.27
C LYS F 366 3.94 -14.64 -26.78
N LEU F 367 3.56 -13.47 -27.30
CA LEU F 367 3.33 -13.29 -28.73
C LEU F 367 4.57 -13.67 -29.53
N ILE F 368 5.75 -13.25 -29.09
CA ILE F 368 6.98 -13.56 -29.80
C ILE F 368 7.10 -15.06 -30.01
N LEU F 369 6.69 -15.85 -29.02
CA LEU F 369 6.74 -17.30 -29.18
C LEU F 369 5.65 -17.79 -30.14
N SER F 370 4.44 -17.26 -30.01
CA SER F 370 3.32 -17.77 -30.81
C SER F 370 3.54 -17.51 -32.30
N ILE F 371 4.07 -16.34 -32.65
CA ILE F 371 4.35 -16.02 -34.05
C ILE F 371 5.63 -16.68 -34.53
N ARG F 372 6.25 -17.52 -33.70
CA ARG F 372 7.48 -18.19 -34.10
C ARG F 372 7.31 -18.96 -35.41
N HIS F 373 6.12 -19.51 -35.65
CA HIS F 373 5.87 -20.26 -36.87
C HIS F 373 5.64 -19.38 -38.09
N GLN F 374 5.29 -18.11 -37.91
CA GLN F 374 5.05 -17.21 -39.03
C GLN F 374 6.32 -16.54 -39.53
N LEU F 375 7.49 -17.05 -39.17
CA LEU F 375 8.77 -16.52 -39.59
C LEU F 375 9.60 -17.64 -40.22
N PRO F 376 10.58 -17.28 -41.05
CA PRO F 376 11.42 -18.32 -41.69
C PRO F 376 12.14 -19.18 -40.66
N LYS F 377 12.80 -20.22 -41.18
CA LYS F 377 13.45 -21.20 -40.31
C LYS F 377 14.54 -20.56 -39.46
N GLU F 378 15.34 -19.68 -40.06
CA GLU F 378 16.40 -19.03 -39.31
C GLU F 378 15.84 -18.05 -38.27
N TYR F 379 14.65 -17.49 -38.53
CA TYR F 379 14.02 -16.55 -37.62
C TYR F 379 13.08 -17.25 -36.64
N SER F 380 13.12 -18.57 -36.56
CA SER F 380 12.29 -19.34 -35.63
C SER F 380 13.08 -19.88 -34.45
N SER F 381 14.27 -20.43 -34.69
CA SER F 381 15.07 -21.01 -33.62
C SER F 381 15.63 -19.95 -32.67
N GLU F 382 15.59 -18.68 -33.05
CA GLU F 382 16.09 -17.62 -32.17
C GLU F 382 15.12 -17.25 -31.07
N LEU F 383 13.87 -17.74 -31.13
CA LEU F 383 12.86 -17.42 -30.15
C LEU F 383 12.66 -18.53 -29.12
N LEU F 384 13.47 -19.58 -29.17
CA LEU F 384 13.51 -20.55 -28.09
C LEU F 384 14.57 -20.19 -27.05
N CYS F 385 14.56 -18.93 -26.61
CA CYS F 385 15.54 -18.44 -25.65
C CYS F 385 14.92 -17.22 -25.00
N PRO F 386 14.42 -17.35 -23.76
CA PRO F 386 13.70 -16.22 -23.14
C PRO F 386 14.55 -14.96 -23.03
N ARG F 387 15.86 -15.10 -22.82
CA ARG F 387 16.72 -13.91 -22.82
C ARG F 387 16.83 -13.31 -24.21
N LYS F 388 16.60 -14.09 -25.26
CA LYS F 388 16.58 -13.59 -26.63
C LYS F 388 15.19 -13.17 -27.07
N ARG F 389 14.17 -13.40 -26.26
CA ARG F 389 12.85 -12.83 -26.49
C ARG F 389 12.61 -11.57 -25.67
N LYS F 390 13.33 -11.39 -24.56
CA LYS F 390 13.32 -10.10 -23.90
C LYS F 390 13.89 -9.02 -24.80
N THR F 391 14.92 -9.36 -25.57
CA THR F 391 15.50 -8.41 -26.52
C THR F 391 14.48 -8.00 -27.59
N VAL F 392 13.77 -8.99 -28.15
CA VAL F 392 12.79 -8.68 -29.18
C VAL F 392 11.62 -7.89 -28.59
N GLU F 393 11.22 -8.22 -27.36
CA GLU F 393 10.20 -7.43 -26.68
C GLU F 393 10.65 -5.99 -26.48
N ALA F 394 11.92 -5.79 -26.08
CA ALA F 394 12.43 -4.44 -25.91
C ALA F 394 12.42 -3.67 -27.21
N ASN F 395 12.85 -4.31 -28.30
CA ASN F 395 12.81 -3.67 -29.61
C ASN F 395 11.38 -3.29 -29.98
N ILE F 396 10.43 -4.20 -29.75
CA ILE F 396 9.04 -3.91 -30.09
C ILE F 396 8.51 -2.74 -29.25
N ARG F 397 8.83 -2.73 -27.96
CA ARG F 397 8.43 -1.60 -27.12
C ARG F 397 9.09 -0.30 -27.55
N ASP F 398 10.25 -0.37 -28.21
CA ASP F 398 10.92 0.81 -28.72
C ASP F 398 10.55 1.14 -30.17
N MET F 399 9.75 0.30 -30.82
CA MET F 399 9.34 0.53 -32.19
C MET F 399 7.89 0.98 -32.32
N LEU F 400 7.14 1.06 -31.22
CA LEU F 400 5.74 1.46 -31.25
C LEU F 400 5.65 2.85 -30.64
N VAL F 401 5.81 3.87 -31.49
CA VAL F 401 5.78 5.26 -31.03
C VAL F 401 4.41 5.91 -31.15
N ASP F 402 3.48 5.28 -31.86
CA ASP F 402 2.18 5.88 -32.14
C ASP F 402 1.08 5.13 -31.39
N SER F 403 0.26 5.88 -30.67
CA SER F 403 -0.86 5.30 -29.94
C SER F 403 -2.01 4.99 -30.89
N VAL F 404 -2.81 3.98 -30.51
CA VAL F 404 -3.98 3.58 -31.28
C VAL F 404 -5.20 3.59 -30.35
N GLU F 405 -6.36 3.84 -30.93
CA GLU F 405 -7.63 3.83 -30.20
C GLU F 405 -8.35 2.53 -30.52
N THR F 406 -8.70 1.78 -29.48
CA THR F 406 -9.25 0.43 -29.62
C THR F 406 -10.74 0.42 -29.37
N ASP F 407 -11.38 -0.67 -29.81
CA ASP F 407 -12.83 -0.86 -29.69
C ASP F 407 -13.60 0.31 -30.32
N THR F 408 -13.15 0.73 -31.50
CA THR F 408 -13.80 1.83 -32.20
C THR F 408 -15.13 1.39 -32.80
N TYR F 409 -15.19 0.17 -33.33
CA TYR F 409 -16.44 -0.33 -33.90
C TYR F 409 -17.37 -0.76 -32.77
N PRO F 410 -18.56 -0.19 -32.67
CA PRO F 410 -19.43 -0.50 -31.52
C PRO F 410 -20.24 -1.77 -31.72
N ASP F 411 -20.59 -2.11 -32.96
CA ASP F 411 -21.47 -3.25 -33.21
C ASP F 411 -20.72 -4.57 -33.42
N LYS F 412 -19.79 -4.90 -32.53
CA LYS F 412 -19.05 -6.15 -32.59
C LYS F 412 -19.06 -6.81 -31.22
N LEU F 413 -19.21 -8.13 -31.22
CA LEU F 413 -19.20 -8.92 -29.98
C LEU F 413 -17.94 -9.78 -29.97
N PRO F 414 -16.97 -9.50 -29.11
CA PRO F 414 -15.72 -10.27 -29.11
C PRO F 414 -15.79 -11.51 -28.24
N PHE F 415 -15.63 -12.68 -28.84
CA PHE F 415 -15.55 -13.92 -28.08
C PHE F 415 -14.08 -14.27 -27.86
N LYS F 416 -13.82 -15.46 -27.33
CA LYS F 416 -12.46 -15.91 -27.12
C LYS F 416 -11.83 -16.47 -28.39
N ASN F 417 -12.60 -16.62 -29.48
CA ASN F 417 -12.07 -17.20 -30.71
C ASN F 417 -12.57 -16.45 -31.93
N GLY F 418 -12.85 -15.17 -31.78
CA GLY F 418 -13.22 -14.36 -32.93
C GLY F 418 -14.12 -13.20 -32.53
N VAL F 419 -14.74 -12.63 -33.55
CA VAL F 419 -15.63 -11.48 -33.40
C VAL F 419 -16.90 -11.74 -34.21
N LEU F 420 -18.05 -11.56 -33.57
CA LEU F 420 -19.33 -11.69 -34.23
C LEU F 420 -19.87 -10.30 -34.55
N ASP F 421 -20.12 -10.04 -35.82
CA ASP F 421 -20.66 -8.75 -36.24
C ASP F 421 -22.19 -8.80 -36.17
N LEU F 422 -22.78 -7.83 -35.48
CA LEU F 422 -24.20 -7.87 -35.19
C LEU F 422 -25.07 -7.40 -36.35
N VAL F 423 -24.48 -6.75 -37.36
CA VAL F 423 -25.28 -6.19 -38.45
C VAL F 423 -25.99 -7.29 -39.22
N ASP F 424 -25.29 -8.39 -39.51
CA ASP F 424 -25.90 -9.50 -40.23
C ASP F 424 -25.58 -10.87 -39.63
N GLY F 425 -24.67 -10.95 -38.67
CA GLY F 425 -24.52 -12.16 -37.87
C GLY F 425 -23.58 -13.21 -38.39
N MET F 426 -22.63 -12.88 -39.26
CA MET F 426 -21.63 -13.87 -39.63
C MET F 426 -20.58 -13.98 -38.54
N PHE F 427 -19.62 -14.88 -38.74
CA PHE F 427 -18.53 -15.07 -37.80
C PHE F 427 -17.19 -14.86 -38.49
N TYR F 428 -16.23 -14.34 -37.72
CA TYR F 428 -14.91 -14.03 -38.23
C TYR F 428 -13.84 -14.68 -37.35
N SER F 429 -12.70 -14.97 -37.96
CA SER F 429 -11.55 -15.49 -37.25
C SER F 429 -10.29 -15.09 -37.98
N GLY F 430 -9.18 -15.04 -37.25
CA GLY F 430 -7.93 -14.66 -37.85
C GLY F 430 -7.89 -13.18 -38.23
N ASP F 431 -7.20 -12.89 -39.33
CA ASP F 431 -7.05 -11.51 -39.79
C ASP F 431 -8.39 -10.86 -40.08
N ASP F 432 -9.43 -11.64 -40.36
CA ASP F 432 -10.76 -11.07 -40.56
C ASP F 432 -11.27 -10.40 -39.30
N ALA F 433 -11.01 -11.00 -38.13
CA ALA F 433 -11.41 -10.42 -36.87
C ALA F 433 -10.36 -9.49 -36.27
N LYS F 434 -9.16 -9.45 -36.84
CA LYS F 434 -8.10 -8.62 -36.27
C LYS F 434 -8.33 -7.14 -36.52
N LYS F 435 -9.05 -6.79 -37.59
CA LYS F 435 -9.23 -5.39 -37.95
C LYS F 435 -9.91 -4.61 -36.83
N TYR F 436 -10.92 -5.21 -36.20
CA TYR F 436 -11.64 -4.59 -35.08
C TYR F 436 -10.86 -4.89 -33.81
N THR F 437 -10.05 -3.93 -33.36
CA THR F 437 -9.20 -4.12 -32.19
C THR F 437 -10.04 -3.95 -30.94
N CYS F 438 -10.79 -5.01 -30.62
CA CYS F 438 -11.60 -5.07 -29.41
C CYS F 438 -10.80 -5.84 -28.35
N THR F 439 -10.17 -5.09 -27.45
CA THR F 439 -9.30 -5.71 -26.46
C THR F 439 -10.07 -6.61 -25.51
N VAL F 440 -11.28 -6.21 -25.12
CA VAL F 440 -12.09 -7.04 -24.23
C VAL F 440 -12.73 -8.18 -25.02
N SER F 441 -13.24 -9.16 -24.28
CA SER F 441 -13.88 -10.32 -24.89
C SER F 441 -14.93 -10.85 -23.92
N THR F 442 -15.81 -11.71 -24.44
CA THR F 442 -16.87 -12.27 -23.61
C THR F 442 -16.32 -13.27 -22.59
N GLY F 443 -15.19 -13.90 -22.88
CA GLY F 443 -14.59 -14.84 -21.97
C GLY F 443 -14.81 -16.30 -22.27
N PHE F 444 -15.43 -16.63 -23.40
CA PHE F 444 -15.65 -18.02 -23.76
C PHE F 444 -15.62 -18.16 -25.28
N LYS F 445 -15.35 -19.39 -25.73
CA LYS F 445 -15.31 -19.67 -27.15
C LYS F 445 -16.71 -19.69 -27.74
N PHE F 446 -16.77 -19.52 -29.06
CA PHE F 446 -18.04 -19.48 -29.79
C PHE F 446 -18.13 -20.74 -30.65
N ASP F 447 -19.14 -21.57 -30.37
CA ASP F 447 -19.34 -22.81 -31.11
C ASP F 447 -20.30 -22.54 -32.27
N ASP F 448 -19.95 -23.04 -33.45
CA ASP F 448 -20.74 -22.76 -34.65
C ASP F 448 -22.08 -23.49 -34.62
N THR F 449 -22.08 -24.77 -34.27
CA THR F 449 -23.32 -25.53 -34.33
C THR F 449 -24.07 -25.45 -33.01
N LYS F 450 -24.21 -24.23 -32.48
CA LYS F 450 -25.18 -23.93 -31.43
C LYS F 450 -25.88 -22.60 -31.64
N PHE F 451 -25.31 -21.69 -32.42
CA PHE F 451 -25.91 -20.39 -32.72
C PHE F 451 -26.98 -20.55 -33.80
N VAL F 452 -27.98 -21.37 -33.49
CA VAL F 452 -29.02 -21.77 -34.43
C VAL F 452 -30.37 -21.33 -33.89
N GLU F 453 -31.41 -21.66 -34.66
CA GLU F 453 -32.78 -21.27 -34.33
C GLU F 453 -33.64 -22.43 -33.83
N ASP F 454 -33.25 -23.67 -34.11
CA ASP F 454 -33.98 -24.85 -33.66
C ASP F 454 -33.08 -25.70 -32.78
N SER F 455 -33.52 -25.91 -31.54
CA SER F 455 -32.86 -26.76 -30.56
C SER F 455 -33.77 -26.91 -29.35
N PRO F 456 -33.72 -28.04 -28.63
CA PRO F 456 -34.52 -28.14 -27.41
C PRO F 456 -34.18 -27.06 -26.40
N GLU F 457 -32.88 -26.72 -26.28
CA GLU F 457 -32.48 -25.63 -25.39
C GLU F 457 -33.08 -24.31 -25.84
N MET F 458 -33.14 -24.07 -27.15
CA MET F 458 -33.74 -22.84 -27.66
C MET F 458 -35.22 -22.76 -27.31
N GLU F 459 -35.94 -23.87 -27.49
CA GLU F 459 -37.37 -23.87 -27.19
C GLU F 459 -37.63 -23.67 -25.70
N GLU F 460 -36.88 -24.37 -24.84
CA GLU F 460 -37.09 -24.19 -23.40
C GLU F 460 -36.65 -22.80 -22.95
N LEU F 461 -35.61 -22.23 -23.56
CA LEU F 461 -35.23 -20.86 -23.24
C LEU F 461 -36.33 -19.88 -23.63
N MET F 462 -36.94 -20.07 -24.80
CA MET F 462 -38.06 -19.23 -25.18
C MET F 462 -39.21 -19.38 -24.19
N ASN F 463 -39.44 -20.61 -23.72
CA ASN F 463 -40.51 -20.83 -22.74
C ASN F 463 -40.25 -20.07 -21.44
N ILE F 464 -39.02 -20.17 -20.92
CA ILE F 464 -38.73 -19.48 -19.66
C ILE F 464 -38.71 -17.96 -19.85
N ILE F 465 -38.31 -17.48 -21.03
CA ILE F 465 -38.34 -16.04 -21.27
C ILE F 465 -39.77 -15.54 -21.32
N ASN F 466 -40.65 -16.27 -22.00
CA ASN F 466 -42.07 -15.91 -22.00
C ASN F 466 -42.67 -16.01 -20.61
N ASP F 467 -42.17 -16.94 -19.79
CA ASP F 467 -42.58 -16.97 -18.39
C ASP F 467 -42.16 -15.71 -17.66
N ILE F 468 -40.92 -15.26 -17.89
CA ILE F 468 -40.43 -14.04 -17.24
C ILE F 468 -41.22 -12.83 -17.73
N GLN F 469 -41.43 -12.73 -19.04
CA GLN F 469 -42.16 -11.62 -19.64
C GLN F 469 -43.18 -12.17 -20.63
N PRO F 470 -44.44 -12.29 -20.22
CA PRO F 470 -45.47 -12.81 -21.14
C PRO F 470 -45.68 -11.88 -22.33
N LEU F 471 -46.04 -12.49 -23.46
CA LEU F 471 -46.30 -11.74 -24.69
C LEU F 471 -47.75 -11.31 -24.79
N THR F 472 -48.24 -10.64 -23.75
CA THR F 472 -49.60 -10.13 -23.73
C THR F 472 -49.61 -8.66 -24.14
N ASP F 473 -50.81 -8.12 -24.41
CA ASP F 473 -50.93 -6.72 -24.76
C ASP F 473 -50.70 -5.79 -23.58
N GLU F 474 -51.11 -6.19 -22.39
CA GLU F 474 -50.82 -5.41 -21.19
C GLU F 474 -49.32 -5.32 -20.91
N ASN F 475 -48.58 -6.39 -21.21
CA ASN F 475 -47.14 -6.41 -21.02
C ASN F 475 -46.38 -6.11 -22.30
N LYS F 476 -47.09 -5.72 -23.37
CA LYS F 476 -46.45 -5.59 -24.69
C LYS F 476 -45.39 -4.51 -24.69
N LYS F 477 -45.72 -3.31 -24.17
CA LYS F 477 -44.74 -2.24 -24.12
C LYS F 477 -43.58 -2.60 -23.20
N ASN F 478 -43.90 -3.19 -22.04
CA ASN F 478 -42.85 -3.60 -21.12
C ASN F 478 -41.97 -4.67 -21.75
N ARG F 479 -42.59 -5.64 -22.43
CA ARG F 479 -41.81 -6.69 -23.08
C ARG F 479 -40.90 -6.12 -24.16
N GLU F 480 -41.42 -5.20 -24.97
CA GLU F 480 -40.61 -4.62 -26.04
C GLU F 480 -39.45 -3.81 -25.48
N LEU F 481 -39.69 -3.01 -24.45
CA LEU F 481 -38.61 -2.21 -23.88
C LEU F 481 -37.59 -3.10 -23.16
N TYR F 482 -38.06 -4.20 -22.57
CA TYR F 482 -37.15 -5.20 -22.01
C TYR F 482 -36.28 -5.83 -23.10
N GLU F 483 -36.90 -6.12 -24.25
CA GLU F 483 -36.16 -6.61 -25.41
C GLU F 483 -35.05 -5.65 -25.78
N LYS F 484 -35.41 -4.36 -25.94
CA LYS F 484 -34.43 -3.37 -26.35
C LYS F 484 -33.33 -3.20 -25.32
N THR F 485 -33.69 -3.17 -24.03
CA THR F 485 -32.70 -2.98 -22.98
C THR F 485 -31.70 -4.15 -22.95
N LEU F 486 -32.20 -5.38 -23.07
CA LEU F 486 -31.27 -6.51 -23.13
C LEU F 486 -30.42 -6.47 -24.39
N SER F 487 -31.03 -6.11 -25.51
CA SER F 487 -30.30 -6.05 -26.77
C SER F 487 -29.17 -5.02 -26.74
N SER F 488 -29.38 -3.92 -26.01
CA SER F 488 -28.36 -2.87 -25.96
C SER F 488 -27.07 -3.34 -25.28
N CYS F 489 -27.12 -4.44 -24.52
CA CYS F 489 -25.91 -4.96 -23.89
C CYS F 489 -25.15 -5.88 -24.83
N LEU F 490 -24.99 -5.43 -26.06
CA LEU F 490 -24.13 -6.08 -27.05
C LEU F 490 -23.28 -5.09 -27.85
N CYS F 491 -23.67 -3.82 -27.92
CA CYS F 491 -22.98 -2.83 -28.73
C CYS F 491 -22.01 -2.03 -27.87
N GLY F 492 -20.96 -1.54 -28.51
CA GLY F 492 -19.90 -0.84 -27.80
C GLY F 492 -20.11 0.66 -27.68
N ALA F 493 -21.32 1.13 -27.98
CA ALA F 493 -21.63 2.54 -27.84
C ALA F 493 -21.73 2.90 -26.36
N THR F 494 -21.99 4.17 -26.09
CA THR F 494 -22.16 4.67 -24.73
C THR F 494 -23.63 5.03 -24.55
N LYS F 495 -24.30 4.30 -23.66
CA LYS F 495 -25.71 4.55 -23.39
C LYS F 495 -25.87 5.67 -22.38
N GLY F 496 -26.83 6.55 -22.64
CA GLY F 496 -27.10 7.68 -21.78
C GLY F 496 -28.32 7.53 -20.90
N CYS F 497 -28.99 6.38 -20.92
CA CYS F 497 -30.21 6.16 -20.13
C CYS F 497 -29.99 5.00 -19.19
N LEU F 498 -30.08 5.27 -17.89
CA LEU F 498 -30.04 4.20 -16.90
C LEU F 498 -31.34 3.39 -16.97
N THR F 499 -31.24 2.10 -16.65
CA THR F 499 -32.38 1.20 -16.70
C THR F 499 -32.52 0.50 -15.34
N PHE F 500 -33.76 0.43 -14.86
CA PHE F 500 -34.08 -0.16 -13.58
C PHE F 500 -34.73 -1.53 -13.78
N PHE F 501 -34.53 -2.42 -12.81
CA PHE F 501 -35.21 -3.71 -12.79
C PHE F 501 -36.15 -3.80 -11.60
N PHE F 502 -36.97 -2.76 -11.42
CA PHE F 502 -38.01 -2.79 -10.41
C PHE F 502 -38.78 -4.11 -10.48
N GLY F 503 -38.83 -4.80 -9.35
CA GLY F 503 -39.64 -5.99 -9.23
C GLY F 503 -39.67 -6.45 -7.78
N GLU F 504 -40.69 -7.24 -7.47
CA GLU F 504 -40.79 -7.84 -6.15
C GLU F 504 -39.87 -9.06 -6.07
N THR F 505 -39.69 -9.57 -4.85
CA THR F 505 -38.77 -10.67 -4.63
C THR F 505 -39.23 -11.93 -5.35
N ALA F 506 -38.26 -12.71 -5.81
CA ALA F 506 -38.49 -13.96 -6.54
C ALA F 506 -39.37 -13.74 -7.76
N THR F 507 -38.86 -12.94 -8.69
CA THR F 507 -39.57 -12.62 -9.92
C THR F 507 -38.78 -12.90 -11.19
N GLY F 508 -37.46 -12.96 -11.12
CA GLY F 508 -36.63 -13.23 -12.29
C GLY F 508 -35.55 -12.21 -12.58
N LYS F 509 -35.41 -11.17 -11.76
CA LYS F 509 -34.35 -10.18 -12.00
C LYS F 509 -32.98 -10.82 -11.94
N SER F 510 -32.73 -11.63 -10.91
CA SER F 510 -31.47 -12.35 -10.84
C SER F 510 -31.39 -13.44 -11.88
N THR F 511 -32.53 -13.98 -12.31
CA THR F 511 -32.52 -14.94 -13.40
C THR F 511 -32.07 -14.30 -14.71
N THR F 512 -32.61 -13.12 -15.03
CA THR F 512 -32.16 -12.39 -16.20
C THR F 512 -30.71 -11.96 -16.06
N LYS F 513 -30.31 -11.56 -14.85
CA LYS F 513 -28.92 -11.20 -14.61
C LYS F 513 -27.99 -12.38 -14.88
N ARG F 514 -28.35 -13.58 -14.41
CA ARG F 514 -27.49 -14.74 -14.61
C ARG F 514 -27.53 -15.21 -16.06
N LEU F 515 -28.68 -15.06 -16.73
CA LEU F 515 -28.75 -15.34 -18.16
C LEU F 515 -27.80 -14.43 -18.94
N LEU F 516 -27.79 -13.14 -18.62
CA LEU F 516 -26.85 -12.23 -19.25
C LEU F 516 -25.41 -12.60 -18.92
N LYS F 517 -25.14 -12.94 -17.66
CA LYS F 517 -23.78 -13.32 -17.27
C LYS F 517 -23.32 -14.57 -18.02
N SER F 518 -24.22 -15.50 -18.29
CA SER F 518 -23.89 -16.67 -19.08
C SER F 518 -23.81 -16.36 -20.57
N ALA F 519 -24.48 -15.31 -21.03
CA ALA F 519 -24.52 -14.99 -22.45
C ALA F 519 -23.37 -14.10 -22.89
N ILE F 520 -23.06 -13.06 -22.12
CA ILE F 520 -22.00 -12.13 -22.50
C ILE F 520 -20.74 -12.30 -21.65
N GLY F 521 -20.83 -12.97 -20.51
CA GLY F 521 -19.64 -13.36 -19.76
C GLY F 521 -18.81 -12.23 -19.19
N ASP F 522 -17.61 -12.04 -19.73
CA ASP F 522 -16.69 -11.02 -19.16
C ASP F 522 -17.28 -9.62 -19.32
N LEU F 523 -17.96 -9.36 -20.44
CA LEU F 523 -18.51 -8.01 -20.63
C LEU F 523 -19.66 -7.80 -19.66
N PHE F 524 -19.38 -8.02 -18.37
CA PHE F 524 -20.40 -8.07 -17.33
C PHE F 524 -19.70 -8.02 -15.98
N VAL F 525 -20.08 -7.07 -15.12
CA VAL F 525 -19.52 -6.98 -13.78
C VAL F 525 -20.65 -6.71 -12.79
N GLU F 526 -20.37 -6.99 -11.52
CA GLU F 526 -21.26 -6.67 -10.42
C GLU F 526 -20.59 -5.64 -9.50
N THR F 527 -21.39 -4.71 -9.01
CA THR F 527 -20.90 -3.64 -8.14
C THR F 527 -21.89 -3.44 -7.00
N GLY F 528 -21.39 -2.92 -5.88
CA GLY F 528 -22.24 -2.57 -4.78
C GLY F 528 -22.86 -1.19 -4.94
N GLN F 529 -23.87 -0.92 -4.11
CA GLN F 529 -24.62 0.33 -4.17
C GLN F 529 -23.77 1.56 -3.88
N THR F 530 -22.48 1.39 -3.57
CA THR F 530 -21.64 2.54 -3.23
C THR F 530 -21.57 3.53 -4.37
N ILE F 531 -21.42 3.06 -5.62
CA ILE F 531 -21.36 3.96 -6.76
C ILE F 531 -22.65 4.73 -6.97
N LEU F 532 -23.72 4.40 -6.25
CA LEU F 532 -24.96 5.16 -6.29
C LEU F 532 -25.13 6.08 -5.09
N THR F 533 -24.56 5.74 -3.93
CA THR F 533 -24.61 6.58 -2.73
C THR F 533 -23.20 6.73 -2.20
N ASP F 534 -22.44 7.67 -2.79
CA ASP F 534 -21.09 8.01 -2.35
C ASP F 534 -20.55 9.14 -3.21
N VAL F 535 -19.63 9.93 -2.67
CA VAL F 535 -18.86 10.88 -3.48
C VAL F 535 -17.81 10.07 -4.22
N LEU F 536 -18.12 9.70 -5.47
CA LEU F 536 -17.31 8.72 -6.18
C LEU F 536 -16.07 9.33 -6.81
N ASP F 537 -15.35 10.12 -6.02
CA ASP F 537 -14.02 10.62 -6.41
C ASP F 537 -12.98 10.56 -5.30
N LYS F 538 -13.38 10.50 -4.04
CA LYS F 538 -12.44 10.56 -2.93
C LYS F 538 -11.84 9.18 -2.67
N GLY F 539 -10.51 9.12 -2.59
CA GLY F 539 -9.83 7.88 -2.30
C GLY F 539 -9.75 6.95 -3.49
N PRO F 540 -9.17 5.77 -3.30
CA PRO F 540 -9.06 4.81 -4.39
C PRO F 540 -10.33 3.95 -4.50
N ASN F 541 -11.03 4.09 -5.62
CA ASN F 541 -12.29 3.39 -5.84
C ASN F 541 -12.11 2.40 -6.99
N PRO F 542 -12.01 1.09 -6.70
CA PRO F 542 -11.91 0.11 -7.77
C PRO F 542 -13.25 -0.33 -8.34
N PHE F 543 -14.36 0.11 -7.76
CA PHE F 543 -15.68 -0.21 -8.30
C PHE F 543 -15.96 0.52 -9.61
N ILE F 544 -15.17 1.53 -9.94
CA ILE F 544 -15.31 2.26 -11.20
C ILE F 544 -14.24 1.86 -12.21
N ALA F 545 -13.01 1.66 -11.74
CA ALA F 545 -11.92 1.28 -12.64
C ALA F 545 -12.12 -0.11 -13.24
N ASN F 546 -13.01 -0.93 -12.68
CA ASN F 546 -13.32 -2.22 -13.27
C ASN F 546 -14.40 -2.13 -14.33
N MET F 547 -15.31 -1.17 -14.21
CA MET F 547 -16.38 -0.99 -15.20
C MET F 547 -15.89 -0.19 -16.40
N HIS F 548 -14.74 -0.58 -16.94
CA HIS F 548 -14.19 0.05 -18.13
C HIS F 548 -14.34 -0.92 -19.31
N LEU F 549 -15.01 -0.46 -20.36
CA LEU F 549 -15.27 -1.18 -21.60
C LEU F 549 -16.26 -2.34 -21.42
N LYS F 550 -16.73 -2.60 -20.20
CA LYS F 550 -17.77 -3.57 -19.99
C LYS F 550 -19.08 -3.07 -20.61
N ARG F 551 -19.81 -3.98 -21.26
CA ARG F 551 -21.03 -3.60 -21.96
C ARG F 551 -22.29 -3.81 -21.16
N SER F 552 -22.17 -4.20 -19.89
CA SER F 552 -23.35 -4.35 -19.02
C SER F 552 -22.88 -4.35 -17.58
N VAL F 553 -23.41 -3.43 -16.78
CA VAL F 553 -23.05 -3.30 -15.37
C VAL F 553 -24.30 -3.55 -14.54
N PHE F 554 -24.20 -4.48 -13.59
CA PHE F 554 -25.28 -4.83 -12.69
C PHE F 554 -24.93 -4.44 -11.26
N CYS F 555 -25.83 -3.71 -10.61
CA CYS F 555 -25.63 -3.20 -9.26
C CYS F 555 -26.85 -3.59 -8.44
N SER F 556 -26.80 -4.77 -7.83
CA SER F 556 -27.90 -5.28 -7.03
C SER F 556 -27.82 -4.70 -5.62
N GLU F 557 -28.61 -5.26 -4.70
CA GLU F 557 -28.59 -4.89 -3.28
C GLU F 557 -28.90 -3.40 -3.10
N LEU F 558 -30.15 -3.06 -3.43
CA LEU F 558 -30.70 -1.74 -3.14
C LEU F 558 -31.78 -1.88 -2.07
N PRO F 559 -31.44 -1.73 -0.80
CA PRO F 559 -32.45 -1.87 0.26
C PRO F 559 -33.37 -0.66 0.30
N ASP F 560 -34.47 -0.82 1.04
CA ASP F 560 -35.44 0.26 1.20
C ASP F 560 -34.82 1.41 1.98
N PHE F 561 -35.32 2.62 1.69
CA PHE F 561 -34.81 3.83 2.30
C PHE F 561 -35.79 4.45 3.29
N ALA F 562 -36.80 3.69 3.73
CA ALA F 562 -37.78 4.22 4.67
C ALA F 562 -37.23 4.31 6.09
N CYS F 563 -36.36 3.40 6.49
CA CYS F 563 -35.85 3.36 7.85
C CYS F 563 -34.63 4.28 7.98
N SER F 564 -34.07 4.36 9.18
CA SER F 564 -32.93 5.21 9.46
C SER F 564 -31.63 4.56 8.98
N GLY F 565 -30.61 5.39 8.78
CA GLY F 565 -29.33 4.91 8.31
C GLY F 565 -29.25 4.62 6.84
N SER F 566 -30.26 5.02 6.06
CA SER F 566 -30.30 4.76 4.63
C SER F 566 -29.86 5.99 3.87
N LYS F 567 -28.88 5.82 2.98
CA LYS F 567 -28.40 6.92 2.15
C LYS F 567 -29.20 6.96 0.85
N LYS F 568 -29.83 8.10 0.57
CA LYS F 568 -30.57 8.24 -0.67
C LYS F 568 -29.63 8.24 -1.86
N ILE F 569 -30.14 7.77 -3.00
CA ILE F 569 -29.34 7.66 -4.22
C ILE F 569 -28.93 9.05 -4.66
N ARG F 570 -27.62 9.33 -4.62
CA ARG F 570 -27.11 10.66 -4.91
C ARG F 570 -27.37 10.99 -6.39
N SER F 571 -28.08 12.09 -6.62
CA SER F 571 -28.66 12.34 -7.94
C SER F 571 -27.60 12.55 -9.02
N ASP F 572 -26.55 13.30 -8.71
CA ASP F 572 -25.57 13.65 -9.74
C ASP F 572 -24.83 12.44 -10.28
N ASN F 573 -24.82 11.33 -9.54
CA ASN F 573 -24.17 10.11 -10.03
C ASN F 573 -24.86 9.59 -11.30
N ILE F 574 -26.16 9.84 -11.46
CA ILE F 574 -26.87 9.36 -12.64
C ILE F 574 -26.33 10.04 -13.89
N LYS F 575 -26.14 11.36 -13.83
CA LYS F 575 -25.52 12.05 -14.96
C LYS F 575 -24.04 11.74 -15.06
N LYS F 576 -23.40 11.43 -13.93
CA LYS F 576 -22.00 11.06 -13.94
C LYS F 576 -21.76 9.76 -14.70
N LEU F 577 -22.68 8.80 -14.59
CA LEU F 577 -22.49 7.46 -15.15
C LEU F 577 -22.89 7.35 -16.61
N THR F 578 -23.54 8.36 -17.18
CA THR F 578 -23.99 8.31 -18.57
C THR F 578 -23.07 9.06 -19.52
N GLU F 579 -21.99 9.63 -19.01
CA GLU F 579 -21.07 10.32 -19.92
C GLU F 579 -20.21 9.31 -20.68
N PRO F 580 -19.69 9.68 -21.85
CA PRO F 580 -18.81 8.77 -22.59
C PRO F 580 -17.53 8.42 -21.84
N CYS F 581 -17.20 9.16 -20.77
CA CYS F 581 -16.06 8.83 -19.93
C CYS F 581 -16.51 8.86 -18.47
N VAL F 582 -15.89 8.00 -17.67
CA VAL F 582 -16.18 7.91 -16.24
C VAL F 582 -14.89 8.24 -15.49
N ILE F 583 -15.05 8.94 -14.37
CA ILE F 583 -13.93 9.45 -13.58
C ILE F 583 -13.84 8.65 -12.29
N GLY F 584 -12.69 8.03 -12.06
CA GLY F 584 -12.47 7.23 -10.87
C GLY F 584 -11.07 6.67 -10.84
N ARG F 585 -10.51 6.51 -9.64
CA ARG F 585 -9.14 6.09 -9.50
C ARG F 585 -9.06 4.75 -8.76
N PRO F 586 -8.38 3.75 -9.31
CA PRO F 586 -8.23 2.47 -8.60
C PRO F 586 -7.22 2.55 -7.47
N CYS F 587 -6.91 1.41 -6.86
CA CYS F 587 -5.98 1.37 -5.73
C CYS F 587 -4.59 1.77 -6.22
N PHE F 588 -4.15 2.97 -5.83
CA PHE F 588 -2.81 3.48 -6.12
C PHE F 588 -2.53 3.52 -7.63
N SER F 589 -3.32 4.34 -8.32
CA SER F 589 -3.12 4.57 -9.74
C SER F 589 -3.64 5.96 -10.10
N ASN F 590 -3.13 6.48 -11.22
CA ASN F 590 -3.48 7.82 -11.67
C ASN F 590 -4.42 7.82 -12.86
N LYS F 591 -4.74 6.65 -13.43
CA LYS F 591 -5.66 6.59 -14.55
C LYS F 591 -7.08 6.85 -14.08
N ILE F 592 -7.52 8.12 -14.15
CA ILE F 592 -8.84 8.49 -13.66
C ILE F 592 -9.91 8.41 -14.73
N ASN F 593 -9.54 8.28 -16.00
CA ASN F 593 -10.51 8.22 -17.08
C ASN F 593 -10.69 6.77 -17.56
N ASN F 594 -11.95 6.35 -17.66
CA ASN F 594 -12.29 5.03 -18.18
C ASN F 594 -13.43 5.18 -19.17
N ARG F 595 -13.31 4.52 -20.32
CA ARG F 595 -14.37 4.60 -21.32
C ARG F 595 -15.59 3.84 -20.86
N ASN F 596 -16.75 4.48 -20.93
CA ASN F 596 -17.99 3.94 -20.37
C ASN F 596 -18.88 3.46 -21.51
N HIS F 597 -18.80 2.17 -21.81
CA HIS F 597 -19.69 1.52 -22.77
C HIS F 597 -20.82 0.77 -22.09
N ALA F 598 -20.93 0.88 -20.77
CA ALA F 598 -21.79 0.00 -19.99
C ALA F 598 -23.26 0.40 -20.10
N THR F 599 -24.12 -0.62 -20.22
CA THR F 599 -25.56 -0.44 -20.03
C THR F 599 -25.84 -0.54 -18.54
N ILE F 600 -25.77 0.58 -17.85
CA ILE F 600 -25.97 0.59 -16.41
C ILE F 600 -27.39 0.15 -16.12
N ILE F 601 -27.54 -1.04 -15.53
CA ILE F 601 -28.83 -1.61 -15.19
C ILE F 601 -28.85 -1.86 -13.69
N ILE F 602 -29.89 -1.36 -13.03
CA ILE F 602 -30.00 -1.42 -11.57
C ILE F 602 -31.01 -2.51 -11.22
N ASP F 603 -30.61 -3.43 -10.35
CA ASP F 603 -31.49 -4.49 -9.87
C ASP F 603 -31.95 -4.07 -8.49
N THR F 604 -33.17 -3.55 -8.40
CA THR F 604 -33.74 -3.05 -7.16
C THR F 604 -35.02 -3.82 -6.83
N ASN F 605 -35.63 -3.47 -5.71
CA ASN F 605 -36.87 -4.11 -5.26
C ASN F 605 -38.01 -3.13 -5.07
N TYR F 606 -37.75 -1.96 -4.50
CA TYR F 606 -38.75 -0.93 -4.29
C TYR F 606 -38.50 0.25 -5.20
N LYS F 607 -39.28 1.30 -5.00
CA LYS F 607 -39.10 2.53 -5.77
C LYS F 607 -37.82 3.22 -5.33
N PRO F 608 -36.86 3.45 -6.22
CA PRO F 608 -35.67 4.22 -5.82
C PRO F 608 -36.04 5.67 -5.54
N VAL F 609 -35.34 6.24 -4.56
CA VAL F 609 -35.55 7.63 -4.16
C VAL F 609 -34.21 8.35 -4.18
N PHE F 610 -34.19 9.53 -4.79
CA PHE F 610 -32.97 10.31 -4.95
C PHE F 610 -33.00 11.51 -4.02
N ASP F 611 -31.87 12.22 -3.97
CA ASP F 611 -31.77 13.40 -3.11
C ASP F 611 -32.68 14.51 -3.61
N ARG F 612 -32.63 14.80 -4.91
CA ARG F 612 -33.46 15.84 -5.50
C ARG F 612 -33.92 15.40 -6.89
N ILE F 613 -35.17 15.68 -7.20
CA ILE F 613 -35.79 15.25 -8.46
C ILE F 613 -36.00 16.48 -9.33
N ASP F 614 -35.63 16.36 -10.60
CA ASP F 614 -35.78 17.46 -11.55
C ASP F 614 -35.85 16.86 -12.95
N ASN F 615 -36.02 17.74 -13.95
CA ASN F 615 -36.09 17.28 -15.34
C ASN F 615 -34.74 16.87 -15.88
N ALA F 616 -33.65 17.44 -15.36
CA ALA F 616 -32.31 17.02 -15.79
C ALA F 616 -32.05 15.57 -15.43
N LEU F 617 -32.53 15.13 -14.26
CA LEU F 617 -32.44 13.72 -13.88
C LEU F 617 -33.52 12.87 -14.55
N MET F 618 -34.52 13.50 -15.15
CA MET F 618 -35.70 12.78 -15.63
C MET F 618 -35.50 12.15 -16.99
N ARG F 619 -34.47 12.56 -17.73
CA ARG F 619 -34.22 12.04 -19.08
C ARG F 619 -33.12 10.98 -19.10
N ARG F 620 -32.81 10.38 -17.95
CA ARG F 620 -31.79 9.34 -17.87
C ARG F 620 -32.29 8.08 -17.18
N ILE F 621 -33.59 7.97 -16.94
CA ILE F 621 -34.16 6.88 -16.15
C ILE F 621 -35.27 6.20 -16.94
N ALA F 622 -35.12 4.90 -17.15
CA ALA F 622 -36.18 4.07 -17.73
C ALA F 622 -36.34 2.84 -16.85
N VAL F 623 -37.56 2.31 -16.80
CA VAL F 623 -37.89 1.22 -15.88
C VAL F 623 -38.65 0.13 -16.63
N VAL F 624 -38.54 -1.09 -16.09
CA VAL F 624 -39.34 -2.23 -16.52
C VAL F 624 -39.85 -2.93 -15.28
N ARG F 625 -41.14 -3.25 -15.26
CA ARG F 625 -41.72 -3.96 -14.12
C ARG F 625 -41.75 -5.46 -14.40
N PHE F 626 -41.32 -6.24 -13.42
CA PHE F 626 -41.33 -7.69 -13.47
C PHE F 626 -42.55 -8.18 -12.69
N ARG F 627 -43.37 -9.02 -13.33
CA ARG F 627 -44.66 -9.37 -12.79
C ARG F 627 -44.82 -10.83 -12.41
N THR F 628 -44.39 -11.75 -13.27
CA THR F 628 -44.67 -13.17 -13.03
C THR F 628 -43.86 -13.68 -11.85
N HIS F 629 -44.55 -14.17 -10.82
CA HIS F 629 -43.92 -14.64 -9.61
C HIS F 629 -43.55 -16.12 -9.71
N PHE F 630 -42.54 -16.50 -8.96
CA PHE F 630 -42.06 -17.89 -8.89
C PHE F 630 -42.06 -18.34 -7.44
N SER F 631 -42.74 -19.44 -7.16
CA SER F 631 -42.85 -19.94 -5.81
C SER F 631 -43.28 -21.40 -5.82
N GLN F 632 -42.75 -22.18 -4.88
CA GLN F 632 -43.14 -23.56 -4.74
C GLN F 632 -44.58 -23.64 -4.21
N PRO F 633 -45.24 -24.79 -4.40
CA PRO F 633 -46.63 -24.92 -3.93
C PRO F 633 -46.85 -24.58 -2.47
N SER F 634 -45.81 -24.64 -1.63
CA SER F 634 -45.98 -24.30 -0.22
C SER F 634 -46.42 -22.85 -0.05
N GLY F 635 -45.79 -21.94 -0.77
CA GLY F 635 -46.16 -20.54 -0.76
C GLY F 635 -47.03 -20.09 -1.91
N ARG F 636 -47.49 -21.02 -2.74
CA ARG F 636 -48.29 -20.66 -3.90
C ARG F 636 -49.61 -20.02 -3.50
N GLU F 637 -50.26 -20.57 -2.47
CA GLU F 637 -51.53 -20.01 -2.01
C GLU F 637 -51.34 -18.58 -1.49
N ALA F 638 -50.27 -18.35 -0.72
CA ALA F 638 -50.00 -17.02 -0.20
C ALA F 638 -49.61 -16.03 -1.29
N ALA F 639 -48.89 -16.48 -2.32
CA ALA F 639 -48.47 -15.61 -3.39
C ALA F 639 -49.55 -15.35 -4.44
N GLU F 640 -50.54 -16.23 -4.53
CA GLU F 640 -51.58 -16.07 -5.56
C GLU F 640 -52.43 -14.84 -5.30
N ASN F 641 -52.78 -14.57 -4.04
CA ASN F 641 -53.68 -13.48 -3.70
C ASN F 641 -52.99 -12.13 -3.62
N ASN F 642 -51.67 -12.07 -3.79
CA ASN F 642 -50.96 -10.80 -3.73
C ASN F 642 -51.25 -9.96 -4.97
N ASP F 643 -51.55 -8.68 -4.75
CA ASP F 643 -51.83 -7.77 -5.85
C ASP F 643 -50.56 -7.22 -6.49
N ALA F 644 -49.41 -7.38 -5.83
CA ALA F 644 -48.15 -6.90 -6.39
C ALA F 644 -47.69 -7.70 -7.60
N TYR F 645 -48.31 -8.85 -7.86
CA TYR F 645 -47.96 -9.71 -8.98
C TYR F 645 -49.10 -9.71 -10.00
N ASP F 646 -48.88 -10.45 -11.09
CA ASP F 646 -49.93 -10.69 -12.07
C ASP F 646 -50.06 -12.15 -12.48
N LYS F 647 -49.03 -12.98 -12.32
CA LYS F 647 -49.09 -14.38 -12.66
C LYS F 647 -48.10 -15.13 -11.78
N VAL F 648 -48.39 -16.40 -11.52
CA VAL F 648 -47.55 -17.24 -10.68
C VAL F 648 -47.26 -18.52 -11.46
N LYS F 649 -45.99 -18.90 -11.52
CA LYS F 649 -45.56 -20.13 -12.19
C LYS F 649 -44.76 -20.98 -11.20
N LEU F 650 -44.76 -22.29 -11.46
CA LEU F 650 -44.10 -23.22 -10.56
C LEU F 650 -42.60 -22.97 -10.54
N LEU F 651 -42.06 -22.79 -9.33
CA LEU F 651 -40.63 -22.53 -9.18
C LEU F 651 -39.83 -23.78 -9.53
N ASP F 652 -38.73 -23.58 -10.24
CA ASP F 652 -37.84 -24.66 -10.62
C ASP F 652 -36.61 -24.67 -9.73
N GLU F 653 -36.19 -25.87 -9.34
CA GLU F 653 -35.04 -26.04 -8.45
C GLU F 653 -33.72 -26.18 -9.20
N GLY F 654 -33.70 -27.02 -10.24
CA GLY F 654 -32.50 -27.21 -11.04
C GLY F 654 -32.28 -26.19 -12.13
N LEU F 655 -33.17 -25.20 -12.24
CA LEU F 655 -33.00 -24.17 -13.27
C LEU F 655 -31.74 -23.37 -13.03
N ASP F 656 -31.46 -23.00 -11.78
CA ASP F 656 -30.21 -22.31 -11.48
C ASP F 656 -29.01 -23.21 -11.76
N GLY F 657 -29.16 -24.51 -11.54
CA GLY F 657 -28.08 -25.43 -11.85
C GLY F 657 -27.78 -25.50 -13.34
N LYS F 658 -28.82 -25.51 -14.17
CA LYS F 658 -28.64 -25.58 -15.61
C LYS F 658 -28.45 -24.22 -16.25
N ILE F 659 -28.54 -23.14 -15.46
CA ILE F 659 -28.12 -21.81 -15.91
C ILE F 659 -26.66 -21.54 -15.57
N GLN F 660 -26.23 -21.97 -14.38
CA GLN F 660 -24.85 -21.73 -13.96
C GLN F 660 -23.84 -22.56 -14.74
N ASN F 661 -24.27 -23.60 -15.44
CA ASN F 661 -23.39 -24.39 -16.28
C ASN F 661 -23.45 -23.94 -17.75
N ASN F 662 -24.07 -22.79 -18.02
CA ASN F 662 -24.08 -22.17 -19.34
C ASN F 662 -24.81 -23.03 -20.38
N ARG F 663 -25.84 -23.77 -19.96
CA ARG F 663 -26.66 -24.49 -20.92
C ARG F 663 -27.49 -23.52 -21.76
N TYR F 664 -27.93 -22.41 -21.18
CA TYR F 664 -28.80 -21.45 -21.85
C TYR F 664 -28.01 -20.30 -22.46
N ARG F 665 -26.76 -20.55 -22.84
CA ARG F 665 -25.86 -19.48 -23.23
C ARG F 665 -26.04 -19.08 -24.69
N PHE F 666 -25.80 -20.02 -25.62
CA PHE F 666 -25.78 -19.67 -27.03
C PHE F 666 -27.18 -19.42 -27.57
N ALA F 667 -28.19 -20.11 -27.05
CA ALA F 667 -29.56 -19.81 -27.46
C ALA F 667 -29.95 -18.39 -27.08
N PHE F 668 -29.63 -17.97 -25.85
CA PHE F 668 -29.92 -16.60 -25.43
C PHE F 668 -29.11 -15.61 -26.24
N LEU F 669 -27.85 -15.95 -26.57
CA LEU F 669 -27.04 -15.06 -27.40
C LEU F 669 -27.64 -14.88 -28.78
N TYR F 670 -28.12 -15.97 -29.38
CA TYR F 670 -28.79 -15.89 -30.67
C TYR F 670 -30.04 -15.03 -30.57
N LEU F 671 -30.82 -15.21 -29.50
CA LEU F 671 -32.03 -14.41 -29.34
C LEU F 671 -31.71 -12.94 -29.18
N LEU F 672 -30.66 -12.62 -28.42
CA LEU F 672 -30.23 -11.23 -28.26
C LEU F 672 -29.78 -10.64 -29.58
N VAL F 673 -29.04 -11.40 -30.38
CA VAL F 673 -28.57 -10.92 -31.67
C VAL F 673 -29.76 -10.65 -32.59
N LYS F 674 -30.74 -11.55 -32.60
CA LYS F 674 -31.94 -11.32 -33.40
C LYS F 674 -32.69 -10.07 -32.95
N TRP F 675 -32.81 -9.89 -31.62
CA TRP F 675 -33.48 -8.70 -31.10
C TRP F 675 -32.75 -7.43 -31.51
N TYR F 676 -31.42 -7.44 -31.46
CA TYR F 676 -30.66 -6.26 -31.85
C TYR F 676 -30.82 -5.98 -33.33
N LYS F 677 -30.76 -7.03 -34.16
CA LYS F 677 -30.96 -6.86 -35.59
C LYS F 677 -32.35 -6.34 -35.91
N LYS F 678 -33.35 -6.67 -35.11
CA LYS F 678 -34.71 -6.18 -35.33
C LYS F 678 -34.97 -4.81 -34.75
N TYR F 679 -34.22 -4.38 -33.73
CA TYR F 679 -34.54 -3.18 -33.00
C TYR F 679 -33.47 -2.08 -33.06
N HIS F 680 -32.19 -2.44 -33.13
CA HIS F 680 -31.12 -1.45 -33.05
C HIS F 680 -30.30 -1.36 -34.33
N ILE F 681 -30.78 -1.89 -35.46
CA ILE F 681 -29.97 -1.89 -36.68
C ILE F 681 -29.70 -0.48 -37.21
N PRO F 682 -30.69 0.46 -37.30
CA PRO F 682 -30.36 1.75 -37.93
C PRO F 682 -29.37 2.56 -37.09
N ILE F 683 -29.75 2.85 -35.84
CA ILE F 683 -28.89 3.52 -34.86
C ILE F 683 -29.18 2.90 -33.51
N MET F 684 -28.28 3.16 -32.56
CA MET F 684 -28.45 2.72 -31.18
C MET F 684 -28.83 3.90 -30.30
N LYS F 685 -30.00 3.82 -29.66
CA LYS F 685 -30.44 4.85 -28.75
C LYS F 685 -31.42 4.23 -27.76
N LEU F 686 -31.52 4.85 -26.58
CA LEU F 686 -32.41 4.40 -25.52
C LEU F 686 -33.35 5.52 -25.12
N TYR F 687 -34.49 5.14 -24.55
CA TYR F 687 -35.53 6.08 -24.20
C TYR F 687 -35.90 5.93 -22.73
N PRO F 688 -36.33 7.02 -22.09
CA PRO F 688 -36.76 6.95 -20.69
C PRO F 688 -38.25 6.70 -20.56
N THR F 689 -38.63 6.12 -19.41
CA THR F 689 -40.02 5.83 -19.08
C THR F 689 -40.31 6.40 -17.69
N PRO F 690 -40.61 7.71 -17.61
CA PRO F 690 -40.79 8.35 -16.30
C PRO F 690 -42.16 8.18 -15.67
N GLU F 691 -42.99 7.27 -16.18
CA GLU F 691 -44.38 7.18 -15.71
C GLU F 691 -44.59 6.17 -14.60
N GLU F 692 -43.54 5.54 -14.07
CA GLU F 692 -43.69 4.45 -13.12
C GLU F 692 -43.03 4.71 -11.77
N ILE F 693 -42.97 5.98 -11.36
CA ILE F 693 -42.49 6.33 -10.03
C ILE F 693 -43.44 7.34 -9.42
N PRO F 694 -43.84 7.18 -8.15
CA PRO F 694 -44.85 8.10 -7.58
C PRO F 694 -44.44 9.56 -7.59
N ASP F 695 -43.26 9.87 -7.07
CA ASP F 695 -42.79 11.26 -7.09
C ASP F 695 -42.49 11.73 -8.51
N PHE F 696 -41.97 10.85 -9.36
CA PHE F 696 -41.77 11.21 -10.76
C PHE F 696 -43.10 11.53 -11.43
N ALA F 697 -44.14 10.73 -11.17
CA ALA F 697 -45.45 10.99 -11.74
C ALA F 697 -46.04 12.29 -11.19
N PHE F 698 -45.83 12.56 -9.90
CA PHE F 698 -46.29 13.81 -9.32
C PHE F 698 -45.61 15.01 -9.96
N TYR F 699 -44.32 14.88 -10.28
CA TYR F 699 -43.61 15.98 -10.93
C TYR F 699 -44.07 16.22 -12.35
N LEU F 700 -44.76 15.26 -12.96
CA LEU F 700 -45.29 15.44 -14.32
C LEU F 700 -46.40 16.49 -14.34
#